data_7NXD
#
_entry.id   7NXD
#
loop_
_entity.id
_entity.type
_entity.pdbx_description
1 polymer 'Integrin alpha-5'
2 polymer 'Integrin beta-1'
3 branched beta-D-mannopyranose-(1-4)-2-acetamido-2-deoxy-beta-D-glucopyranose-(1-4)-2-acetamido-2-deoxy-beta-D-glucopyranose
4 branched alpha-D-mannopyranose-(1-3)-beta-D-mannopyranose-(1-4)-2-acetamido-2-deoxy-beta-D-glucopyranose-(1-4)-2-acetamido-2-deoxy-beta-D-glucopyranose
5 branched 2-acetamido-2-deoxy-beta-D-glucopyranose-(1-4)-2-acetamido-2-deoxy-beta-D-glucopyranose
6 branched 2-acetamido-2-deoxy-beta-D-glucopyranose-(1-2)-alpha-D-mannopyranose-(1-6)-[alpha-D-mannopyranose-(1-3)]beta-D-mannopyranose-(1-4)-2-acetamido-2-deoxy-beta-D-glucopyranose-(1-4)-2-acetamido-2-deoxy-beta-D-glucopyranose
7 non-polymer 'CALCIUM ION'
8 non-polymer 2-acetamido-2-deoxy-beta-D-glucopyranose
9 non-polymer 'MAGNESIUM ION'
#
loop_
_entity_poly.entity_id
_entity_poly.type
_entity_poly.pdbx_seq_one_letter_code
_entity_poly.pdbx_strand_id
1 'polypeptide(L)'
;FNLDAEAPAVLSGPPGSFFGFSVEFYRPGTDGVSVLVGAPKANTSQPGVLQGGAVYLCPWGASPTQCTPIEFDSKGSRLL
ESSLSSSEGEEPVEYKSLQWFGATVRAHGSSILACAPLYSWRTEKEPLSDPVGTCYLSTDNFTRILEYAPCRSDFSWAAG
QGYCQGGFSAEFTKTGRVVLGGPGSYFWQGQILSATQEQIAESYYPEYLINLVQGQLQTRQASSIYDDSYLGYSVAVGEF
SGDDTEDFVAGVPKGNLTYGYVTILNGSDIRSLYNFSGEQMASYFGYAVAATDVNGDGLDDLLVGAPLLMDRTPDGRPQE
VGRVYVYLQHPAGIEPTPTLTLTGHDEFGRFGSSLTPLGDLDQDGYNDVAIGAPFGGETQQGVVFVFPGGPGGLGSKPSQ
VLQPLWAASHTPDFFGSALRGGRDLDGNGYPDLIVGSFGVDKAVVYRGRPIVSASASLTIFPAMFNPEERSCSLEGNPVA
CINLSFCLNASGKHVADSIGFTVELQLDWQKQKGGVRRALFLASRQATLTQTLLIQNGAREDCREMKIYLRNESEFRDKL
SPIHIALNFSLDPQAPVDSHGLRPALHYQSKSRIEDKAQILLDCGEDNICVPDLQLEVFGEQNHVYLGDKNALNLTFHAQ
NVGEGGAYEAELRVTAPPEAEYSGLVRHPGNFSSLSCDYFAVNQSRLLVCDLGNPMKAGASLWGGLRFTVPHLRDTKKTI
QFDFQILSKNLNNSQSDVVSFRLSVEAQAQVTLNGVSKPEAVLFPVSDWHPRDQPQKEEDLGPAVHHVYELINQGPSSIS
QGVLELSCPQALEGQQLLYVTRVTGLNCTTNHPINPKGLELDPEGSLHHQQKREAPSRSSASSGPQILKCPEAECFRLRC
ELGPLHQQESQSLQLHFRVWAKTFLQREHQPFSLQCEAVYKALKMPYRILPRQLPQKERQVATAVQWTKAEGSYGVPLWI
IILAILFGLLLLGLLIYILYKLGFFKRSLPYGTAMEKAQLKPPATSDA
;
A
2 'polypeptide(L)'
;QTDENRCLKANAKSCGECIQAGPNCGWCTNSTFLQEGMPTSARCDDLEALKKKGCPPDDIENPRGSKDIKKNKNVTNRSK
GTAEKLKPEDIHQIQPQQLVLRLRSGEPQTFTLKFKRAEDYPIDLYYLMDLSYSMKDDLENVKSLGTDLMNEMRRITSDF
RIGFGSFVEKTVMPYISTTPAKLRNPCTSEQNCTTPFSYKNVLSLTNKGEVFNELVGKQRISGNLDSPEGGFDAIMQVAV
CGSLIGWRNVTRLLVFSTDAGFHFAGDGKLGGIVLPNDGQCHLENNMYTMSHYYDYPSIAHLVQKLSENNIQTIFAVTEE
FQPVYKELKNLIPKSAVGTLSANSSNVIQLIIDAYNSLSSEVILENGKLSEGVTISYKSYCKNGVNGTGENGRKCSNISI
GDEVQFEISITSNKCPKKDSDSFKIRPLGFTEEVEVILQYICECECQSEGIPESPKCHEGNGTFECGACRCNEGRVGRHC
ECSTDEVNSEDMDAYCRKENSSEICSNNGECVCGQCVCRKRDNTNEIYSGKFCECDNFNCDRSNGLICGGNGVCKCRVCE
CNPNYTGSACDCSLDTSTCEASNGQICNGRGICECGVCKCTDPKFQGQTCEMCQTCLGVCAEHKECVQCRAFNKGEKKDT
CTQECSYFNITKVESRDKLPQPVQPDPVSHCKEKDVDDCWFYFTYSVNGNNEVMVHVVENPECPTGPDIIPIVAGVVAGI
VLIGLALLLIWKLLMIIHDRREFAKFEKEKMNAKWDTGENPIYKSAVTTVVNPKYEGK
;
B
#
loop_
_chem_comp.id
_chem_comp.type
_chem_comp.name
_chem_comp.formula
BMA D-saccharide, beta linking beta-D-mannopyranose 'C6 H12 O6'
CA non-polymer 'CALCIUM ION' 'Ca 2'
MAN D-saccharide, alpha linking alpha-D-mannopyranose 'C6 H12 O6'
MG non-polymer 'MAGNESIUM ION' 'Mg 2'
NAG D-saccharide, beta linking 2-acetamido-2-deoxy-beta-D-glucopyranose 'C8 H15 N O6'
#
# COMPACT_ATOMS: atom_id res chain seq x y z
N PHE A 1 7.45 15.80 -19.69
CA PHE A 1 6.82 17.12 -19.96
C PHE A 1 7.66 17.91 -20.98
N ASN A 2 8.88 17.41 -21.24
CA ASN A 2 9.84 18.03 -22.18
C ASN A 2 9.27 18.02 -23.60
N LEU A 3 8.60 16.93 -23.99
CA LEU A 3 8.07 16.82 -25.37
C LEU A 3 7.12 17.99 -25.65
N ASP A 4 7.26 18.62 -26.82
CA ASP A 4 6.41 19.77 -27.21
C ASP A 4 5.11 19.24 -27.84
N ALA A 5 4.24 18.64 -27.02
CA ALA A 5 2.96 18.09 -27.50
C ALA A 5 2.10 19.24 -28.07
N GLU A 6 2.12 20.38 -27.40
CA GLU A 6 1.31 21.55 -27.84
C GLU A 6 1.41 21.75 -29.36
N ALA A 7 2.60 21.61 -29.94
CA ALA A 7 2.73 21.81 -31.40
C ALA A 7 3.49 20.64 -32.05
N PRO A 8 2.90 19.43 -32.10
CA PRO A 8 3.55 18.28 -32.74
C PRO A 8 3.49 18.41 -34.27
N ALA A 9 4.57 18.03 -34.96
CA ALA A 9 4.60 18.09 -36.44
C ALA A 9 3.58 17.10 -37.02
N VAL A 10 2.86 17.49 -38.06
CA VAL A 10 1.85 16.58 -38.67
C VAL A 10 2.26 16.19 -40.10
N LEU A 11 2.21 14.89 -40.41
CA LEU A 11 2.57 14.36 -41.75
C LEU A 11 1.29 13.95 -42.48
N SER A 12 1.13 14.41 -43.73
CA SER A 12 -0.11 14.15 -44.52
C SER A 12 0.07 12.97 -45.47
N GLY A 13 -0.90 12.05 -45.44
CA GLY A 13 -0.90 10.85 -46.32
C GLY A 13 -2.26 10.69 -46.98
N PRO A 14 -2.37 9.98 -48.13
CA PRO A 14 -3.66 9.81 -48.81
C PRO A 14 -4.67 9.04 -47.95
N PRO A 15 -5.96 9.44 -47.92
CA PRO A 15 -6.97 8.77 -47.10
C PRO A 15 -7.20 7.32 -47.57
N GLY A 16 -7.39 6.41 -46.61
CA GLY A 16 -7.64 4.99 -46.92
C GLY A 16 -6.37 4.22 -47.21
N SER A 17 -5.23 4.92 -47.17
CA SER A 17 -3.90 4.28 -47.42
C SER A 17 -3.31 3.76 -46.11
N PHE A 18 -4.01 3.99 -44.99
CA PHE A 18 -3.57 3.57 -43.64
C PHE A 18 -2.21 4.19 -43.30
N PHE A 19 -2.03 5.46 -43.67
CA PHE A 19 -0.78 6.21 -43.42
C PHE A 19 -0.59 6.37 -41.91
N GLY A 20 0.64 6.16 -41.43
CA GLY A 20 0.97 6.24 -39.99
C GLY A 20 0.90 4.90 -39.30
N PHE A 21 0.67 3.82 -40.05
CA PHE A 21 0.62 2.45 -39.46
C PHE A 21 1.96 2.17 -38.77
N SER A 22 3.06 2.27 -39.52
CA SER A 22 4.43 2.04 -38.97
C SER A 22 5.32 3.25 -39.26
N VAL A 23 5.93 3.83 -38.23
CA VAL A 23 6.83 5.02 -38.44
C VAL A 23 8.15 4.76 -37.72
N GLU A 24 9.27 4.95 -38.43
CA GLU A 24 10.62 4.76 -37.82
C GLU A 24 11.59 5.81 -38.37
N PHE A 25 12.72 6.02 -37.69
CA PHE A 25 13.75 7.00 -38.10
C PHE A 25 14.90 6.25 -38.79
N TYR A 26 15.29 6.70 -39.99
CA TYR A 26 16.38 6.05 -40.76
C TYR A 26 17.53 7.03 -40.99
N ARG A 27 18.76 6.60 -40.69
CA ARG A 27 19.98 7.42 -40.87
C ARG A 27 19.81 8.77 -40.16
N PRO A 28 19.42 8.80 -38.86
CA PRO A 28 19.24 10.06 -38.13
C PRO A 28 20.60 10.75 -37.90
N GLY A 29 20.62 12.09 -38.02
CA GLY A 29 21.87 12.86 -37.82
C GLY A 29 22.69 12.94 -39.09
N THR A 30 23.97 13.28 -38.97
CA THR A 30 24.91 13.42 -40.11
C THR A 30 24.44 14.48 -41.11
N ASP A 31 24.47 14.14 -42.41
CA ASP A 31 24.06 15.08 -43.49
C ASP A 31 22.62 15.55 -43.26
N GLY A 32 21.65 14.65 -43.44
CA GLY A 32 20.23 15.00 -43.27
C GLY A 32 19.48 13.95 -42.47
N VAL A 33 18.37 14.35 -41.85
CA VAL A 33 17.51 13.43 -41.04
C VAL A 33 16.13 13.39 -41.71
N SER A 34 15.59 12.19 -41.96
CA SER A 34 14.28 12.07 -42.64
C SER A 34 13.35 11.12 -41.87
N VAL A 35 12.03 11.28 -42.07
CA VAL A 35 10.99 10.45 -41.38
C VAL A 35 10.32 9.55 -42.43
N LEU A 36 10.24 8.25 -42.14
CA LEU A 36 9.62 7.25 -43.06
C LEU A 36 8.28 6.80 -42.47
N VAL A 37 7.22 6.84 -43.27
CA VAL A 37 5.85 6.42 -42.80
C VAL A 37 5.34 5.28 -43.69
N GLY A 38 4.86 4.20 -43.08
CA GLY A 38 4.35 3.02 -43.81
C GLY A 38 2.98 3.28 -44.43
N ALA A 39 2.78 2.85 -45.68
CA ALA A 39 1.50 3.04 -46.40
C ALA A 39 1.07 1.68 -46.98
N PRO A 40 0.63 0.71 -46.15
CA PRO A 40 0.27 -0.64 -46.64
C PRO A 40 -0.89 -0.75 -47.65
N LYS A 41 -2.01 -0.07 -47.39
CA LYS A 41 -3.18 -0.08 -48.30
C LYS A 41 -3.04 1.06 -49.31
N ALA A 42 -1.90 1.76 -49.23
CA ALA A 42 -1.54 2.92 -50.09
C ALA A 42 -1.63 2.46 -51.54
N ASN A 43 -2.28 3.27 -52.40
CA ASN A 43 -2.42 2.92 -53.85
C ASN A 43 -1.06 3.04 -54.54
N THR A 44 -0.65 2.01 -55.27
CA THR A 44 0.66 2.02 -55.96
C THR A 44 0.47 2.18 -57.48
N SER A 45 1.50 2.64 -58.19
CA SER A 45 1.44 2.83 -59.66
C SER A 45 1.80 1.52 -60.37
N GLN A 46 2.28 0.52 -59.61
CA GLN A 46 2.66 -0.79 -60.18
C GLN A 46 1.52 -1.32 -61.04
N PRO A 47 1.76 -1.73 -62.31
CA PRO A 47 0.71 -2.23 -63.19
C PRO A 47 0.11 -3.56 -62.73
N GLY A 48 -1.22 -3.62 -62.61
CA GLY A 48 -1.93 -4.84 -62.16
C GLY A 48 -1.91 -5.01 -60.66
N VAL A 49 -1.47 -3.99 -59.92
CA VAL A 49 -1.39 -4.06 -58.43
C VAL A 49 -2.40 -3.08 -57.83
N LEU A 50 -3.26 -3.57 -56.93
CA LEU A 50 -4.29 -2.74 -56.26
C LEU A 50 -4.03 -2.74 -54.74
N GLN A 51 -3.92 -1.55 -54.15
CA GLN A 51 -3.68 -1.40 -52.68
C GLN A 51 -2.41 -2.14 -52.26
N GLY A 52 -1.35 -2.08 -53.08
CA GLY A 52 -0.08 -2.74 -52.79
C GLY A 52 0.57 -2.17 -51.54
N GLY A 53 0.51 -0.85 -51.37
CA GLY A 53 1.11 -0.15 -50.23
C GLY A 53 2.51 0.36 -50.56
N ALA A 54 2.93 1.44 -49.90
CA ALA A 54 4.27 2.03 -50.16
C ALA A 54 4.80 2.70 -48.88
N VAL A 55 6.09 3.02 -48.86
CA VAL A 55 6.72 3.72 -47.69
C VAL A 55 6.99 5.16 -48.11
N TYR A 56 6.49 6.12 -47.34
CA TYR A 56 6.68 7.56 -47.69
C TYR A 56 7.72 8.19 -46.76
N LEU A 57 8.72 8.81 -47.39
CA LEU A 57 9.86 9.54 -46.79
C LEU A 57 9.59 11.04 -46.89
N CYS A 58 9.80 11.77 -45.78
CA CYS A 58 9.55 13.25 -45.78
C CYS A 58 10.81 13.97 -45.29
N PRO A 59 11.57 14.66 -46.17
CA PRO A 59 12.79 15.36 -45.76
C PRO A 59 12.48 16.43 -44.71
N TRP A 60 13.23 16.43 -43.60
CA TRP A 60 13.01 17.42 -42.51
C TRP A 60 13.09 18.85 -43.08
N GLY A 61 11.98 19.59 -42.96
CA GLY A 61 11.89 20.98 -43.45
C GLY A 61 11.12 21.83 -42.45
N ALA A 62 11.47 23.11 -42.32
CA ALA A 62 10.73 23.95 -41.35
C ALA A 62 9.24 23.57 -41.40
N SER A 63 8.70 23.37 -42.61
CA SER A 63 7.30 22.95 -42.79
C SER A 63 7.27 21.66 -43.62
N PRO A 64 6.63 20.56 -43.15
CA PRO A 64 6.59 19.31 -43.90
C PRO A 64 5.43 19.32 -44.91
N THR A 65 5.53 20.16 -45.95
CA THR A 65 4.47 20.26 -46.98
C THR A 65 4.77 19.31 -48.15
N GLN A 66 5.92 18.63 -48.12
CA GLN A 66 6.31 17.71 -49.22
C GLN A 66 6.65 16.32 -48.67
N CYS A 67 5.98 15.29 -49.18
CA CYS A 67 6.23 13.88 -48.77
C CYS A 67 6.19 12.98 -50.01
N THR A 68 7.30 12.28 -50.28
CA THR A 68 7.49 11.42 -51.47
C THR A 68 7.54 9.95 -51.04
N PRO A 69 6.70 9.06 -51.58
CA PRO A 69 6.73 7.64 -51.23
C PRO A 69 7.96 6.93 -51.82
N ILE A 70 8.56 6.01 -51.07
CA ILE A 70 9.77 5.27 -51.55
C ILE A 70 9.34 4.33 -52.69
N GLU A 71 10.11 4.31 -53.78
CA GLU A 71 9.82 3.43 -54.94
C GLU A 71 10.47 2.06 -54.71
N PHE A 72 9.93 1.28 -53.75
CA PHE A 72 10.49 -0.06 -53.43
C PHE A 72 10.34 -1.00 -54.64
N ASP A 73 9.17 -0.98 -55.28
CA ASP A 73 8.91 -1.86 -56.46
C ASP A 73 8.52 -1.00 -57.66
N SER A 74 9.35 -1.01 -58.72
CA SER A 74 9.09 -0.24 -59.96
C SER A 74 8.59 -1.18 -61.06
N LYS A 75 8.37 -2.46 -60.74
CA LYS A 75 7.92 -3.45 -61.76
C LYS A 75 6.72 -4.25 -61.27
N GLY A 76 5.94 -4.80 -62.20
CA GLY A 76 4.75 -5.62 -61.91
C GLY A 76 5.12 -7.03 -61.47
N SER A 77 4.15 -7.76 -60.91
CA SER A 77 4.41 -9.15 -60.43
C SER A 77 4.88 -10.01 -61.61
N ARG A 78 5.91 -10.83 -61.39
CA ARG A 78 6.51 -11.70 -62.44
C ARG A 78 5.51 -12.80 -62.85
N LEU A 79 5.42 -13.05 -64.16
CA LEU A 79 4.56 -14.12 -64.74
C LEU A 79 5.46 -15.02 -65.60
N LEU A 80 5.48 -16.34 -65.40
CA LEU A 80 6.45 -17.09 -66.28
C LEU A 80 5.80 -17.51 -67.60
N GLU A 81 6.39 -17.06 -68.71
CA GLU A 81 5.90 -17.29 -70.10
C GLU A 81 5.97 -18.77 -70.49
N SER A 82 6.98 -19.52 -70.02
CA SER A 82 7.10 -20.93 -70.46
C SER A 82 5.85 -21.72 -70.06
N SER A 83 5.39 -21.57 -68.81
CA SER A 83 4.14 -22.24 -68.36
C SER A 83 2.96 -21.61 -69.11
N LEU A 84 3.02 -20.29 -69.29
CA LEU A 84 1.95 -19.50 -69.97
C LEU A 84 1.79 -19.97 -71.41
N SER A 85 2.90 -20.29 -72.10
CA SER A 85 2.79 -20.77 -73.51
C SER A 85 2.01 -22.09 -73.54
N SER A 86 2.30 -23.00 -72.61
CA SER A 86 1.64 -24.32 -72.51
C SER A 86 0.14 -24.14 -72.17
N SER A 87 -0.16 -23.22 -71.26
CA SER A 87 -1.54 -22.94 -70.77
C SER A 87 -2.28 -21.95 -71.69
N GLU A 88 -3.48 -21.54 -71.28
CA GLU A 88 -4.28 -20.56 -72.06
C GLU A 88 -4.05 -19.16 -71.48
N GLY A 89 -3.20 -18.35 -72.14
CA GLY A 89 -2.90 -16.98 -71.68
C GLY A 89 -1.78 -16.91 -70.66
N GLU A 90 -2.00 -16.19 -69.57
CA GLU A 90 -0.99 -16.01 -68.50
C GLU A 90 -1.71 -15.83 -67.15
N GLU A 91 -1.24 -16.52 -66.10
CA GLU A 91 -1.84 -16.46 -64.75
C GLU A 91 -0.83 -15.85 -63.77
N PRO A 92 -1.23 -14.99 -62.82
CA PRO A 92 -0.27 -14.40 -61.88
C PRO A 92 0.44 -15.44 -61.01
N VAL A 93 1.77 -15.52 -61.12
CA VAL A 93 2.57 -16.47 -60.29
C VAL A 93 2.39 -16.05 -58.83
N GLU A 94 2.42 -14.74 -58.59
CA GLU A 94 2.23 -14.15 -57.24
C GLU A 94 1.27 -12.96 -57.38
N TYR A 95 0.57 -12.59 -56.29
CA TYR A 95 -0.39 -11.46 -56.37
C TYR A 95 0.13 -10.27 -55.55
N LYS A 96 0.28 -9.11 -56.19
CA LYS A 96 0.76 -7.90 -55.48
C LYS A 96 -0.45 -7.17 -54.88
N SER A 97 -1.66 -7.59 -55.27
CA SER A 97 -2.92 -6.99 -54.72
C SER A 97 -3.02 -7.31 -53.23
N LEU A 98 -3.43 -6.32 -52.43
CA LEU A 98 -3.60 -6.48 -50.96
C LEU A 98 -2.30 -7.00 -50.33
N GLN A 99 -1.15 -6.49 -50.80
CA GLN A 99 0.17 -6.91 -50.26
C GLN A 99 0.38 -6.31 -48.87
N TRP A 100 -0.27 -5.18 -48.60
CA TRP A 100 -0.10 -4.44 -47.32
C TRP A 100 1.38 -4.09 -47.13
N PHE A 101 2.08 -3.75 -48.22
CA PHE A 101 3.51 -3.35 -48.12
C PHE A 101 3.60 -2.08 -47.26
N GLY A 102 4.62 -1.97 -46.41
CA GLY A 102 4.72 -0.82 -45.53
C GLY A 102 4.07 -1.09 -44.20
N ALA A 103 3.55 -2.30 -44.02
CA ALA A 103 2.94 -2.66 -42.75
C ALA A 103 3.99 -2.63 -41.66
N THR A 104 5.25 -2.86 -42.05
CA THR A 104 6.39 -2.75 -41.16
C THR A 104 7.48 -1.96 -41.85
N VAL A 105 8.06 -0.99 -41.14
CA VAL A 105 9.16 -0.14 -41.69
C VAL A 105 10.32 -0.09 -40.70
N ARG A 106 11.47 -0.66 -41.07
CA ARG A 106 12.68 -0.68 -40.21
C ARG A 106 13.86 -0.06 -40.97
N ALA A 107 14.61 0.83 -40.32
CA ALA A 107 15.75 1.49 -40.99
C ALA A 107 16.99 1.53 -40.09
N HIS A 108 18.09 0.96 -40.58
CA HIS A 108 19.40 0.95 -39.87
C HIS A 108 20.41 1.66 -40.77
N GLY A 109 21.07 2.71 -40.27
CA GLY A 109 22.03 3.46 -41.12
C GLY A 109 21.36 3.94 -42.40
N SER A 110 21.93 3.57 -43.55
CA SER A 110 21.37 3.98 -44.87
C SER A 110 20.50 2.84 -45.43
N SER A 111 20.30 1.78 -44.64
CA SER A 111 19.48 0.62 -45.08
C SER A 111 18.06 0.69 -44.51
N ILE A 112 17.06 0.58 -45.39
CA ILE A 112 15.62 0.65 -44.98
C ILE A 112 14.91 -0.63 -45.45
N LEU A 113 14.20 -1.30 -44.55
CA LEU A 113 13.47 -2.56 -44.89
C LEU A 113 11.96 -2.32 -44.76
N ALA A 114 11.22 -2.52 -45.86
CA ALA A 114 9.75 -2.36 -45.89
C ALA A 114 9.13 -3.69 -46.31
N CYS A 115 8.42 -4.34 -45.39
CA CYS A 115 7.85 -5.69 -45.65
C CYS A 115 6.34 -5.72 -45.44
N ALA A 116 5.60 -6.28 -46.39
CA ALA A 116 4.14 -6.47 -46.21
C ALA A 116 3.85 -7.98 -46.14
N PRO A 117 3.34 -8.50 -45.01
CA PRO A 117 3.06 -9.93 -44.86
C PRO A 117 1.94 -10.50 -45.75
N LEU A 118 0.84 -9.76 -45.91
CA LEU A 118 -0.35 -10.24 -46.68
C LEU A 118 0.05 -10.73 -48.09
N TYR A 119 1.11 -10.14 -48.67
CA TYR A 119 1.60 -10.53 -50.01
C TYR A 119 1.91 -12.03 -50.03
N SER A 120 1.45 -12.69 -51.10
CA SER A 120 1.55 -14.16 -51.33
C SER A 120 2.20 -14.47 -52.69
N TRP A 121 2.55 -15.74 -52.91
CA TRP A 121 3.02 -16.17 -54.26
C TRP A 121 2.32 -17.47 -54.65
N ARG A 122 1.71 -17.51 -55.84
CA ARG A 122 1.11 -18.77 -56.34
C ARG A 122 2.23 -19.70 -56.84
N THR A 123 2.15 -20.99 -56.54
CA THR A 123 3.18 -21.97 -56.99
C THR A 123 3.12 -22.05 -58.52
N GLU A 124 4.29 -22.06 -59.18
CA GLU A 124 4.35 -22.12 -60.66
C GLU A 124 3.80 -23.46 -61.17
N LYS A 125 4.25 -24.58 -60.60
CA LYS A 125 3.84 -25.94 -61.05
C LYS A 125 2.34 -26.13 -60.83
N GLU A 126 1.80 -25.71 -59.69
CA GLU A 126 0.36 -25.86 -59.39
C GLU A 126 -0.16 -24.62 -58.67
N PRO A 127 -1.49 -24.35 -58.63
CA PRO A 127 -2.01 -23.15 -57.98
C PRO A 127 -2.40 -23.39 -56.51
N LEU A 128 -1.66 -22.74 -55.60
CA LEU A 128 -1.91 -22.83 -54.13
C LEU A 128 -1.88 -21.41 -53.56
N SER A 129 -2.84 -21.07 -52.70
CA SER A 129 -2.88 -19.70 -52.10
C SER A 129 -2.34 -19.76 -50.66
N ASP A 130 -1.23 -19.07 -50.41
CA ASP A 130 -0.60 -19.03 -49.06
C ASP A 130 0.03 -17.65 -48.84
N PRO A 131 0.09 -17.13 -47.59
CA PRO A 131 0.70 -15.83 -47.33
C PRO A 131 2.22 -16.01 -47.14
N VAL A 132 2.99 -16.12 -48.22
CA VAL A 132 4.46 -16.34 -47.99
C VAL A 132 5.10 -15.10 -47.35
N GLY A 133 4.73 -13.89 -47.79
CA GLY A 133 5.32 -12.66 -47.21
C GLY A 133 6.57 -12.22 -47.94
N THR A 134 6.67 -10.92 -48.24
CA THR A 134 7.83 -10.32 -48.96
C THR A 134 8.45 -9.15 -48.19
N CYS A 135 9.55 -8.62 -48.73
CA CYS A 135 10.31 -7.47 -48.15
C CYS A 135 11.09 -6.77 -49.27
N TYR A 136 11.60 -5.57 -48.99
CA TYR A 136 12.45 -4.81 -49.95
C TYR A 136 13.61 -4.18 -49.18
N LEU A 137 14.85 -4.62 -49.46
CA LEU A 137 15.99 -4.08 -48.69
C LEU A 137 16.68 -2.95 -49.47
N SER A 138 16.85 -1.79 -48.82
CA SER A 138 17.52 -0.61 -49.43
C SER A 138 18.75 -0.25 -48.60
N THR A 139 19.91 -0.11 -49.24
CA THR A 139 21.18 0.25 -48.55
C THR A 139 21.96 1.25 -49.42
N ASP A 140 23.01 1.85 -48.85
CA ASP A 140 23.86 2.81 -49.61
C ASP A 140 23.01 3.90 -50.25
N ASN A 141 22.11 4.53 -49.48
CA ASN A 141 21.25 5.63 -50.02
C ASN A 141 20.48 5.11 -51.23
N PHE A 142 19.85 3.95 -51.09
CA PHE A 142 19.03 3.29 -52.15
C PHE A 142 19.87 3.02 -53.42
N THR A 143 21.11 2.55 -53.23
CA THR A 143 22.00 2.23 -54.38
C THR A 143 21.54 0.92 -55.03
N ARG A 144 21.39 -0.16 -54.24
CA ARG A 144 20.98 -1.47 -54.78
C ARG A 144 19.72 -1.98 -54.07
N ILE A 145 18.71 -2.35 -54.86
CA ILE A 145 17.41 -2.90 -54.35
C ILE A 145 17.51 -4.42 -54.32
N LEU A 146 17.23 -5.03 -53.16
CA LEU A 146 17.31 -6.50 -52.98
C LEU A 146 15.97 -7.03 -52.45
N GLU A 147 15.47 -8.13 -53.02
CA GLU A 147 14.20 -8.75 -52.58
C GLU A 147 14.52 -10.03 -51.80
N TYR A 148 14.04 -10.12 -50.55
CA TYR A 148 14.29 -11.29 -49.69
C TYR A 148 12.98 -11.98 -49.32
N ALA A 149 12.86 -13.26 -49.68
CA ALA A 149 11.66 -14.09 -49.40
C ALA A 149 12.10 -15.28 -48.52
N PRO A 150 12.39 -15.06 -47.22
CA PRO A 150 12.84 -16.13 -46.33
C PRO A 150 11.80 -17.24 -46.17
N CYS A 151 10.56 -16.86 -45.83
CA CYS A 151 9.45 -17.82 -45.61
C CYS A 151 9.15 -18.57 -46.92
N ARG A 152 9.59 -18.04 -48.06
CA ARG A 152 9.34 -18.73 -49.35
C ARG A 152 10.21 -20.00 -49.38
N SER A 153 9.61 -21.15 -49.70
CA SER A 153 10.34 -22.44 -49.73
C SER A 153 9.56 -23.45 -50.58
N ASP A 154 10.18 -24.60 -50.89
CA ASP A 154 9.52 -25.67 -51.67
C ASP A 154 8.31 -26.17 -50.89
N PHE A 155 8.46 -26.33 -49.56
CA PHE A 155 7.36 -26.78 -48.68
C PHE A 155 6.13 -25.92 -48.93
N SER A 156 5.00 -26.56 -49.26
CA SER A 156 3.73 -25.85 -49.56
C SER A 156 2.60 -26.36 -48.65
N TRP A 157 1.51 -25.58 -48.56
CA TRP A 157 0.27 -25.83 -47.76
C TRP A 157 0.52 -25.64 -46.25
N ALA A 158 -0.45 -26.04 -45.42
CA ALA A 158 -0.33 -25.90 -43.94
C ALA A 158 0.99 -26.47 -43.45
N ALA A 159 1.43 -27.59 -44.04
CA ALA A 159 2.68 -28.27 -43.62
C ALA A 159 3.90 -27.36 -43.81
N GLY A 160 3.96 -26.65 -44.94
CA GLY A 160 5.12 -25.77 -45.23
C GLY A 160 4.96 -24.37 -44.67
N GLN A 161 6.02 -23.55 -44.77
CA GLN A 161 6.00 -22.15 -44.28
C GLN A 161 5.38 -21.31 -45.40
N GLY A 162 4.16 -21.66 -45.82
CA GLY A 162 3.48 -20.99 -46.94
C GLY A 162 2.54 -19.88 -46.55
N TYR A 163 2.20 -19.74 -45.25
CA TYR A 163 1.32 -18.74 -44.59
C TYR A 163 2.14 -17.86 -43.63
N CYS A 164 3.43 -18.16 -43.60
CA CYS A 164 4.47 -17.53 -42.73
C CYS A 164 4.22 -16.04 -42.48
N GLN A 165 3.93 -15.28 -43.54
CA GLN A 165 3.76 -13.80 -43.50
C GLN A 165 5.05 -13.16 -42.96
N GLY A 166 6.21 -13.67 -43.40
CA GLY A 166 7.52 -13.16 -42.97
C GLY A 166 7.61 -11.65 -43.14
N GLY A 167 8.07 -10.95 -42.11
CA GLY A 167 8.14 -9.48 -42.20
C GLY A 167 6.94 -8.81 -41.55
N PHE A 168 6.06 -9.61 -40.95
CA PHE A 168 4.90 -9.06 -40.21
C PHE A 168 5.48 -8.18 -39.10
N SER A 169 6.44 -8.76 -38.37
CA SER A 169 7.21 -8.06 -37.31
C SER A 169 8.68 -8.16 -37.68
N ALA A 170 9.34 -7.01 -37.92
CA ALA A 170 10.76 -7.02 -38.35
C ALA A 170 11.57 -6.05 -37.50
N GLU A 171 12.76 -6.48 -37.06
CA GLU A 171 13.62 -5.61 -36.24
C GLU A 171 15.05 -5.73 -36.76
N PHE A 172 15.82 -4.64 -36.67
CA PHE A 172 17.23 -4.65 -37.12
C PHE A 172 18.10 -4.65 -35.87
N THR A 173 19.22 -5.38 -35.89
CA THR A 173 20.13 -5.34 -34.74
C THR A 173 21.07 -4.17 -34.90
N LYS A 174 21.89 -3.94 -33.88
CA LYS A 174 22.81 -2.82 -33.90
C LYS A 174 23.88 -2.97 -34.98
N THR A 175 24.02 -4.18 -35.53
CA THR A 175 24.98 -4.39 -36.61
C THR A 175 24.30 -4.34 -37.98
N GLY A 176 22.99 -4.06 -37.97
CA GLY A 176 22.21 -3.99 -39.22
C GLY A 176 21.66 -5.34 -39.63
N ARG A 177 21.85 -6.36 -38.78
CA ARG A 177 21.33 -7.72 -39.08
C ARG A 177 19.80 -7.64 -39.16
N VAL A 178 19.20 -8.35 -40.11
CA VAL A 178 17.72 -8.30 -40.31
C VAL A 178 17.06 -9.46 -39.53
N VAL A 179 16.01 -9.16 -38.76
CA VAL A 179 15.29 -10.25 -38.01
C VAL A 179 13.80 -10.21 -38.40
N LEU A 180 13.36 -11.17 -39.22
CA LEU A 180 11.95 -11.23 -39.69
C LEU A 180 11.24 -12.41 -39.01
N GLY A 181 10.18 -12.13 -38.25
CA GLY A 181 9.39 -13.18 -37.58
C GLY A 181 7.97 -13.25 -38.13
N GLY A 182 7.57 -14.41 -38.65
CA GLY A 182 6.22 -14.61 -39.22
C GLY A 182 5.39 -15.57 -38.38
N PRO A 183 4.11 -15.27 -38.07
CA PRO A 183 3.27 -16.15 -37.24
C PRO A 183 2.36 -17.14 -37.97
N GLY A 184 2.67 -17.50 -39.22
CA GLY A 184 1.76 -18.41 -39.95
C GLY A 184 2.41 -19.68 -40.49
N SER A 185 3.73 -19.84 -40.33
CA SER A 185 4.44 -21.04 -40.85
C SER A 185 4.14 -22.28 -40.00
N TYR A 186 4.31 -23.47 -40.58
CA TYR A 186 4.12 -24.76 -39.84
C TYR A 186 2.75 -24.81 -39.14
N PHE A 187 1.65 -24.73 -39.91
CA PHE A 187 0.26 -24.74 -39.36
C PHE A 187 0.09 -23.58 -38.36
N TRP A 188 0.61 -22.41 -38.74
CA TRP A 188 0.55 -21.15 -37.95
C TRP A 188 1.29 -21.30 -36.61
N GLN A 189 2.36 -22.11 -36.57
CA GLN A 189 3.15 -22.25 -35.32
C GLN A 189 3.98 -20.97 -35.17
N GLY A 190 4.53 -20.49 -36.29
CA GLY A 190 5.37 -19.28 -36.27
C GLY A 190 6.82 -19.62 -36.59
N GLN A 191 7.55 -18.66 -37.16
CA GLN A 191 8.98 -18.90 -37.53
C GLN A 191 9.73 -17.56 -37.55
N ILE A 192 10.86 -17.51 -36.84
CA ILE A 192 11.70 -16.27 -36.76
C ILE A 192 12.91 -16.48 -37.68
N LEU A 193 13.11 -15.62 -38.68
CA LEU A 193 14.25 -15.83 -39.61
C LEU A 193 15.16 -14.59 -39.58
N SER A 194 16.48 -14.81 -39.51
CA SER A 194 17.47 -13.70 -39.46
C SER A 194 18.65 -13.95 -40.41
N ALA A 195 19.08 -12.90 -41.12
CA ALA A 195 20.19 -12.96 -42.04
C ALA A 195 20.88 -11.61 -42.00
N THR A 196 22.18 -11.61 -42.28
CA THR A 196 22.99 -10.36 -42.37
C THR A 196 22.68 -9.67 -43.71
N GLN A 197 22.96 -8.38 -43.82
CA GLN A 197 22.67 -7.62 -45.07
C GLN A 197 23.51 -8.17 -46.22
N GLU A 198 24.80 -8.43 -45.98
CA GLU A 198 25.73 -8.94 -47.03
C GLU A 198 25.30 -10.34 -47.51
N GLN A 199 24.99 -11.24 -46.56
CA GLN A 199 24.63 -12.63 -46.90
C GLN A 199 23.33 -12.66 -47.72
N ILE A 200 22.32 -11.89 -47.30
CA ILE A 200 21.01 -11.87 -48.02
C ILE A 200 21.19 -11.38 -49.45
N ALA A 201 21.98 -10.30 -49.64
CA ALA A 201 22.19 -9.75 -51.00
C ALA A 201 22.92 -10.78 -51.88
N GLU A 202 23.97 -11.41 -51.35
CA GLU A 202 24.75 -12.42 -52.13
C GLU A 202 23.87 -13.64 -52.42
N SER A 203 23.13 -14.11 -51.42
CA SER A 203 22.25 -15.30 -51.59
C SER A 203 21.16 -15.00 -52.64
N TYR A 204 20.56 -13.81 -52.59
CA TYR A 204 19.45 -13.47 -53.51
C TYR A 204 19.91 -13.57 -54.97
N TYR A 205 19.07 -14.19 -55.81
CA TYR A 205 19.34 -14.33 -57.26
C TYR A 205 18.15 -13.75 -58.03
N PRO A 206 18.37 -12.83 -59.00
CA PRO A 206 17.28 -12.24 -59.78
C PRO A 206 16.56 -13.26 -60.68
N GLU A 207 17.33 -14.17 -61.30
CA GLU A 207 16.76 -15.18 -62.25
C GLU A 207 15.87 -16.19 -61.52
N TYR A 208 16.29 -16.71 -60.37
CA TYR A 208 15.41 -17.69 -59.67
C TYR A 208 14.67 -16.98 -58.53
N LEU A 209 13.33 -16.99 -58.60
CA LEU A 209 12.48 -16.30 -57.58
C LEU A 209 12.70 -16.96 -56.21
N ILE A 210 12.78 -18.28 -56.16
CA ILE A 210 12.99 -19.00 -54.86
C ILE A 210 14.47 -19.39 -54.76
N ASN A 211 15.18 -18.81 -53.79
CA ASN A 211 16.63 -19.13 -53.61
C ASN A 211 16.89 -19.56 -52.16
N LEU A 212 17.97 -20.31 -51.94
CA LEU A 212 18.33 -20.81 -50.58
C LEU A 212 19.73 -20.31 -50.22
N VAL A 213 19.95 -19.93 -48.96
CA VAL A 213 21.27 -19.41 -48.49
C VAL A 213 21.88 -20.40 -47.50
N GLN A 214 23.14 -20.79 -47.73
CA GLN A 214 23.86 -21.73 -46.83
C GLN A 214 24.26 -20.99 -45.55
N GLY A 215 23.90 -21.52 -44.39
CA GLY A 215 24.22 -20.87 -43.10
C GLY A 215 23.08 -20.01 -42.61
N GLN A 216 21.92 -20.09 -43.27
CA GLN A 216 20.72 -19.31 -42.87
C GLN A 216 20.29 -19.76 -41.47
N LEU A 217 19.89 -18.81 -40.62
CA LEU A 217 19.46 -19.13 -39.23
C LEU A 217 17.97 -18.81 -39.06
N GLN A 218 17.20 -19.79 -38.60
CA GLN A 218 15.74 -19.63 -38.37
C GLN A 218 15.36 -20.38 -37.08
N THR A 219 14.09 -20.28 -36.67
CA THR A 219 13.62 -20.98 -35.45
C THR A 219 13.42 -22.47 -35.76
N ARG A 220 13.42 -23.32 -34.72
CA ARG A 220 13.28 -24.78 -34.89
C ARG A 220 11.81 -25.18 -35.08
N GLN A 221 11.59 -26.38 -35.63
CA GLN A 221 10.24 -26.94 -35.91
C GLN A 221 9.61 -27.43 -34.61
N ALA A 222 8.28 -27.31 -34.48
CA ALA A 222 7.56 -27.72 -33.24
C ALA A 222 6.43 -28.71 -33.56
N SER A 223 5.90 -29.37 -32.52
CA SER A 223 4.84 -30.40 -32.62
C SER A 223 3.45 -29.77 -32.87
N SER A 224 2.47 -30.64 -33.16
CA SER A 224 1.05 -30.25 -33.47
C SER A 224 0.42 -29.50 -32.28
N ILE A 225 0.78 -29.89 -31.05
CA ILE A 225 0.30 -29.20 -29.80
C ILE A 225 0.77 -27.74 -29.81
N TYR A 226 2.00 -27.50 -30.29
CA TYR A 226 2.65 -26.16 -30.39
C TYR A 226 2.05 -25.29 -31.51
N ASP A 227 1.14 -25.86 -32.32
CA ASP A 227 0.49 -25.16 -33.46
C ASP A 227 -0.39 -24.00 -32.98
N ASP A 228 -0.58 -23.01 -33.86
CA ASP A 228 -1.37 -21.79 -33.53
C ASP A 228 -0.78 -21.15 -32.28
N SER A 229 0.54 -20.94 -32.28
CA SER A 229 1.25 -20.29 -31.14
C SER A 229 1.57 -18.84 -31.53
N TYR A 230 1.42 -18.54 -32.83
CA TYR A 230 1.61 -17.22 -33.48
C TYR A 230 2.99 -16.62 -33.16
N LEU A 231 4.02 -17.46 -33.17
CA LEU A 231 5.44 -17.11 -32.87
C LEU A 231 5.87 -15.95 -33.78
N GLY A 232 6.60 -14.97 -33.23
CA GLY A 232 7.10 -13.83 -34.01
C GLY A 232 6.07 -12.72 -34.18
N TYR A 233 4.93 -12.82 -33.48
CA TYR A 233 3.84 -11.80 -33.57
C TYR A 233 4.42 -10.40 -33.38
N SER A 234 5.36 -10.27 -32.45
CA SER A 234 6.04 -8.98 -32.13
C SER A 234 7.53 -9.27 -31.87
N VAL A 235 8.42 -8.64 -32.65
CA VAL A 235 9.88 -8.90 -32.49
C VAL A 235 10.58 -7.64 -31.97
N ALA A 236 11.65 -7.85 -31.19
CA ALA A 236 12.48 -6.76 -30.60
C ALA A 236 13.91 -7.28 -30.42
N VAL A 237 14.87 -6.39 -30.20
CA VAL A 237 16.28 -6.79 -30.00
C VAL A 237 16.72 -6.35 -28.59
N GLY A 238 17.20 -7.31 -27.79
CA GLY A 238 17.68 -7.03 -26.42
C GLY A 238 18.91 -7.86 -26.10
N GLU A 239 19.75 -7.40 -25.18
CA GLU A 239 20.97 -8.16 -24.81
C GLU A 239 20.95 -8.48 -23.31
N PHE A 240 20.95 -9.76 -22.95
CA PHE A 240 20.99 -10.18 -21.53
C PHE A 240 22.22 -11.07 -21.29
N SER A 241 22.67 -11.76 -22.34
CA SER A 241 23.86 -12.65 -22.29
C SER A 241 25.12 -11.84 -22.02
N GLY A 242 25.24 -10.67 -22.66
CA GLY A 242 26.43 -9.79 -22.52
C GLY A 242 27.48 -10.12 -23.57
N ASP A 243 27.23 -11.14 -24.39
CA ASP A 243 28.16 -11.55 -25.48
C ASP A 243 27.97 -10.64 -26.70
N ASP A 244 28.88 -10.72 -27.68
CA ASP A 244 28.82 -9.87 -28.90
C ASP A 244 27.51 -10.16 -29.66
N THR A 245 27.11 -11.43 -29.73
CA THR A 245 25.86 -11.81 -30.45
C THR A 245 24.67 -11.14 -29.74
N GLU A 246 23.69 -10.66 -30.52
CA GLU A 246 22.51 -9.96 -29.94
C GLU A 246 21.30 -10.92 -29.91
N ASP A 247 20.67 -11.06 -28.73
CA ASP A 247 19.49 -11.95 -28.55
C ASP A 247 18.27 -11.33 -29.23
N PHE A 248 17.29 -12.17 -29.60
CA PHE A 248 16.05 -11.69 -30.27
C PHE A 248 14.84 -11.91 -29.35
N VAL A 249 14.08 -10.84 -29.10
CA VAL A 249 12.91 -10.95 -28.17
C VAL A 249 11.62 -11.13 -29.01
N ALA A 250 10.97 -12.29 -28.89
CA ALA A 250 9.75 -12.52 -29.70
C ALA A 250 8.68 -13.25 -28.88
N GLY A 251 7.65 -12.49 -28.46
CA GLY A 251 6.53 -13.00 -27.65
C GLY A 251 5.48 -13.69 -28.47
N VAL A 252 4.90 -14.77 -27.93
CA VAL A 252 3.84 -15.55 -28.62
C VAL A 252 2.50 -15.08 -28.03
N PRO A 253 1.48 -14.72 -28.84
CA PRO A 253 0.19 -14.29 -28.30
C PRO A 253 -0.77 -15.46 -28.02
N LYS A 254 -0.71 -16.51 -28.85
CA LYS A 254 -1.62 -17.69 -28.70
C LYS A 254 -0.84 -18.90 -28.19
N GLY A 255 0.34 -18.66 -27.60
CA GLY A 255 1.18 -19.77 -27.09
C GLY A 255 0.72 -20.27 -25.72
N ASN A 256 1.30 -21.38 -25.27
CA ASN A 256 0.96 -21.99 -23.96
C ASN A 256 -0.58 -22.19 -23.85
N LEU A 257 -1.17 -22.81 -24.87
CA LEU A 257 -2.62 -23.13 -24.90
C LEU A 257 -3.48 -21.88 -24.68
N THR A 258 -3.24 -20.83 -25.48
CA THR A 258 -3.98 -19.53 -25.52
C THR A 258 -3.60 -18.60 -24.35
N TYR A 259 -2.57 -18.95 -23.58
CA TYR A 259 -2.14 -18.08 -22.46
C TYR A 259 -1.17 -17.01 -22.99
N GLY A 260 -0.23 -17.42 -23.85
CA GLY A 260 0.73 -16.47 -24.45
C GLY A 260 2.00 -16.35 -23.63
N TYR A 261 3.15 -16.57 -24.25
CA TYR A 261 4.46 -16.46 -23.56
C TYR A 261 5.45 -15.69 -24.44
N VAL A 262 6.54 -15.20 -23.84
CA VAL A 262 7.60 -14.44 -24.58
C VAL A 262 8.90 -15.25 -24.47
N THR A 263 9.53 -15.54 -25.61
CA THR A 263 10.79 -16.34 -25.62
C THR A 263 11.94 -15.52 -26.22
N ILE A 264 13.06 -15.46 -25.50
CA ILE A 264 14.29 -14.74 -25.98
C ILE A 264 15.20 -15.81 -26.59
N LEU A 265 15.49 -15.71 -27.89
CA LEU A 265 16.32 -16.74 -28.57
C LEU A 265 17.53 -16.12 -29.26
N ASN A 266 18.72 -16.71 -29.02
CA ASN A 266 20.03 -16.27 -29.57
C ASN A 266 20.12 -16.74 -31.02
N GLY A 267 20.35 -15.83 -31.97
CA GLY A 267 20.36 -16.19 -33.41
C GLY A 267 21.42 -17.23 -33.73
N SER A 268 22.62 -17.11 -33.16
CA SER A 268 23.71 -18.09 -33.44
C SER A 268 23.35 -19.46 -32.83
N ASP A 269 22.82 -19.49 -31.60
CA ASP A 269 22.46 -20.77 -30.92
C ASP A 269 21.15 -21.32 -31.49
N ILE A 270 20.31 -20.46 -32.07
CA ILE A 270 19.01 -20.87 -32.67
C ILE A 270 18.21 -21.56 -31.55
N ARG A 271 18.31 -21.02 -30.34
CA ARG A 271 17.61 -21.54 -29.13
C ARG A 271 17.19 -20.35 -28.26
N SER A 272 16.22 -20.61 -27.38
CA SER A 272 15.65 -19.72 -26.35
C SER A 272 16.45 -19.75 -25.03
N LEU A 273 17.07 -18.64 -24.64
CA LEU A 273 17.83 -18.57 -23.37
C LEU A 273 16.84 -18.58 -22.20
N TYR A 274 15.84 -17.68 -22.22
CA TYR A 274 14.84 -17.61 -21.12
C TYR A 274 13.45 -17.32 -21.70
N ASN A 275 12.41 -17.76 -20.98
CA ASN A 275 10.99 -17.57 -21.41
C ASN A 275 10.18 -16.90 -20.29
N PHE A 276 9.24 -16.04 -20.65
CA PHE A 276 8.35 -15.35 -19.68
C PHE A 276 6.90 -15.81 -19.91
N SER A 277 6.22 -16.23 -18.85
CA SER A 277 4.82 -16.73 -18.97
C SER A 277 3.82 -15.75 -18.34
N GLY A 278 2.80 -15.36 -19.10
CA GLY A 278 1.75 -14.44 -18.63
C GLY A 278 0.89 -15.05 -17.54
N GLU A 279 0.51 -14.26 -16.54
CA GLU A 279 -0.33 -14.76 -15.41
C GLU A 279 -1.80 -14.76 -15.81
N GLN A 280 -2.29 -13.65 -16.36
CA GLN A 280 -3.73 -13.53 -16.77
C GLN A 280 -4.00 -14.43 -17.98
N MET A 281 -4.96 -15.35 -17.84
CA MET A 281 -5.34 -16.27 -18.94
C MET A 281 -5.93 -15.45 -20.10
N ALA A 282 -5.57 -15.80 -21.35
CA ALA A 282 -5.96 -15.08 -22.58
C ALA A 282 -5.46 -13.65 -22.45
N SER A 283 -4.30 -13.55 -21.79
CA SER A 283 -3.53 -12.30 -21.50
C SER A 283 -3.03 -11.67 -22.79
N TYR A 284 -2.72 -12.52 -23.79
CA TYR A 284 -2.12 -12.13 -25.08
C TYR A 284 -0.74 -11.52 -24.83
N PHE A 285 -0.02 -12.10 -23.85
CA PHE A 285 1.33 -11.66 -23.44
C PHE A 285 2.30 -11.84 -24.62
N GLY A 286 2.81 -10.71 -25.12
CA GLY A 286 3.75 -10.73 -26.27
C GLY A 286 3.16 -10.00 -27.48
N TYR A 287 1.97 -9.42 -27.32
CA TYR A 287 1.34 -8.65 -28.42
C TYR A 287 2.27 -7.49 -28.76
N ALA A 288 2.79 -6.82 -27.72
CA ALA A 288 3.73 -5.70 -27.86
C ALA A 288 4.99 -6.03 -27.04
N VAL A 289 6.18 -5.92 -27.64
CA VAL A 289 7.43 -6.22 -26.90
C VAL A 289 8.45 -5.11 -27.15
N ALA A 290 9.42 -4.97 -26.23
CA ALA A 290 10.46 -3.96 -26.35
C ALA A 290 11.61 -4.34 -25.42
N ALA A 291 12.82 -3.98 -25.84
CA ALA A 291 14.04 -4.27 -25.05
C ALA A 291 14.85 -2.98 -24.91
N THR A 292 15.06 -2.53 -23.66
CA THR A 292 15.85 -1.30 -23.39
C THR A 292 16.27 -1.32 -21.91
N ASP A 293 17.25 -0.49 -21.55
CA ASP A 293 17.65 -0.42 -20.12
C ASP A 293 16.84 0.70 -19.48
N VAL A 294 15.91 0.36 -18.59
CA VAL A 294 15.09 1.37 -17.94
C VAL A 294 15.55 1.75 -16.53
N ASN A 295 16.62 1.15 -16.01
CA ASN A 295 17.09 1.48 -14.65
C ASN A 295 18.57 1.82 -14.52
N GLY A 296 19.26 2.01 -15.64
CA GLY A 296 20.57 2.65 -15.64
C GLY A 296 21.76 1.80 -15.27
N ASP A 297 21.54 0.48 -15.19
CA ASP A 297 22.60 -0.49 -14.82
C ASP A 297 23.38 -0.92 -16.06
N GLY A 298 22.93 -0.49 -17.25
CA GLY A 298 23.61 -0.85 -18.51
C GLY A 298 23.19 -2.22 -19.03
N LEU A 299 22.18 -2.83 -18.39
CA LEU A 299 21.67 -4.16 -18.81
C LEU A 299 20.27 -3.99 -19.41
N ASP A 300 20.04 -4.54 -20.60
CA ASP A 300 18.76 -4.40 -21.28
C ASP A 300 17.67 -5.07 -20.47
N ASP A 301 16.52 -4.40 -20.40
CA ASP A 301 15.32 -4.86 -19.66
C ASP A 301 14.22 -5.20 -20.67
N LEU A 302 13.36 -6.18 -20.35
CA LEU A 302 12.34 -6.63 -21.34
C LEU A 302 10.92 -6.18 -20.96
N LEU A 303 10.27 -5.46 -21.88
CA LEU A 303 8.89 -5.00 -21.69
C LEU A 303 7.97 -5.79 -22.62
N VAL A 304 6.80 -6.16 -22.08
CA VAL A 304 5.76 -6.94 -22.82
C VAL A 304 4.40 -6.27 -22.58
N GLY A 305 3.58 -6.16 -23.63
CA GLY A 305 2.26 -5.51 -23.52
C GLY A 305 1.10 -6.48 -23.63
N ALA A 306 0.18 -6.44 -22.66
CA ALA A 306 -1.03 -7.29 -22.63
C ALA A 306 -2.26 -6.37 -22.48
N PRO A 307 -2.83 -5.84 -23.58
CA PRO A 307 -3.99 -4.96 -23.50
C PRO A 307 -5.30 -5.74 -23.32
N LEU A 308 -5.25 -7.07 -23.48
CA LEU A 308 -6.45 -7.93 -23.34
C LEU A 308 -6.66 -8.31 -21.88
N LEU A 309 -5.71 -7.98 -21.00
CA LEU A 309 -5.89 -8.33 -19.55
C LEU A 309 -7.21 -7.71 -19.05
N MET A 310 -8.11 -8.54 -18.51
CA MET A 310 -9.41 -8.03 -18.02
C MET A 310 -9.32 -8.01 -16.49
N ASP A 311 -9.11 -6.83 -15.89
CA ASP A 311 -8.95 -6.80 -14.42
C ASP A 311 -10.31 -6.56 -13.77
N ARG A 312 -10.39 -6.74 -12.45
CA ARG A 312 -11.66 -6.51 -11.71
C ARG A 312 -11.51 -5.30 -10.77
N THR A 313 -12.45 -4.36 -10.90
CA THR A 313 -12.51 -3.10 -10.09
C THR A 313 -13.19 -3.38 -8.74
N PRO A 314 -13.27 -2.38 -7.83
CA PRO A 314 -13.91 -2.57 -6.51
C PRO A 314 -15.39 -2.96 -6.68
N ASP A 315 -16.08 -2.37 -7.65
CA ASP A 315 -17.50 -2.67 -7.97
C ASP A 315 -17.64 -4.13 -8.41
N GLY A 316 -16.65 -4.66 -9.12
CA GLY A 316 -16.64 -6.06 -9.61
C GLY A 316 -17.01 -6.16 -11.08
N ARG A 317 -17.33 -5.03 -11.72
CA ARG A 317 -17.65 -5.01 -13.17
C ARG A 317 -16.37 -5.36 -13.94
N PRO A 318 -16.42 -6.16 -15.02
CA PRO A 318 -15.22 -6.54 -15.77
C PRO A 318 -14.90 -5.55 -16.90
N GLN A 319 -13.73 -4.93 -16.83
CA GLN A 319 -13.32 -4.02 -17.94
C GLN A 319 -11.98 -4.55 -18.48
N GLU A 320 -11.66 -4.20 -19.73
CA GLU A 320 -10.39 -4.61 -20.39
C GLU A 320 -9.30 -3.61 -20.01
N VAL A 321 -8.90 -3.63 -18.74
CA VAL A 321 -7.89 -2.73 -18.13
C VAL A 321 -6.56 -2.97 -18.85
N GLY A 322 -6.15 -4.23 -18.97
CA GLY A 322 -4.84 -4.58 -19.55
C GLY A 322 -3.71 -4.40 -18.54
N ARG A 323 -2.52 -4.85 -18.94
CA ARG A 323 -1.32 -4.69 -18.06
C ARG A 323 -0.05 -4.57 -18.91
N VAL A 324 0.82 -3.63 -18.54
CA VAL A 324 2.17 -3.48 -19.20
C VAL A 324 3.21 -4.09 -18.25
N TYR A 325 4.10 -4.95 -18.79
CA TYR A 325 5.13 -5.61 -17.95
C TYR A 325 6.54 -5.22 -18.41
N VAL A 326 7.45 -5.08 -17.45
CA VAL A 326 8.87 -4.71 -17.73
C VAL A 326 9.75 -5.31 -16.62
N TYR A 327 10.83 -6.03 -16.98
CA TYR A 327 11.70 -6.69 -15.96
C TYR A 327 13.16 -6.24 -16.08
N LEU A 328 13.69 -5.65 -14.99
CA LEU A 328 15.08 -5.13 -14.86
C LEU A 328 16.02 -6.32 -14.66
N GLN A 329 16.87 -6.54 -15.67
CA GLN A 329 17.85 -7.65 -15.78
C GLN A 329 18.90 -7.55 -14.67
N HIS A 330 19.30 -8.69 -14.11
CA HIS A 330 20.33 -8.75 -13.03
C HIS A 330 21.47 -9.68 -13.47
N PRO A 331 22.74 -9.39 -13.12
CA PRO A 331 23.87 -10.25 -13.52
C PRO A 331 23.75 -11.65 -12.89
N ALA A 332 23.32 -11.72 -11.63
CA ALA A 332 23.20 -13.02 -10.93
C ALA A 332 22.16 -13.91 -11.60
N GLY A 333 20.99 -13.35 -11.94
CA GLY A 333 19.92 -14.14 -12.58
C GLY A 333 18.85 -13.28 -13.23
N ILE A 334 17.92 -13.91 -13.95
CA ILE A 334 16.77 -13.21 -14.60
C ILE A 334 15.50 -13.69 -13.89
N GLU A 335 14.84 -12.80 -13.13
CA GLU A 335 13.62 -13.17 -12.35
C GLU A 335 12.40 -13.23 -13.27
N PRO A 336 11.64 -14.35 -13.29
CA PRO A 336 10.45 -14.48 -14.13
C PRO A 336 9.33 -13.54 -13.66
N THR A 337 8.95 -13.63 -12.37
CA THR A 337 7.89 -12.77 -11.78
C THR A 337 8.18 -11.31 -12.12
N PRO A 338 7.23 -10.55 -12.69
CA PRO A 338 7.45 -9.15 -13.05
C PRO A 338 7.62 -8.26 -11.80
N THR A 339 8.73 -7.50 -11.75
CA THR A 339 8.99 -6.60 -10.59
C THR A 339 7.94 -5.48 -10.58
N LEU A 340 7.61 -4.95 -11.76
CA LEU A 340 6.63 -3.84 -11.89
C LEU A 340 5.60 -4.17 -12.98
N THR A 341 4.43 -3.54 -12.90
CA THR A 341 3.31 -3.72 -13.86
C THR A 341 2.52 -2.42 -14.00
N LEU A 342 1.84 -2.23 -15.13
CA LEU A 342 1.03 -1.02 -15.39
C LEU A 342 -0.43 -1.41 -15.64
N THR A 343 -1.35 -0.74 -14.94
CA THR A 343 -2.82 -1.03 -15.06
C THR A 343 -3.53 0.20 -15.63
N GLY A 344 -4.37 0.01 -16.65
CA GLY A 344 -5.10 1.14 -17.27
C GLY A 344 -6.55 1.19 -16.83
N HIS A 345 -6.97 2.32 -16.24
CA HIS A 345 -8.35 2.53 -15.75
C HIS A 345 -9.34 2.52 -16.92
N ASP A 346 -8.99 3.20 -18.02
CA ASP A 346 -9.87 3.34 -19.21
C ASP A 346 -10.50 2.00 -19.59
N GLU A 347 -11.83 1.89 -19.49
CA GLU A 347 -12.52 0.64 -19.90
C GLU A 347 -12.25 0.46 -21.39
N PHE A 348 -11.89 -0.76 -21.81
CA PHE A 348 -11.50 -1.08 -23.21
C PHE A 348 -10.35 -0.16 -23.65
N GLY A 349 -9.36 0.03 -22.77
CA GLY A 349 -8.18 0.89 -23.01
C GLY A 349 -7.35 0.38 -24.17
N ARG A 350 -7.19 -0.95 -24.24
CA ARG A 350 -6.39 -1.63 -25.30
C ARG A 350 -4.93 -1.16 -25.21
N PHE A 351 -4.56 -0.51 -24.09
CA PHE A 351 -3.25 0.09 -23.74
C PHE A 351 -2.16 -0.99 -23.80
N GLY A 352 -0.93 -0.60 -24.13
CA GLY A 352 0.21 -1.54 -24.24
C GLY A 352 0.26 -2.19 -25.61
N SER A 353 -0.62 -1.77 -26.52
CA SER A 353 -0.63 -2.34 -27.91
C SER A 353 0.70 -2.03 -28.60
N SER A 354 1.19 -0.80 -28.45
CA SER A 354 2.49 -0.41 -29.07
C SER A 354 3.43 0.17 -28.01
N LEU A 355 4.67 -0.32 -27.99
CA LEU A 355 5.71 0.15 -27.03
C LEU A 355 6.94 0.61 -27.83
N THR A 356 7.46 1.80 -27.53
CA THR A 356 8.64 2.31 -28.28
C THR A 356 9.67 2.90 -27.30
N PRO A 357 10.97 2.53 -27.38
CA PRO A 357 12.00 3.08 -26.49
C PRO A 357 12.17 4.59 -26.77
N LEU A 358 12.27 5.41 -25.72
CA LEU A 358 12.40 6.88 -25.88
C LEU A 358 13.79 7.37 -25.42
N GLY A 359 14.73 6.46 -25.13
CA GLY A 359 16.02 6.92 -24.65
C GLY A 359 15.74 7.74 -23.40
N ASP A 360 16.70 8.58 -23.02
CA ASP A 360 16.55 9.37 -21.80
C ASP A 360 15.98 10.75 -22.14
N LEU A 361 14.64 10.85 -22.07
CA LEU A 361 13.92 12.11 -22.41
C LEU A 361 14.27 13.23 -21.43
N ASP A 362 14.34 12.94 -20.13
CA ASP A 362 14.62 13.97 -19.10
C ASP A 362 16.12 14.11 -18.82
N GLN A 363 16.96 13.28 -19.45
CA GLN A 363 18.42 13.32 -19.22
C GLN A 363 18.67 13.18 -17.70
N ASP A 364 17.89 12.29 -17.07
CA ASP A 364 17.94 12.01 -15.61
C ASP A 364 18.87 10.83 -15.33
N GLY A 365 19.51 10.29 -16.38
CA GLY A 365 20.41 9.13 -16.24
C GLY A 365 19.64 7.82 -16.37
N TYR A 366 18.32 7.92 -16.56
CA TYR A 366 17.45 6.75 -16.76
C TYR A 366 16.61 6.88 -18.02
N ASN A 367 16.64 5.82 -18.83
CA ASN A 367 15.88 5.78 -20.08
C ASN A 367 14.42 5.59 -19.82
N ASP A 368 13.60 6.28 -20.62
CA ASP A 368 12.12 6.23 -20.46
C ASP A 368 11.50 5.35 -21.55
N VAL A 369 10.19 5.07 -21.44
CA VAL A 369 9.48 4.20 -22.43
C VAL A 369 8.03 4.66 -22.60
N ALA A 370 7.61 4.84 -23.86
CA ALA A 370 6.26 5.21 -24.24
C ALA A 370 5.43 3.96 -24.52
N ILE A 371 4.17 4.01 -24.08
CA ILE A 371 3.18 2.90 -24.24
C ILE A 371 1.96 3.45 -25.00
N GLY A 372 1.40 2.66 -25.92
CA GLY A 372 0.25 3.12 -26.72
C GLY A 372 -1.07 2.47 -26.34
N ALA A 373 -2.10 3.31 -26.14
CA ALA A 373 -3.48 2.88 -25.82
C ALA A 373 -4.35 3.23 -27.02
N PRO A 374 -4.59 2.30 -27.98
CA PRO A 374 -5.37 2.63 -29.19
C PRO A 374 -6.79 3.13 -28.91
N PHE A 375 -7.50 2.47 -27.98
CA PHE A 375 -8.89 2.85 -27.64
C PHE A 375 -8.89 3.55 -26.27
N GLY A 376 -7.90 4.43 -26.06
CA GLY A 376 -7.78 5.18 -24.80
C GLY A 376 -8.38 6.57 -24.93
N GLY A 377 -8.63 7.23 -23.79
CA GLY A 377 -9.22 8.59 -23.80
C GLY A 377 -10.73 8.55 -23.72
N GLU A 378 -11.33 9.67 -23.25
CA GLU A 378 -12.81 9.81 -23.12
C GLU A 378 -13.47 9.77 -24.50
N THR A 379 -12.84 10.41 -25.50
CA THR A 379 -13.38 10.49 -26.89
C THR A 379 -12.90 9.29 -27.70
N GLN A 380 -12.07 8.43 -27.10
CA GLN A 380 -11.52 7.21 -27.76
C GLN A 380 -10.72 7.61 -29.01
N GLN A 381 -10.09 8.79 -28.97
CA GLN A 381 -9.21 9.27 -30.07
C GLN A 381 -7.95 8.40 -30.11
N GLY A 382 -7.45 8.04 -28.93
CA GLY A 382 -6.21 7.24 -28.76
C GLY A 382 -5.18 8.05 -27.98
N VAL A 383 -4.40 7.39 -27.11
CA VAL A 383 -3.41 8.13 -26.27
C VAL A 383 -2.09 7.36 -26.14
N VAL A 384 -1.02 8.10 -25.81
CA VAL A 384 0.33 7.59 -25.59
C VAL A 384 0.84 8.07 -24.23
N PHE A 385 1.24 7.11 -23.39
CA PHE A 385 1.72 7.42 -22.01
C PHE A 385 3.25 7.33 -21.93
N VAL A 386 3.86 8.40 -21.39
CA VAL A 386 5.34 8.49 -21.20
C VAL A 386 5.63 8.29 -19.70
N PHE A 387 6.25 7.17 -19.35
CA PHE A 387 6.56 6.86 -17.92
C PHE A 387 8.00 7.25 -17.61
N PRO A 388 8.27 7.91 -16.46
CA PRO A 388 9.62 8.35 -16.10
C PRO A 388 10.55 7.22 -15.62
N GLY A 389 11.80 7.25 -16.08
CA GLY A 389 12.80 6.24 -15.68
C GLY A 389 13.21 6.38 -14.22
N GLY A 390 13.25 5.25 -13.49
CA GLY A 390 13.65 5.22 -12.08
C GLY A 390 14.70 4.15 -11.86
N PRO A 391 15.76 4.38 -11.03
CA PRO A 391 16.79 3.37 -10.84
C PRO A 391 16.24 2.07 -10.22
N GLY A 392 15.43 2.17 -9.17
CA GLY A 392 14.84 0.96 -8.57
C GLY A 392 13.85 0.32 -9.52
N GLY A 393 12.96 1.13 -10.10
CA GLY A 393 11.95 0.68 -11.08
C GLY A 393 11.34 1.87 -11.81
N LEU A 394 10.72 1.65 -12.96
CA LEU A 394 10.08 2.77 -13.71
C LEU A 394 8.87 3.26 -12.87
N GLY A 395 8.67 4.58 -12.77
CA GLY A 395 7.53 5.08 -11.98
C GLY A 395 6.20 4.63 -12.57
N SER A 396 5.29 4.15 -11.72
CA SER A 396 3.95 3.69 -12.17
C SER A 396 3.18 4.86 -12.81
N LYS A 397 3.21 6.03 -12.18
CA LYS A 397 2.48 7.22 -12.68
C LYS A 397 3.15 7.73 -13.97
N PRO A 398 2.38 8.03 -15.04
CA PRO A 398 2.95 8.55 -16.28
C PRO A 398 3.51 9.96 -16.07
N SER A 399 4.68 10.25 -16.64
CA SER A 399 5.33 11.58 -16.49
C SER A 399 4.48 12.66 -17.17
N GLN A 400 3.97 12.37 -18.37
CA GLN A 400 3.14 13.35 -19.13
C GLN A 400 2.07 12.60 -19.93
N VAL A 401 0.92 13.25 -20.16
CA VAL A 401 -0.20 12.65 -20.94
C VAL A 401 -0.40 13.47 -22.22
N LEU A 402 -0.46 12.80 -23.37
CA LEU A 402 -0.63 13.51 -24.67
C LEU A 402 -2.00 13.16 -25.28
N GLN A 403 -2.77 14.20 -25.63
CA GLN A 403 -4.12 14.04 -26.24
C GLN A 403 -4.13 14.77 -27.60
N PRO A 404 -4.64 14.15 -28.68
CA PRO A 404 -4.64 14.81 -30.00
C PRO A 404 -5.43 16.13 -30.02
N LEU A 405 -4.84 17.15 -30.63
CA LEU A 405 -5.44 18.51 -30.75
C LEU A 405 -6.69 18.46 -31.63
N TRP A 406 -6.64 17.69 -32.73
CA TRP A 406 -7.77 17.62 -33.69
C TRP A 406 -9.03 17.06 -33.02
N ALA A 407 -10.18 17.63 -33.36
CA ALA A 407 -11.50 17.23 -32.81
C ALA A 407 -11.80 15.78 -33.21
N ALA A 408 -12.42 15.03 -32.29
CA ALA A 408 -12.75 13.60 -32.53
C ALA A 408 -13.77 13.44 -33.65
N SER A 409 -13.66 12.34 -34.40
CA SER A 409 -14.56 12.00 -35.54
C SER A 409 -15.22 10.63 -35.26
N HIS A 410 -16.28 10.30 -36.00
CA HIS A 410 -17.01 9.03 -35.78
C HIS A 410 -16.05 7.84 -36.00
N THR A 411 -15.18 7.94 -37.02
CA THR A 411 -14.20 6.87 -37.33
C THR A 411 -13.12 6.84 -36.25
N PRO A 412 -12.89 5.70 -35.55
CA PRO A 412 -11.87 5.62 -34.50
C PRO A 412 -10.50 6.13 -34.95
N ASP A 413 -9.94 7.09 -34.20
CA ASP A 413 -8.62 7.69 -34.50
C ASP A 413 -7.50 6.64 -34.40
N PHE A 414 -7.62 5.72 -33.42
CA PHE A 414 -6.61 4.66 -33.17
C PHE A 414 -5.24 5.29 -32.90
N PHE A 415 -5.17 6.12 -31.85
CA PHE A 415 -3.93 6.81 -31.44
C PHE A 415 -3.05 5.83 -30.66
N GLY A 416 -1.73 5.92 -30.82
CA GLY A 416 -0.81 5.00 -30.12
C GLY A 416 -0.65 3.69 -30.86
N SER A 417 -1.14 3.63 -32.11
CA SER A 417 -1.06 2.41 -32.95
C SER A 417 0.41 2.05 -33.24
N ALA A 418 1.26 3.07 -33.42
CA ALA A 418 2.71 2.87 -33.67
C ALA A 418 3.49 3.93 -32.90
N LEU A 419 4.51 3.51 -32.12
CA LEU A 419 5.31 4.50 -31.33
C LEU A 419 6.80 4.38 -31.69
N ARG A 420 7.46 5.50 -32.01
CA ARG A 420 8.91 5.46 -32.33
C ARG A 420 9.63 6.49 -31.44
N GLY A 421 10.69 6.09 -30.75
CA GLY A 421 11.42 6.94 -29.78
C GLY A 421 12.87 6.52 -29.60
N GLY A 422 13.65 7.37 -28.91
CA GLY A 422 15.08 7.09 -28.62
C GLY A 422 16.04 7.63 -29.67
N ARG A 423 15.53 8.31 -30.70
CA ARG A 423 16.42 8.89 -31.75
C ARG A 423 16.19 10.40 -31.82
N ASP A 424 17.28 11.19 -31.77
CA ASP A 424 17.18 12.68 -31.81
C ASP A 424 17.10 13.16 -33.27
N LEU A 425 15.92 13.60 -33.69
CA LEU A 425 15.66 14.09 -35.08
C LEU A 425 16.48 15.35 -35.41
N ASP A 426 16.56 16.30 -34.47
CA ASP A 426 17.27 17.59 -34.74
C ASP A 426 18.61 17.64 -33.99
N GLY A 427 19.04 16.53 -33.39
CA GLY A 427 20.32 16.48 -32.65
C GLY A 427 20.43 17.62 -31.65
N ASN A 428 19.35 17.88 -30.90
CA ASN A 428 19.37 18.97 -29.88
C ASN A 428 19.85 18.40 -28.55
N GLY A 429 20.16 17.08 -28.51
CA GLY A 429 20.59 16.39 -27.27
C GLY A 429 19.42 15.82 -26.49
N TYR A 430 18.21 15.90 -27.05
CA TYR A 430 17.00 15.36 -26.37
C TYR A 430 16.24 14.45 -27.34
N PRO A 431 16.01 13.16 -26.99
CA PRO A 431 15.32 12.22 -27.87
C PRO A 431 13.87 12.66 -28.19
N ASP A 432 13.44 12.43 -29.44
CA ASP A 432 12.08 12.79 -29.90
C ASP A 432 11.20 11.53 -29.93
N LEU A 433 9.92 11.72 -30.26
CA LEU A 433 8.93 10.62 -30.27
C LEU A 433 7.90 10.87 -31.38
N ILE A 434 7.75 9.91 -32.30
CA ILE A 434 6.76 10.03 -33.40
C ILE A 434 5.67 8.98 -33.21
N VAL A 435 4.39 9.40 -33.20
CA VAL A 435 3.23 8.49 -32.96
C VAL A 435 2.51 8.21 -34.29
N GLY A 436 2.15 6.95 -34.53
CA GLY A 436 1.42 6.52 -35.73
C GLY A 436 -0.08 6.50 -35.53
N SER A 437 -0.81 7.14 -36.43
CA SER A 437 -2.31 7.20 -36.39
C SER A 437 -2.86 6.80 -37.76
N PHE A 438 -2.89 5.49 -38.04
CA PHE A 438 -3.35 4.92 -39.33
C PHE A 438 -4.83 5.25 -39.61
N GLY A 439 -5.64 5.36 -38.56
CA GLY A 439 -7.07 5.67 -38.71
C GLY A 439 -7.29 7.06 -39.29
N VAL A 440 -6.51 8.05 -38.84
CA VAL A 440 -6.64 9.45 -39.34
C VAL A 440 -5.72 9.65 -40.55
N ASP A 441 -4.96 8.61 -40.92
CA ASP A 441 -4.02 8.69 -42.07
C ASP A 441 -3.09 9.90 -41.90
N LYS A 442 -2.52 10.08 -40.71
CA LYS A 442 -1.59 11.21 -40.45
C LYS A 442 -0.37 10.69 -39.68
N ALA A 443 0.65 11.54 -39.49
CA ALA A 443 1.87 11.15 -38.72
C ALA A 443 2.25 12.29 -37.79
N VAL A 444 2.40 12.03 -36.49
CA VAL A 444 2.70 13.13 -35.51
C VAL A 444 4.04 12.88 -34.81
N VAL A 445 4.91 13.90 -34.82
CA VAL A 445 6.27 13.87 -34.19
C VAL A 445 6.27 14.91 -33.08
N TYR A 446 6.78 14.54 -31.89
CA TYR A 446 6.83 15.48 -30.73
C TYR A 446 8.27 15.88 -30.41
N ARG A 447 8.60 17.17 -30.59
CA ARG A 447 9.93 17.74 -30.29
C ARG A 447 10.07 17.96 -28.78
N GLY A 448 11.30 18.12 -28.27
CA GLY A 448 11.51 18.34 -26.82
C GLY A 448 12.21 19.66 -26.54
N ARG A 449 12.22 20.10 -25.28
CA ARG A 449 12.89 21.37 -24.90
C ARG A 449 13.84 21.14 -23.72
N PRO A 450 14.98 21.87 -23.64
CA PRO A 450 15.94 21.71 -22.55
C PRO A 450 15.40 22.22 -21.20
N ILE A 451 15.80 21.56 -20.10
CA ILE A 451 15.37 21.93 -18.72
C ILE A 451 16.52 22.67 -18.03
N VAL A 452 16.23 23.84 -17.45
CA VAL A 452 17.26 24.66 -16.73
C VAL A 452 16.88 24.73 -15.25
N SER A 453 17.81 24.42 -14.36
CA SER A 453 17.54 24.41 -12.90
C SER A 453 18.15 25.66 -12.23
N ALA A 454 17.33 26.37 -11.45
CA ALA A 454 17.78 27.57 -10.71
C ALA A 454 17.46 27.38 -9.21
N SER A 455 17.98 28.26 -8.35
CA SER A 455 17.73 28.17 -6.90
C SER A 455 17.60 29.58 -6.31
N ALA A 456 16.53 29.84 -5.57
CA ALA A 456 16.34 31.20 -4.99
C ALA A 456 16.67 31.17 -3.49
N SER A 457 17.61 32.00 -3.04
CA SER A 457 17.98 32.04 -1.60
C SER A 457 18.04 33.49 -1.11
N LEU A 458 17.08 33.88 -0.27
CA LEU A 458 17.01 35.26 0.30
C LEU A 458 17.53 35.20 1.73
N THR A 459 18.62 35.92 2.01
CA THR A 459 19.23 35.94 3.37
C THR A 459 19.37 37.40 3.81
N ILE A 460 18.86 37.71 5.01
CA ILE A 460 18.95 39.09 5.56
C ILE A 460 19.96 39.11 6.71
N PHE A 461 21.06 39.85 6.56
CA PHE A 461 22.11 39.93 7.61
C PHE A 461 21.63 40.85 8.74
N PRO A 462 21.11 42.06 8.44
CA PRO A 462 20.63 42.99 9.47
C PRO A 462 19.14 42.78 9.79
N ALA A 463 18.75 41.53 10.07
CA ALA A 463 17.34 41.21 10.40
C ALA A 463 16.93 41.97 11.67
N MET A 464 17.83 42.01 12.67
CA MET A 464 17.55 42.72 13.94
C MET A 464 17.13 44.16 13.61
N PHE A 465 15.89 44.53 13.96
CA PHE A 465 15.39 45.90 13.68
C PHE A 465 14.64 46.47 14.91
N ASN A 466 14.99 47.70 15.28
CA ASN A 466 14.35 48.40 16.42
C ASN A 466 13.76 49.72 15.90
N PRO A 467 12.48 50.04 16.19
CA PRO A 467 11.85 51.27 15.70
C PRO A 467 12.29 52.55 16.44
N GLU A 468 12.98 52.40 17.57
CA GLU A 468 13.45 53.56 18.37
C GLU A 468 14.43 54.41 17.54
N GLU A 469 15.34 53.74 16.81
CA GLU A 469 16.35 54.46 15.98
C GLU A 469 16.22 54.02 14.51
N ARG A 470 16.16 55.01 13.59
CA ARG A 470 16.03 54.71 12.14
C ARG A 470 17.34 55.06 11.43
N SER A 471 18.01 54.05 10.86
CA SER A 471 19.29 54.26 10.14
C SER A 471 19.05 55.16 8.93
N CYS A 472 17.93 54.93 8.21
CA CYS A 472 17.57 55.75 7.02
C CYS A 472 16.35 56.60 7.37
N SER A 473 16.38 57.89 7.06
CA SER A 473 15.25 58.82 7.35
C SER A 473 14.84 59.56 6.08
N LEU A 474 13.58 59.40 5.66
CA LEU A 474 13.06 60.08 4.45
C LEU A 474 12.65 61.52 4.80
N GLU A 475 12.55 62.40 3.80
CA GLU A 475 12.16 63.81 4.08
C GLU A 475 10.76 63.86 4.68
N GLY A 476 9.81 63.10 4.12
CA GLY A 476 8.42 63.11 4.62
C GLY A 476 8.29 62.57 6.04
N ASN A 477 8.84 61.37 6.30
CA ASN A 477 8.78 60.73 7.63
C ASN A 477 10.02 59.85 7.84
N PRO A 478 10.42 59.54 9.09
CA PRO A 478 11.58 58.69 9.37
C PRO A 478 11.15 57.25 9.66
N VAL A 479 11.73 56.30 8.93
CA VAL A 479 11.40 54.85 9.05
C VAL A 479 12.66 54.04 8.75
N ALA A 480 13.20 53.35 9.76
CA ALA A 480 14.45 52.55 9.59
C ALA A 480 14.21 51.44 8.56
N CYS A 481 15.20 51.21 7.68
CA CYS A 481 15.10 50.19 6.61
C CYS A 481 16.19 49.12 6.78
N ILE A 482 15.77 47.85 6.71
CA ILE A 482 16.66 46.66 6.83
C ILE A 482 17.22 46.35 5.43
N ASN A 483 18.55 46.27 5.30
CA ASN A 483 19.16 45.95 3.98
C ASN A 483 18.69 44.54 3.56
N LEU A 484 17.98 44.45 2.43
CA LEU A 484 17.47 43.14 1.93
C LEU A 484 18.18 42.79 0.61
N SER A 485 18.74 41.58 0.51
CA SER A 485 19.46 41.14 -0.73
C SER A 485 19.28 39.63 -0.97
N PHE A 486 18.88 39.26 -2.20
CA PHE A 486 18.64 37.83 -2.55
C PHE A 486 19.54 37.43 -3.74
N CYS A 487 20.22 36.28 -3.62
CA CYS A 487 21.15 35.77 -4.67
C CYS A 487 20.49 34.65 -5.49
N LEU A 488 20.61 34.73 -6.82
CA LEU A 488 20.02 33.71 -7.74
C LEU A 488 21.11 33.16 -8.66
N ASN A 489 21.14 31.84 -8.85
CA ASN A 489 22.11 31.16 -9.73
C ASN A 489 21.35 30.34 -10.79
N ALA A 490 21.89 30.22 -12.00
CA ALA A 490 21.22 29.47 -13.09
C ALA A 490 22.25 28.71 -13.92
N SER A 491 21.96 27.44 -14.25
CA SER A 491 22.89 26.60 -15.04
C SER A 491 22.09 25.60 -15.89
N GLY A 492 22.67 25.07 -16.97
CA GLY A 492 21.96 24.09 -17.81
C GLY A 492 22.64 23.85 -19.15
N LYS A 493 22.03 23.00 -19.99
CA LYS A 493 22.55 22.65 -21.34
C LYS A 493 21.53 23.06 -22.40
N HIS A 494 22.02 23.46 -23.60
CA HIS A 494 21.18 23.89 -24.75
C HIS A 494 20.28 25.06 -24.36
N VAL A 495 20.82 26.01 -23.59
CA VAL A 495 20.09 27.23 -23.14
C VAL A 495 20.89 28.46 -23.60
N ALA A 496 20.22 29.61 -23.72
CA ALA A 496 20.88 30.86 -24.16
C ALA A 496 21.83 31.40 -23.08
N ASP A 497 22.83 32.18 -23.48
CA ASP A 497 23.83 32.75 -22.53
C ASP A 497 23.08 33.65 -21.54
N SER A 498 22.14 34.45 -22.03
CA SER A 498 21.31 35.33 -21.16
C SER A 498 19.89 34.77 -21.12
N ILE A 499 19.37 34.48 -19.92
CA ILE A 499 18.01 33.88 -19.79
C ILE A 499 17.11 34.86 -19.03
N GLY A 500 15.94 35.18 -19.60
CA GLY A 500 14.99 36.09 -18.93
C GLY A 500 14.33 35.40 -17.74
N PHE A 501 14.25 36.09 -16.60
CA PHE A 501 13.60 35.50 -15.39
C PHE A 501 12.64 36.53 -14.79
N THR A 502 11.74 36.09 -13.90
CA THR A 502 10.79 37.06 -13.27
C THR A 502 10.80 36.97 -11.74
N VAL A 503 11.60 37.81 -11.07
CA VAL A 503 11.73 37.79 -9.59
C VAL A 503 10.55 38.55 -8.96
N GLU A 504 10.06 38.08 -7.80
CA GLU A 504 8.92 38.74 -7.11
C GLU A 504 9.07 38.57 -5.59
N LEU A 505 9.13 39.71 -4.88
CA LEU A 505 9.35 39.79 -3.45
C LEU A 505 8.11 40.36 -2.75
N GLN A 506 7.68 39.67 -1.70
CA GLN A 506 6.47 40.09 -0.94
C GLN A 506 6.84 40.34 0.53
N LEU A 507 6.40 41.48 1.07
CA LEU A 507 6.66 41.83 2.49
C LEU A 507 5.36 41.64 3.29
N ASP A 508 5.45 40.97 4.44
CA ASP A 508 4.28 40.67 5.30
C ASP A 508 3.24 39.90 4.48
N TRP A 509 3.68 38.80 3.84
CA TRP A 509 2.77 37.97 3.00
C TRP A 509 1.61 37.39 3.82
N GLN A 510 1.86 37.02 5.08
CA GLN A 510 0.81 36.43 5.95
C GLN A 510 -0.07 37.54 6.52
N LYS A 511 0.31 38.79 6.24
CA LYS A 511 -0.43 40.01 6.68
C LYS A 511 -1.01 40.69 5.44
N GLN A 512 -0.83 40.08 4.27
CA GLN A 512 -1.33 40.66 2.99
C GLN A 512 -2.80 40.29 2.77
N LYS A 513 -3.34 39.38 3.60
CA LYS A 513 -4.75 38.95 3.48
C LYS A 513 -5.66 39.92 4.21
N GLY A 514 -5.80 41.15 3.69
CA GLY A 514 -6.66 42.17 4.31
C GLY A 514 -6.04 42.76 5.56
N GLY A 515 -4.74 42.48 5.79
CA GLY A 515 -4.04 42.99 6.98
C GLY A 515 -3.18 44.19 6.65
N VAL A 516 -2.84 44.99 7.67
CA VAL A 516 -1.98 46.20 7.48
C VAL A 516 -0.54 45.73 7.20
N ARG A 517 -0.02 46.07 6.01
CA ARG A 517 1.36 45.67 5.61
C ARG A 517 2.38 46.47 6.43
N ARG A 518 3.13 45.78 7.31
CA ARG A 518 4.11 46.44 8.22
C ARG A 518 5.33 46.98 7.46
N ALA A 519 5.98 46.14 6.65
CA ALA A 519 7.20 46.53 5.92
C ALA A 519 6.88 46.78 4.44
N LEU A 520 7.46 47.83 3.87
CA LEU A 520 7.28 48.18 2.43
C LEU A 520 8.65 48.55 1.84
N PHE A 521 8.83 48.35 0.52
CA PHE A 521 10.10 48.74 -0.14
C PHE A 521 10.20 50.26 0.00
N LEU A 522 11.40 50.77 0.35
CA LEU A 522 11.60 52.22 0.56
C LEU A 522 11.63 52.98 -0.77
N ALA A 523 12.18 52.36 -1.82
CA ALA A 523 12.35 53.01 -3.14
C ALA A 523 11.02 53.22 -3.87
N SER A 524 10.15 52.20 -3.91
CA SER A 524 8.86 52.35 -4.66
C SER A 524 7.69 52.64 -3.71
N ARG A 525 7.95 52.64 -2.40
CA ARG A 525 6.90 52.88 -1.36
C ARG A 525 5.78 51.84 -1.49
N GLN A 526 6.14 50.58 -1.79
CA GLN A 526 5.13 49.48 -1.93
C GLN A 526 5.70 48.21 -1.29
N ALA A 527 4.83 47.29 -0.87
CA ALA A 527 5.26 46.05 -0.18
C ALA A 527 5.86 45.05 -1.18
N THR A 528 5.33 44.99 -2.39
CA THR A 528 5.77 44.01 -3.40
C THR A 528 6.77 44.62 -4.37
N LEU A 529 7.66 43.78 -4.91
CA LEU A 529 8.62 44.21 -5.92
C LEU A 529 8.93 43.10 -6.92
N THR A 530 8.33 43.22 -8.09
CA THR A 530 8.59 42.31 -9.21
C THR A 530 9.64 42.94 -10.13
N GLN A 531 10.43 42.10 -10.79
CA GLN A 531 11.63 42.57 -11.46
C GLN A 531 12.12 41.54 -12.47
N THR A 532 12.79 42.01 -13.51
CA THR A 532 13.44 41.12 -14.47
C THR A 532 14.93 41.07 -14.20
N LEU A 533 15.55 39.89 -14.36
CA LEU A 533 17.02 39.75 -14.16
C LEU A 533 17.65 38.80 -15.20
N LEU A 534 18.49 39.32 -16.10
CA LEU A 534 19.21 38.49 -17.06
C LEU A 534 20.33 37.80 -16.33
N ILE A 535 20.33 36.47 -16.36
CA ILE A 535 21.36 35.68 -15.63
C ILE A 535 22.13 34.77 -16.59
N GLN A 536 23.47 34.84 -16.53
CA GLN A 536 24.35 34.02 -17.39
C GLN A 536 24.39 32.59 -16.84
N ASN A 537 24.56 31.60 -17.72
CA ASN A 537 24.60 30.17 -17.30
C ASN A 537 25.82 29.91 -16.40
N GLY A 538 26.98 30.45 -16.76
CA GLY A 538 28.23 30.22 -15.99
C GLY A 538 28.55 31.34 -15.01
N ALA A 539 27.74 32.40 -14.99
CA ALA A 539 28.01 33.55 -14.09
C ALA A 539 27.73 33.17 -12.64
N ARG A 540 28.34 33.88 -11.69
CA ARG A 540 28.12 33.62 -10.25
C ARG A 540 26.77 34.19 -9.83
N GLU A 541 26.19 33.68 -8.74
CA GLU A 541 24.85 34.18 -8.32
C GLU A 541 24.96 35.69 -8.08
N ASP A 542 24.00 36.46 -8.60
CA ASP A 542 24.01 37.94 -8.43
C ASP A 542 22.95 38.31 -7.39
N CYS A 543 23.37 39.00 -6.32
CA CYS A 543 22.45 39.38 -5.23
C CYS A 543 22.13 40.88 -5.33
N ARG A 544 20.91 41.25 -5.73
CA ARG A 544 20.59 42.69 -5.79
C ARG A 544 20.21 43.16 -4.38
N GLU A 545 20.88 44.19 -3.87
CA GLU A 545 20.61 44.71 -2.51
C GLU A 545 19.47 45.74 -2.57
N MET A 546 18.47 45.58 -1.70
CA MET A 546 17.30 46.50 -1.63
C MET A 546 17.09 46.94 -0.19
N LYS A 547 16.36 48.05 0.02
CA LYS A 547 16.10 48.57 1.38
C LYS A 547 14.58 48.56 1.64
N ILE A 548 14.14 47.76 2.61
CA ILE A 548 12.68 47.67 2.97
C ILE A 548 12.50 48.39 4.31
N TYR A 549 11.59 49.38 4.36
CA TYR A 549 11.38 50.19 5.58
C TYR A 549 10.05 49.80 6.26
N LEU A 550 10.10 49.64 7.58
CA LEU A 550 8.88 49.33 8.36
C LEU A 550 8.19 50.66 8.68
N ARG A 551 6.86 50.66 8.80
CA ARG A 551 6.05 51.87 9.07
C ARG A 551 6.22 52.29 10.54
N ASN A 552 6.00 53.57 10.83
CA ASN A 552 6.10 54.11 12.21
C ASN A 552 4.83 54.91 12.50
N GLU A 553 3.71 54.20 12.60
CA GLU A 553 2.38 54.82 12.87
C GLU A 553 1.63 53.97 13.90
N SER A 554 0.67 54.57 14.61
CA SER A 554 -0.12 53.86 15.65
C SER A 554 -1.31 53.16 14.99
N GLU A 555 -1.35 53.15 13.65
CA GLU A 555 -2.46 52.53 12.87
C GLU A 555 -2.62 51.05 13.20
N PHE A 556 -1.54 50.26 13.11
CA PHE A 556 -1.64 48.80 13.40
C PHE A 556 -1.57 48.56 14.91
N ARG A 557 -2.64 47.97 15.46
CA ARG A 557 -2.76 47.67 16.91
C ARG A 557 -1.73 46.62 17.34
N ASP A 558 -1.52 45.58 16.53
CA ASP A 558 -0.59 44.48 16.88
C ASP A 558 0.65 44.48 15.99
N LYS A 559 1.83 44.40 16.60
CA LYS A 559 3.13 44.35 15.88
C LYS A 559 3.96 43.19 16.45
N LEU A 560 3.36 42.43 17.37
CA LEU A 560 4.05 41.29 18.06
C LEU A 560 4.51 40.23 17.03
N SER A 561 3.65 39.90 16.07
CA SER A 561 3.96 38.88 15.03
C SER A 561 5.11 39.34 14.14
N PRO A 562 6.11 38.47 13.84
CA PRO A 562 7.25 38.85 12.99
C PRO A 562 6.86 39.06 11.52
N ILE A 563 7.54 40.01 10.85
CA ILE A 563 7.28 40.32 9.41
C ILE A 563 7.71 39.12 8.57
N HIS A 564 6.95 38.82 7.50
CA HIS A 564 7.26 37.67 6.62
C HIS A 564 7.80 38.19 5.27
N ILE A 565 8.94 37.65 4.83
CA ILE A 565 9.58 38.06 3.55
C ILE A 565 9.59 36.85 2.61
N ALA A 566 8.82 36.93 1.52
CA ALA A 566 8.74 35.82 0.57
C ALA A 566 9.23 36.19 -0.82
N LEU A 567 10.18 35.41 -1.34
CA LEU A 567 10.73 35.64 -2.70
C LEU A 567 10.26 34.51 -3.63
N ASN A 568 9.54 34.85 -4.70
CA ASN A 568 9.04 33.81 -5.64
C ASN A 568 9.25 34.28 -7.08
N PHE A 569 9.97 33.43 -7.83
CA PHE A 569 10.38 33.67 -9.23
C PHE A 569 9.94 32.56 -10.20
N SER A 570 9.96 32.87 -11.51
CA SER A 570 9.58 31.85 -12.53
C SER A 570 10.21 32.27 -13.85
N LEU A 571 10.36 31.32 -14.78
CA LEU A 571 10.93 31.69 -16.11
C LEU A 571 9.99 32.71 -16.76
N ASP A 572 10.56 33.74 -17.41
CA ASP A 572 9.72 34.79 -18.05
C ASP A 572 8.84 34.13 -19.13
N PRO A 573 7.53 34.45 -19.20
CA PRO A 573 6.63 33.85 -20.18
C PRO A 573 7.01 34.19 -21.63
N GLN A 574 7.38 35.45 -21.88
CA GLN A 574 7.76 35.88 -23.25
C GLN A 574 9.25 35.57 -23.50
N ALA A 575 9.59 34.28 -23.60
CA ALA A 575 10.99 33.85 -23.83
C ALA A 575 11.40 34.28 -25.26
N PRO A 576 12.63 34.79 -25.47
CA PRO A 576 13.08 35.19 -26.81
C PRO A 576 13.14 33.98 -27.73
N VAL A 577 12.75 34.14 -29.00
CA VAL A 577 12.77 33.01 -29.97
C VAL A 577 14.22 32.55 -30.14
N ASP A 578 14.45 31.24 -30.18
CA ASP A 578 15.83 30.69 -30.32
C ASP A 578 15.96 30.03 -31.70
N SER A 579 17.20 29.84 -32.18
CA SER A 579 17.45 29.21 -33.50
C SER A 579 16.90 27.78 -33.49
N HIS A 580 17.10 27.06 -32.37
CA HIS A 580 16.60 25.67 -32.21
C HIS A 580 15.07 25.65 -32.28
N GLY A 581 14.42 26.67 -31.72
CA GLY A 581 12.94 26.75 -31.71
C GLY A 581 12.32 26.08 -30.50
N LEU A 582 13.16 25.61 -29.56
CA LEU A 582 12.64 24.97 -28.33
C LEU A 582 12.77 25.95 -27.16
N ARG A 583 11.64 26.25 -26.49
CA ARG A 583 11.62 27.21 -25.36
C ARG A 583 12.31 26.60 -24.13
N PRO A 584 12.92 27.42 -23.24
CA PRO A 584 13.59 26.92 -22.03
C PRO A 584 12.55 26.39 -21.02
N ALA A 585 12.96 25.41 -20.20
CA ALA A 585 12.05 24.82 -19.18
C ALA A 585 12.75 24.80 -17.82
N LEU A 586 11.95 24.77 -16.74
CA LEU A 586 12.50 24.75 -15.36
C LEU A 586 12.13 23.41 -14.70
N HIS A 587 13.11 22.74 -14.11
CA HIS A 587 12.88 21.43 -13.44
C HIS A 587 11.94 21.60 -12.24
N TYR A 588 11.01 20.65 -12.07
CA TYR A 588 10.01 20.67 -10.95
C TYR A 588 10.71 20.53 -9.59
N GLN A 589 11.78 19.72 -9.54
CA GLN A 589 12.52 19.46 -8.28
C GLN A 589 13.11 20.76 -7.73
N SER A 590 13.63 21.62 -8.61
CA SER A 590 14.23 22.91 -8.17
C SER A 590 13.15 23.78 -7.51
N LYS A 591 13.48 24.44 -6.40
CA LYS A 591 12.51 25.31 -5.68
C LYS A 591 12.82 26.78 -6.04
N SER A 592 11.81 27.50 -6.54
CA SER A 592 12.00 28.93 -6.92
C SER A 592 11.40 29.86 -5.88
N ARG A 593 11.23 29.37 -4.65
CA ARG A 593 10.61 30.18 -3.57
C ARG A 593 11.43 30.14 -2.26
N ILE A 594 11.91 31.29 -1.76
CA ILE A 594 12.62 31.23 -0.45
C ILE A 594 11.84 32.10 0.55
N GLU A 595 11.55 31.56 1.74
CA GLU A 595 10.76 32.28 2.77
C GLU A 595 11.65 32.62 3.97
N ASP A 596 11.63 33.88 4.41
CA ASP A 596 12.44 34.34 5.57
C ASP A 596 11.55 35.15 6.52
N LYS A 597 11.81 35.19 7.84
CA LYS A 597 11.05 35.99 8.83
C LYS A 597 11.98 36.96 9.57
N ALA A 598 11.54 38.22 9.76
CA ALA A 598 12.34 39.24 10.46
C ALA A 598 11.62 39.67 11.75
N GLN A 599 12.34 39.67 12.87
CA GLN A 599 11.75 40.05 14.19
C GLN A 599 12.41 41.33 14.70
N ILE A 600 11.59 42.32 15.08
CA ILE A 600 12.10 43.64 15.60
C ILE A 600 12.84 43.42 16.92
N LEU A 601 13.97 44.11 17.08
CA LEU A 601 14.78 43.99 18.33
C LEU A 601 14.02 44.67 19.47
N LEU A 602 13.59 43.90 20.48
CA LEU A 602 12.82 44.48 21.62
C LEU A 602 13.72 44.51 22.86
N ASP A 603 13.97 45.71 23.38
CA ASP A 603 14.79 45.95 24.61
C ASP A 603 16.22 45.40 24.44
N CYS A 604 16.77 45.47 23.21
CA CYS A 604 18.17 44.98 23.00
C CYS A 604 19.11 45.83 23.85
N GLY A 605 19.03 47.16 23.67
CA GLY A 605 19.86 48.13 24.41
C GLY A 605 19.69 49.53 23.87
N GLU A 606 20.49 50.49 24.36
CA GLU A 606 20.45 51.90 23.88
C GLU A 606 20.85 51.93 22.40
N ASP A 607 21.84 51.11 22.03
CA ASP A 607 22.36 51.00 20.63
C ASP A 607 21.60 49.89 19.89
N ASN A 608 20.60 49.29 20.52
CA ASN A 608 19.77 48.19 19.94
C ASN A 608 20.66 47.00 19.59
N ILE A 609 21.62 46.67 20.46
CA ILE A 609 22.54 45.52 20.24
C ILE A 609 22.20 44.43 21.26
N CYS A 610 21.98 43.20 20.79
CA CYS A 610 21.64 42.04 21.66
C CYS A 610 22.81 41.05 21.68
N VAL A 611 23.52 40.96 22.80
CA VAL A 611 24.73 40.07 22.90
C VAL A 611 24.71 39.34 24.25
N PRO A 612 24.27 38.06 24.31
CA PRO A 612 24.23 37.30 25.56
C PRO A 612 25.56 36.56 25.83
N ASP A 613 25.96 36.51 27.10
CA ASP A 613 27.21 35.81 27.52
C ASP A 613 26.84 34.75 28.56
N LEU A 614 26.23 33.65 28.11
CA LEU A 614 25.77 32.59 29.05
C LEU A 614 26.99 31.88 29.67
N GLN A 615 26.93 31.67 30.97
CA GLN A 615 27.94 30.97 31.73
C GLN A 615 27.31 29.74 32.33
N LEU A 616 28.04 28.61 32.31
CA LEU A 616 27.46 27.41 32.88
C LEU A 616 28.52 26.67 33.66
N GLU A 617 28.15 26.27 34.87
CA GLU A 617 29.03 25.48 35.78
C GLU A 617 28.19 24.32 36.34
N VAL A 618 28.60 23.08 36.09
CA VAL A 618 27.81 21.89 36.54
C VAL A 618 28.69 20.94 37.37
N PHE A 619 28.08 20.23 38.32
CA PHE A 619 28.75 19.22 39.18
C PHE A 619 27.79 18.03 39.36
N GLY A 620 28.28 16.94 39.95
CA GLY A 620 27.40 15.76 40.13
C GLY A 620 27.47 15.22 41.55
N GLU A 621 26.31 15.04 42.20
CA GLU A 621 26.31 14.54 43.55
C GLU A 621 26.06 13.08 43.46
N GLN A 622 26.55 12.34 44.47
CA GLN A 622 26.52 10.86 44.48
C GLN A 622 27.21 10.41 43.19
N ASN A 623 28.42 10.94 42.96
CA ASN A 623 29.26 10.72 41.76
C ASN A 623 29.62 9.24 41.61
N HIS A 624 29.94 8.55 42.70
CA HIS A 624 30.32 7.13 42.58
C HIS A 624 29.15 6.36 41.95
N VAL A 625 29.45 5.52 40.95
CA VAL A 625 28.38 4.74 40.25
C VAL A 625 28.58 3.25 40.58
N TYR A 626 27.58 2.65 41.22
CA TYR A 626 27.64 1.21 41.61
C TYR A 626 27.00 0.39 40.48
N LEU A 627 27.83 -0.29 39.68
CA LEU A 627 27.35 -1.12 38.55
C LEU A 627 26.39 -2.20 39.10
N GLY A 628 25.22 -2.32 38.47
CA GLY A 628 24.20 -3.30 38.90
C GLY A 628 23.30 -2.73 39.99
N ASP A 629 23.54 -1.49 40.41
CA ASP A 629 22.69 -0.88 41.45
C ASP A 629 21.78 0.15 40.79
N LYS A 630 20.66 0.51 41.42
CA LYS A 630 19.75 1.53 40.85
C LYS A 630 20.35 2.90 41.22
N ASN A 631 21.44 3.26 40.55
CA ASN A 631 22.19 4.52 40.84
C ASN A 631 21.31 5.74 40.58
N ALA A 632 21.30 6.69 41.52
CA ALA A 632 20.56 7.95 41.35
C ALA A 632 21.58 9.10 41.24
N LEU A 633 21.53 9.84 40.14
CA LEU A 633 22.49 10.97 39.92
C LEU A 633 21.70 12.27 39.75
N ASN A 634 21.86 13.20 40.70
CA ASN A 634 21.17 14.51 40.62
C ASN A 634 22.15 15.51 39.99
N LEU A 635 21.77 16.10 38.85
CA LEU A 635 22.66 17.06 38.16
C LEU A 635 22.50 18.44 38.81
N THR A 636 23.62 19.02 39.26
CA THR A 636 23.59 20.37 39.88
C THR A 636 24.29 21.34 38.92
N PHE A 637 23.54 22.29 38.34
CA PHE A 637 24.14 23.23 37.36
C PHE A 637 23.63 24.66 37.60
N HIS A 638 24.56 25.61 37.72
CA HIS A 638 24.22 27.04 37.92
C HIS A 638 24.43 27.76 36.57
N ALA A 639 23.34 28.19 35.93
CA ALA A 639 23.43 28.82 34.64
C ALA A 639 23.21 30.28 34.84
N GLN A 640 24.03 31.12 34.20
CA GLN A 640 23.85 32.57 34.39
C GLN A 640 24.19 33.33 33.11
N ASN A 641 23.61 34.52 32.93
CA ASN A 641 23.86 35.35 31.72
C ASN A 641 24.46 36.69 32.14
N VAL A 642 25.77 36.85 31.96
CA VAL A 642 26.49 38.12 32.30
C VAL A 642 26.48 39.04 31.08
N GLY A 643 25.91 38.54 29.97
CA GLY A 643 25.76 39.25 28.68
C GLY A 643 24.42 39.97 28.56
N GLU A 644 24.24 40.76 27.50
CA GLU A 644 22.98 41.53 27.26
C GLU A 644 21.84 40.60 26.81
N GLY A 645 20.61 41.11 26.89
CA GLY A 645 19.37 40.39 26.55
C GLY A 645 19.15 40.21 25.05
N GLY A 646 18.27 39.28 24.68
CA GLY A 646 17.97 38.95 23.27
C GLY A 646 18.25 37.50 22.95
N ALA A 647 18.64 36.72 23.95
CA ALA A 647 18.90 35.27 23.79
C ALA A 647 17.57 34.52 23.96
N TYR A 648 16.63 34.74 23.03
CA TYR A 648 15.27 34.15 23.04
C TYR A 648 15.34 32.61 23.08
N GLU A 649 14.39 32.00 23.80
CA GLU A 649 14.23 30.53 23.96
C GLU A 649 15.47 29.92 24.61
N ALA A 650 16.09 30.59 25.59
CA ALA A 650 17.22 30.01 26.24
C ALA A 650 16.81 28.68 26.77
N GLU A 651 17.71 27.70 26.70
CA GLU A 651 17.37 26.34 27.18
C GLU A 651 18.64 25.53 27.45
N LEU A 652 18.70 24.85 28.59
CA LEU A 652 19.86 23.99 28.94
C LEU A 652 19.50 22.55 28.56
N ARG A 653 20.28 21.95 27.66
CA ARG A 653 20.00 20.55 27.21
C ARG A 653 21.12 19.65 27.73
N VAL A 654 20.79 18.66 28.57
CA VAL A 654 21.89 17.78 29.07
C VAL A 654 21.86 16.48 28.26
N THR A 655 22.87 16.26 27.42
CA THR A 655 22.90 15.07 26.62
C THR A 655 23.18 13.93 27.54
N ALA A 656 22.26 12.93 27.57
CA ALA A 656 22.36 11.80 28.44
C ALA A 656 23.12 10.67 27.79
N PRO A 657 23.61 9.72 28.60
CA PRO A 657 24.22 8.50 28.08
C PRO A 657 23.06 7.58 27.63
N PRO A 658 23.34 6.41 27.03
CA PRO A 658 22.30 5.38 26.86
C PRO A 658 21.72 4.94 28.21
N GLU A 659 22.62 4.87 29.21
CA GLU A 659 22.34 4.41 30.59
C GLU A 659 21.41 5.40 31.33
N ALA A 660 21.82 6.67 31.44
CA ALA A 660 21.04 7.68 32.20
C ALA A 660 19.66 7.95 31.59
N GLU A 661 18.67 8.18 32.47
CA GLU A 661 17.26 8.50 32.10
C GLU A 661 16.80 9.67 32.96
N TYR A 662 16.02 10.60 32.40
CA TYR A 662 15.55 11.81 33.13
C TYR A 662 14.22 11.56 33.85
N SER A 663 14.11 12.06 35.09
CA SER A 663 12.87 11.94 35.91
C SER A 663 12.21 13.31 36.10
N GLY A 664 12.99 14.35 36.45
CA GLY A 664 12.44 15.70 36.67
C GLY A 664 13.52 16.72 37.02
N LEU A 665 13.15 18.01 37.01
CA LEU A 665 14.09 19.11 37.35
C LEU A 665 13.47 20.06 38.39
N VAL A 666 14.24 20.44 39.41
CA VAL A 666 13.78 21.38 40.47
C VAL A 666 14.76 22.57 40.52
N ARG A 667 14.25 23.80 40.47
CA ARG A 667 15.14 25.00 40.53
C ARG A 667 14.81 25.83 41.77
N HIS A 668 15.53 26.94 41.99
CA HIS A 668 15.33 27.79 43.19
C HIS A 668 14.53 29.05 42.86
N PRO A 669 14.51 29.53 41.60
CA PRO A 669 13.77 30.74 41.21
C PRO A 669 12.33 30.80 41.76
N GLY A 670 11.95 31.95 42.31
CA GLY A 670 10.60 32.14 42.89
C GLY A 670 9.48 32.04 41.86
N ASN A 671 9.69 32.59 40.66
CA ASN A 671 8.64 32.60 39.61
C ASN A 671 8.24 31.19 39.18
N PHE A 672 9.20 30.29 38.97
CA PHE A 672 8.85 28.90 38.55
C PHE A 672 9.50 27.86 39.48
N SER A 673 8.68 27.00 40.08
CA SER A 673 9.19 25.95 41.01
C SER A 673 9.86 24.84 40.19
N SER A 674 9.17 24.32 39.18
CA SER A 674 9.70 23.23 38.32
C SER A 674 9.83 23.72 36.88
N LEU A 675 11.07 23.86 36.39
CA LEU A 675 11.32 24.31 34.99
C LEU A 675 10.81 23.25 34.02
N SER A 676 10.11 23.68 32.97
CA SER A 676 9.50 22.78 31.96
C SER A 676 10.63 22.04 31.24
N CYS A 677 10.50 20.71 31.07
CA CYS A 677 11.54 19.90 30.39
C CYS A 677 10.87 18.88 29.45
N ASP A 678 11.16 18.92 28.14
CA ASP A 678 10.56 17.98 27.16
C ASP A 678 11.66 17.06 26.58
N TYR A 679 11.28 15.82 26.25
CA TYR A 679 12.21 14.80 25.68
C TYR A 679 12.56 15.16 24.23
N PHE A 680 13.79 14.87 23.81
CA PHE A 680 14.27 15.13 22.43
C PHE A 680 14.88 13.84 21.87
N ALA A 681 14.02 12.88 21.50
CA ALA A 681 14.40 11.55 20.97
C ALA A 681 15.12 11.66 19.61
N VAL A 682 14.83 12.70 18.82
CA VAL A 682 15.43 12.86 17.48
C VAL A 682 16.96 12.94 17.61
N ASN A 683 17.46 13.67 18.61
CA ASN A 683 18.93 13.79 18.84
C ASN A 683 19.53 12.38 18.96
N GLN A 684 20.63 12.10 18.25
CA GLN A 684 21.32 10.79 18.24
C GLN A 684 21.49 10.30 19.69
N SER A 685 21.93 11.20 20.57
CA SER A 685 22.09 10.90 22.02
C SER A 685 20.86 11.50 22.70
N ARG A 686 20.22 10.77 23.63
CA ARG A 686 19.02 11.28 24.33
C ARG A 686 19.34 12.66 24.94
N LEU A 687 18.57 13.69 24.57
CA LEU A 687 18.81 15.05 25.10
C LEU A 687 17.51 15.59 25.73
N LEU A 688 17.63 16.13 26.94
CA LEU A 688 16.49 16.72 27.68
C LEU A 688 16.62 18.24 27.58
N VAL A 689 15.57 18.93 27.12
CA VAL A 689 15.65 20.42 27.01
C VAL A 689 14.72 21.08 28.03
N CYS A 690 15.29 21.88 28.94
CA CYS A 690 14.52 22.63 29.96
C CYS A 690 14.64 24.11 29.59
N ASP A 691 13.52 24.80 29.41
CA ASP A 691 13.59 26.22 29.00
C ASP A 691 13.96 27.13 30.18
N LEU A 692 15.10 27.82 30.11
CA LEU A 692 15.46 28.71 31.24
C LEU A 692 14.37 29.79 31.37
N GLY A 693 13.99 30.37 30.23
CA GLY A 693 12.94 31.42 30.21
C GLY A 693 12.59 31.81 28.78
N ASN A 694 11.46 32.51 28.59
CA ASN A 694 11.04 32.95 27.24
C ASN A 694 12.00 34.04 26.76
N PRO A 695 11.95 35.27 27.32
CA PRO A 695 12.86 36.35 26.94
C PRO A 695 14.11 36.29 27.83
N MET A 696 15.30 36.38 27.24
CA MET A 696 16.57 36.34 28.00
C MET A 696 16.65 37.57 28.91
N LYS A 697 17.11 37.38 30.16
CA LYS A 697 17.25 38.50 31.14
C LYS A 697 18.71 38.59 31.57
N ALA A 698 19.36 39.72 31.30
CA ALA A 698 20.77 39.93 31.68
C ALA A 698 20.89 39.84 33.21
N GLY A 699 21.81 39.00 33.70
CA GLY A 699 22.01 38.82 35.15
C GLY A 699 21.07 37.77 35.73
N ALA A 700 20.23 37.15 34.89
CA ALA A 700 19.32 36.09 35.37
C ALA A 700 20.11 34.80 35.57
N SER A 701 20.33 34.42 36.83
CA SER A 701 21.10 33.27 37.18
C SER A 701 20.14 32.24 37.66
N LEU A 702 20.22 31.03 37.09
CA LEU A 702 19.26 29.96 37.50
C LEU A 702 20.01 28.67 37.89
N TRP A 703 19.89 28.29 39.16
CA TRP A 703 20.50 27.03 39.68
C TRP A 703 19.49 25.90 39.43
N GLY A 704 19.87 24.91 38.61
CA GLY A 704 18.92 23.83 38.26
C GLY A 704 19.30 22.50 38.87
N GLY A 705 18.35 21.84 39.55
CA GLY A 705 18.59 20.52 40.14
C GLY A 705 17.85 19.44 39.36
N LEU A 706 18.59 18.66 38.57
CA LEU A 706 17.97 17.61 37.71
C LEU A 706 18.27 16.20 38.24
N ARG A 707 17.23 15.43 38.57
CA ARG A 707 17.39 14.04 39.08
C ARG A 707 17.34 13.08 37.91
N PHE A 708 18.41 12.30 37.70
CA PHE A 708 18.46 11.34 36.57
C PHE A 708 18.59 9.90 37.07
N THR A 709 17.67 9.02 36.64
CA THR A 709 17.70 7.57 37.00
C THR A 709 18.78 6.88 36.15
N VAL A 710 19.31 5.74 36.60
CA VAL A 710 20.40 5.08 35.83
C VAL A 710 20.06 3.62 35.50
N PRO A 711 19.09 3.33 34.60
CA PRO A 711 18.80 1.95 34.17
C PRO A 711 20.11 1.29 33.70
N HIS A 712 20.36 0.05 34.15
CA HIS A 712 21.60 -0.75 33.95
C HIS A 712 22.15 -0.56 32.53
N LEU A 713 23.47 -0.29 32.47
CA LEU A 713 24.23 -0.14 31.19
C LEU A 713 25.69 -0.54 31.45
N ARG A 714 25.99 -1.84 31.34
CA ARG A 714 27.37 -2.37 31.60
C ARG A 714 28.22 -2.29 30.33
N ASP A 715 27.64 -1.86 29.21
CA ASP A 715 28.35 -1.79 27.91
C ASP A 715 29.09 -0.45 27.75
N THR A 716 28.97 0.46 28.73
CA THR A 716 29.64 1.79 28.61
C THR A 716 31.16 1.60 28.52
N LYS A 717 31.72 0.74 29.38
CA LYS A 717 33.16 0.36 29.45
C LYS A 717 34.08 1.55 29.81
N LYS A 718 33.55 2.57 30.49
CA LYS A 718 34.31 3.79 30.90
C LYS A 718 33.40 4.67 31.77
N THR A 719 33.94 5.76 32.32
CA THR A 719 33.13 6.69 33.16
C THR A 719 32.09 7.38 32.27
N ILE A 720 30.80 7.23 32.60
CA ILE A 720 29.68 7.83 31.82
C ILE A 720 29.96 9.33 31.55
N GLN A 721 29.75 9.76 30.30
CA GLN A 721 30.02 11.18 29.93
C GLN A 721 28.70 11.95 29.78
N PHE A 722 28.50 12.97 30.63
CA PHE A 722 27.30 13.83 30.60
C PHE A 722 27.73 15.22 30.11
N ASP A 723 27.13 15.73 29.03
CA ASP A 723 27.51 17.05 28.48
C ASP A 723 26.43 18.08 28.81
N PHE A 724 26.84 19.19 29.44
CA PHE A 724 25.92 20.29 29.83
C PHE A 724 26.27 21.56 29.05
N GLN A 725 25.28 22.15 28.38
CA GLN A 725 25.50 23.39 27.59
C GLN A 725 24.22 24.25 27.62
N ILE A 726 24.36 25.56 27.36
CA ILE A 726 23.20 26.50 27.37
C ILE A 726 23.01 26.95 25.92
N LEU A 727 21.79 26.80 25.37
CA LEU A 727 21.59 27.15 23.99
C LEU A 727 20.62 28.27 23.87
N SER A 728 20.84 29.13 22.86
CA SER A 728 20.00 30.32 22.59
C SER A 728 19.77 30.48 21.08
N LYS A 729 18.74 31.23 20.71
CA LYS A 729 18.38 31.46 19.27
C LYS A 729 19.03 32.75 18.77
N ASN A 730 19.86 33.39 19.60
CA ASN A 730 20.54 34.68 19.23
C ASN A 730 21.50 34.47 18.06
N LEU A 731 21.62 35.49 17.20
CA LEU A 731 22.50 35.45 16.00
C LEU A 731 23.97 35.30 16.39
N ASN A 732 24.42 36.02 17.43
CA ASN A 732 25.85 36.01 17.83
C ASN A 732 25.98 35.62 19.31
N ASN A 733 27.01 34.81 19.63
CA ASN A 733 27.29 34.36 21.02
C ASN A 733 26.06 33.67 21.59
N SER A 734 25.42 32.82 20.77
CA SER A 734 24.23 32.12 21.17
C SER A 734 24.44 31.14 22.28
N GLN A 735 25.57 30.39 22.28
CA GLN A 735 25.68 29.31 23.22
C GLN A 735 26.75 29.53 24.22
N SER A 736 26.57 28.90 25.39
CA SER A 736 27.53 28.96 26.52
C SER A 736 28.63 27.91 26.29
N ASP A 737 29.75 28.03 27.00
CA ASP A 737 30.87 27.05 26.85
C ASP A 737 30.34 25.67 27.28
N VAL A 738 30.64 24.64 26.48
CA VAL A 738 30.18 23.25 26.78
C VAL A 738 30.89 22.73 28.04
N VAL A 739 30.13 22.09 28.93
CA VAL A 739 30.68 21.52 30.20
C VAL A 739 30.47 20.00 30.17
N SER A 740 31.57 19.24 30.17
CA SER A 740 31.51 17.76 30.12
C SER A 740 31.87 17.21 31.50
N PHE A 741 30.95 16.46 32.12
CA PHE A 741 31.18 15.88 33.46
C PHE A 741 31.30 14.36 33.31
N ARG A 742 32.40 13.79 33.81
CA ARG A 742 32.62 12.32 33.73
C ARG A 742 32.25 11.70 35.07
N LEU A 743 31.33 10.73 35.06
CA LEU A 743 30.89 10.05 36.31
C LEU A 743 31.57 8.68 36.37
N SER A 744 32.43 8.48 37.37
CA SER A 744 33.16 7.19 37.52
C SER A 744 32.17 6.06 37.87
N VAL A 745 32.31 4.91 37.21
CA VAL A 745 31.42 3.74 37.45
C VAL A 745 32.27 2.59 38.00
N GLU A 746 32.15 2.31 39.30
CA GLU A 746 32.92 1.23 39.96
C GLU A 746 32.00 0.31 40.77
N ALA A 747 31.81 -0.92 40.32
CA ALA A 747 30.92 -1.88 41.02
C ALA A 747 31.46 -2.17 42.42
N GLN A 748 30.57 -2.19 43.43
CA GLN A 748 30.95 -2.45 44.84
C GLN A 748 30.03 -3.55 45.41
N ALA A 749 30.60 -4.46 46.21
CA ALA A 749 29.77 -5.54 46.79
C ALA A 749 29.79 -5.45 48.33
N GLN A 750 28.79 -6.06 48.96
CA GLN A 750 28.66 -6.08 50.45
C GLN A 750 27.98 -7.39 50.87
N VAL A 751 28.77 -8.34 51.37
CA VAL A 751 28.22 -9.64 51.83
C VAL A 751 28.16 -9.60 53.36
N THR A 752 26.98 -9.85 53.92
CA THR A 752 26.81 -9.90 55.38
C THR A 752 26.93 -11.35 55.84
N LEU A 753 27.28 -11.57 57.11
CA LEU A 753 27.42 -12.95 57.66
C LEU A 753 26.70 -13.00 59.02
N ASN A 754 25.64 -13.80 59.15
CA ASN A 754 24.93 -13.86 60.45
C ASN A 754 24.74 -15.32 60.87
N GLY A 755 25.10 -15.63 62.12
CA GLY A 755 25.02 -17.01 62.67
C GLY A 755 24.33 -17.09 64.02
N VAL A 756 23.47 -18.11 64.21
CA VAL A 756 22.77 -18.34 65.50
C VAL A 756 22.64 -19.86 65.71
N SER A 757 22.48 -20.28 66.96
CA SER A 757 22.36 -21.73 67.31
C SER A 757 20.95 -22.00 67.84
N LYS A 758 20.30 -23.06 67.36
CA LYS A 758 18.92 -23.42 67.77
C LYS A 758 18.88 -23.74 69.27
N PRO A 759 19.84 -24.52 69.81
CA PRO A 759 19.85 -24.85 71.25
C PRO A 759 20.01 -23.61 72.13
N GLU A 760 20.87 -22.67 71.71
CA GLU A 760 21.11 -21.42 72.49
C GLU A 760 20.17 -20.33 71.97
N ASP A 780 16.19 -41.57 70.46
CA ASP A 780 17.51 -41.15 69.94
C ASP A 780 18.22 -40.28 70.99
N LEU A 781 19.33 -40.78 71.54
CA LEU A 781 20.09 -40.14 72.64
C LEU A 781 20.66 -38.78 72.22
N GLY A 782 20.64 -37.80 73.13
CA GLY A 782 21.20 -36.47 72.87
C GLY A 782 20.18 -35.51 72.25
N PRO A 783 19.94 -34.33 72.84
CA PRO A 783 19.00 -33.35 72.28
C PRO A 783 19.58 -32.76 70.98
N ALA A 784 18.71 -32.41 70.04
CA ALA A 784 19.15 -31.84 68.74
C ALA A 784 19.84 -30.49 68.95
N VAL A 785 20.95 -30.27 68.23
CA VAL A 785 21.73 -29.00 68.29
C VAL A 785 21.82 -28.46 66.87
N HIS A 786 21.34 -27.23 66.65
CA HIS A 786 21.33 -26.65 65.27
C HIS A 786 22.21 -25.40 65.21
N HIS A 787 23.18 -25.41 64.29
CA HIS A 787 24.08 -24.25 64.04
C HIS A 787 23.83 -23.78 62.60
N VAL A 788 23.37 -22.53 62.43
CA VAL A 788 23.00 -22.06 61.06
C VAL A 788 23.77 -20.76 60.73
N TYR A 789 24.67 -20.83 59.75
CA TYR A 789 25.44 -19.64 59.30
C TYR A 789 24.89 -19.15 57.96
N GLU A 790 24.44 -17.90 57.91
CA GLU A 790 23.84 -17.35 56.66
C GLU A 790 24.61 -16.13 56.14
N LEU A 791 24.90 -16.13 54.83
CA LEU A 791 25.59 -15.01 54.14
C LEU A 791 24.62 -14.41 53.12
N ILE A 792 24.43 -13.08 53.17
CA ILE A 792 23.47 -12.41 52.24
C ILE A 792 24.20 -11.31 51.46
N ASN A 793 24.17 -11.38 50.12
CA ASN A 793 24.84 -10.33 49.32
C ASN A 793 23.94 -9.09 49.25
N GLN A 794 23.97 -8.26 50.31
CA GLN A 794 23.15 -7.02 50.37
C GLN A 794 23.59 -6.10 49.22
N GLY A 795 24.90 -6.01 48.99
CA GLY A 795 25.45 -5.19 47.90
C GLY A 795 24.87 -5.60 46.56
N PRO A 796 24.57 -4.65 45.65
CA PRO A 796 23.98 -4.97 44.33
C PRO A 796 24.87 -5.78 43.37
N SER A 797 26.18 -5.75 43.60
CA SER A 797 27.16 -6.44 42.72
C SER A 797 27.32 -7.91 43.12
N SER A 798 26.77 -8.83 42.31
CA SER A 798 26.87 -10.29 42.58
C SER A 798 28.32 -10.74 42.34
N ILE A 799 28.88 -11.53 43.26
CA ILE A 799 30.30 -11.99 43.14
C ILE A 799 30.35 -13.51 43.02
N SER A 800 31.00 -14.01 41.97
CA SER A 800 31.20 -15.46 41.71
C SER A 800 32.34 -16.02 42.58
N GLN A 801 32.42 -17.35 42.68
CA GLN A 801 33.48 -18.09 43.42
C GLN A 801 33.54 -17.71 44.91
N GLY A 802 32.38 -17.55 45.56
CA GLY A 802 32.37 -17.27 47.02
C GLY A 802 32.80 -18.51 47.79
N VAL A 803 33.81 -18.40 48.66
CA VAL A 803 34.28 -19.56 49.35
C VAL A 803 34.02 -19.39 50.82
N LEU A 804 33.39 -20.39 51.42
CA LEU A 804 33.01 -20.27 52.84
C LEU A 804 33.66 -21.38 53.66
N GLU A 805 34.37 -21.07 54.75
CA GLU A 805 35.04 -22.18 55.51
C GLU A 805 34.33 -22.46 56.84
N LEU A 806 33.54 -23.54 56.92
CA LEU A 806 32.78 -23.89 58.15
C LEU A 806 33.57 -24.93 58.97
N SER A 807 33.65 -24.74 60.29
CA SER A 807 34.40 -25.71 61.15
C SER A 807 33.94 -25.67 62.62
N CYS A 808 33.56 -26.84 63.15
CA CYS A 808 33.15 -27.05 64.56
C CYS A 808 34.26 -27.82 65.30
N PRO A 809 34.13 -28.12 66.60
CA PRO A 809 35.18 -28.81 67.38
C PRO A 809 35.02 -30.33 67.53
N GLN A 810 34.40 -30.99 66.55
CA GLN A 810 34.25 -32.46 66.62
C GLN A 810 34.57 -33.06 65.25
N ALA A 811 35.09 -34.29 65.25
CA ALA A 811 35.51 -35.04 64.04
C ALA A 811 34.39 -36.02 63.65
N LEU A 812 33.22 -35.88 64.31
CA LEU A 812 32.01 -36.73 64.09
C LEU A 812 32.36 -38.20 64.38
N GLU A 813 33.15 -38.44 65.42
CA GLU A 813 33.54 -39.82 65.84
C GLU A 813 32.72 -40.22 67.07
N GLY A 814 32.96 -41.41 67.60
CA GLY A 814 32.22 -41.88 68.79
C GLY A 814 32.72 -41.24 70.07
N GLN A 815 34.04 -41.19 70.24
CA GLN A 815 34.63 -40.52 71.44
C GLN A 815 34.34 -39.01 71.33
N GLN A 816 33.86 -38.58 70.16
CA GLN A 816 33.53 -37.16 69.88
C GLN A 816 32.24 -36.78 70.64
N LEU A 817 32.27 -35.65 71.35
CA LEU A 817 31.09 -35.16 72.11
C LEU A 817 29.95 -34.82 71.15
N LEU A 818 30.26 -34.22 70.00
CA LEU A 818 29.21 -33.83 69.02
C LEU A 818 29.28 -34.76 67.79
N TYR A 819 28.16 -34.92 67.09
CA TYR A 819 28.06 -35.82 65.91
C TYR A 819 27.37 -35.11 64.74
N VAL A 820 28.14 -34.33 63.97
CA VAL A 820 27.62 -33.62 62.76
C VAL A 820 26.86 -34.61 61.88
N THR A 821 25.63 -34.28 61.48
CA THR A 821 24.82 -35.19 60.64
C THR A 821 24.95 -34.83 59.16
N ARG A 822 24.75 -33.55 58.81
CA ARG A 822 24.77 -33.01 57.41
C ARG A 822 24.74 -31.48 57.39
N VAL A 823 25.05 -30.91 56.21
CA VAL A 823 25.13 -29.44 55.90
C VAL A 823 24.53 -29.16 54.51
N THR A 824 23.56 -28.23 54.37
CA THR A 824 22.94 -28.01 53.03
C THR A 824 22.64 -26.54 52.76
N GLY A 825 22.24 -26.25 51.52
CA GLY A 825 21.92 -24.90 51.01
C GLY A 825 23.08 -24.37 50.18
N LEU A 826 24.26 -24.96 50.30
CA LEU A 826 25.40 -24.65 49.38
C LEU A 826 26.22 -25.94 49.29
N ASN A 827 26.78 -26.21 48.10
CA ASN A 827 27.61 -27.43 47.91
C ASN A 827 28.83 -27.30 48.82
N CYS A 828 29.18 -28.38 49.54
CA CYS A 828 30.35 -28.30 50.46
C CYS A 828 30.98 -29.68 50.62
N THR A 829 32.32 -29.73 50.60
CA THR A 829 33.08 -31.00 50.75
C THR A 829 33.77 -31.01 52.13
N THR A 830 33.57 -32.09 52.89
CA THR A 830 34.17 -32.23 54.25
C THR A 830 35.33 -33.23 54.18
N ASN A 831 36.44 -32.93 54.85
CA ASN A 831 37.63 -33.83 54.85
C ASN A 831 37.23 -35.17 55.47
N HIS A 832 36.45 -35.13 56.56
CA HIS A 832 35.97 -36.38 57.23
C HIS A 832 34.59 -36.73 56.71
N PRO A 833 34.16 -38.01 56.76
CA PRO A 833 32.83 -38.40 56.27
C PRO A 833 31.73 -37.53 56.91
N ILE A 834 31.03 -36.73 56.09
CA ILE A 834 29.93 -35.86 56.59
C ILE A 834 28.82 -36.76 57.18
N ASN A 835 28.52 -37.87 56.49
CA ASN A 835 27.49 -38.83 56.95
C ASN A 835 28.17 -40.12 57.40
N PRO A 836 28.29 -40.40 58.72
CA PRO A 836 28.96 -41.61 59.20
C PRO A 836 28.31 -42.89 58.65
N LYS A 837 26.98 -42.99 58.75
CA LYS A 837 26.23 -44.19 58.26
C LYS A 837 24.97 -43.81 57.48
N GLY A 838 23.95 -43.28 58.17
CA GLY A 838 22.65 -42.96 57.52
C GLY A 838 22.07 -41.62 57.93
N LEU A 839 21.13 -41.12 57.12
CA LEU A 839 20.45 -39.80 57.36
C LEU A 839 19.62 -39.87 58.65
N GLU A 840 19.91 -38.98 59.60
CA GLU A 840 19.18 -38.96 60.90
C GLU A 840 17.87 -38.17 60.72
N GLY A 864 35.48 -23.29 85.15
CA GLY A 864 34.05 -23.18 85.10
C GLY A 864 33.61 -23.83 83.83
N PRO A 865 32.85 -23.10 83.06
CA PRO A 865 32.33 -23.63 81.84
C PRO A 865 33.45 -24.17 81.01
N GLN A 866 33.28 -25.38 80.43
CA GLN A 866 34.33 -25.90 79.63
C GLN A 866 34.09 -25.38 78.26
N ILE A 867 35.15 -24.83 77.61
CA ILE A 867 34.91 -24.31 76.30
C ILE A 867 35.38 -25.32 75.31
N LEU A 868 34.43 -25.98 74.64
CA LEU A 868 34.78 -26.94 73.57
C LEU A 868 34.95 -26.15 72.27
N LYS A 869 36.20 -25.98 71.81
CA LYS A 869 36.46 -25.17 70.58
C LYS A 869 37.33 -25.97 69.60
N CYS A 870 37.23 -25.64 68.31
CA CYS A 870 37.93 -26.32 67.19
C CYS A 870 39.38 -26.66 67.57
N PRO A 871 40.24 -25.69 67.95
CA PRO A 871 41.65 -25.97 68.28
C PRO A 871 41.89 -27.01 69.39
N GLU A 872 40.99 -27.08 70.37
CA GLU A 872 41.14 -28.00 71.53
C GLU A 872 41.12 -29.48 71.11
N ALA A 873 40.22 -29.86 70.19
CA ALA A 873 40.08 -31.27 69.77
C ALA A 873 40.38 -31.43 68.28
N GLU A 874 39.94 -32.54 67.68
CA GLU A 874 40.12 -32.77 66.23
C GLU A 874 38.99 -32.04 65.48
N CYS A 875 39.35 -31.04 64.68
CA CYS A 875 38.34 -30.24 63.92
C CYS A 875 37.87 -31.02 62.68
N PHE A 876 36.73 -30.62 62.13
CA PHE A 876 36.12 -31.25 60.92
C PHE A 876 35.81 -30.13 59.92
N ARG A 877 36.87 -29.52 59.38
CA ARG A 877 36.74 -28.38 58.43
C ARG A 877 36.15 -28.86 57.11
N LEU A 878 35.22 -28.10 56.55
CA LEU A 878 34.59 -28.41 55.23
C LEU A 878 34.62 -27.13 54.38
N ARG A 879 35.32 -27.17 53.24
CA ARG A 879 35.43 -25.95 52.39
C ARG A 879 34.35 -26.00 51.30
N CYS A 880 33.49 -24.99 51.27
CA CYS A 880 32.37 -24.94 50.27
C CYS A 880 32.72 -23.99 49.13
N GLU A 881 31.89 -23.96 48.08
CA GLU A 881 32.09 -23.07 46.91
C GLU A 881 30.72 -22.78 46.28
N LEU A 882 30.43 -21.50 46.05
CA LEU A 882 29.15 -21.06 45.43
C LEU A 882 29.48 -20.18 44.21
N GLY A 883 29.10 -20.64 43.01
CA GLY A 883 29.38 -19.89 41.77
C GLY A 883 28.22 -18.99 41.38
N PRO A 884 26.98 -19.52 41.21
CA PRO A 884 25.83 -18.69 40.83
C PRO A 884 25.38 -17.77 41.98
N LEU A 885 25.58 -16.46 41.81
CA LEU A 885 25.17 -15.47 42.84
C LEU A 885 24.39 -14.35 42.15
N HIS A 886 23.48 -13.71 42.88
CA HIS A 886 22.64 -12.62 42.32
C HIS A 886 22.31 -11.60 43.43
N GLN A 887 21.81 -10.42 43.03
CA GLN A 887 21.42 -9.36 44.01
C GLN A 887 20.29 -9.92 44.89
N GLN A 888 20.40 -9.70 46.21
CA GLN A 888 19.39 -10.12 47.24
C GLN A 888 19.32 -11.65 47.35
N GLU A 889 20.37 -12.38 46.96
CA GLU A 889 20.39 -13.86 47.09
C GLU A 889 20.85 -14.22 48.50
N SER A 890 20.21 -15.22 49.13
CA SER A 890 20.56 -15.62 50.52
C SER A 890 21.23 -16.99 50.54
N GLN A 891 22.45 -17.03 51.08
CA GLN A 891 23.23 -18.29 51.24
C GLN A 891 23.13 -18.70 52.72
N SER A 892 22.60 -19.88 53.01
CA SER A 892 22.43 -20.31 54.42
C SER A 892 22.88 -21.76 54.58
N LEU A 893 23.89 -22.00 55.42
CA LEU A 893 24.41 -23.38 55.64
C LEU A 893 23.96 -23.87 57.01
N GLN A 894 23.12 -24.90 57.03
CA GLN A 894 22.57 -25.47 58.29
C GLN A 894 23.47 -26.62 58.72
N LEU A 895 24.11 -26.48 59.89
CA LEU A 895 24.94 -27.56 60.47
C LEU A 895 24.17 -28.12 61.66
N HIS A 896 23.94 -29.43 61.67
CA HIS A 896 23.12 -30.07 62.73
C HIS A 896 23.93 -31.19 63.39
N PHE A 897 24.86 -30.82 64.29
CA PHE A 897 25.70 -31.81 65.00
C PHE A 897 25.04 -32.19 66.33
N ARG A 898 24.58 -33.44 66.43
CA ARG A 898 23.88 -33.95 67.65
C ARG A 898 24.88 -34.20 68.78
N VAL A 899 24.41 -34.32 70.02
CA VAL A 899 25.32 -34.52 71.18
C VAL A 899 25.41 -36.01 71.52
N TRP A 900 26.64 -36.53 71.54
CA TRP A 900 26.91 -37.96 71.89
C TRP A 900 26.70 -38.12 73.40
N ALA A 901 25.65 -38.86 73.76
CA ALA A 901 25.23 -39.11 75.16
C ALA A 901 26.34 -39.75 75.99
N LYS A 902 27.12 -40.67 75.40
CA LYS A 902 28.12 -41.36 76.16
C LYS A 902 29.22 -40.41 76.51
N THR A 903 29.64 -39.60 75.54
CA THR A 903 30.72 -38.62 75.78
C THR A 903 30.31 -37.68 76.92
N PHE A 904 29.14 -37.06 76.78
CA PHE A 904 28.59 -36.13 77.81
C PHE A 904 28.65 -36.82 79.18
N LEU A 905 28.21 -38.08 79.22
CA LEU A 905 28.21 -38.91 80.45
C LEU A 905 29.63 -39.04 81.01
N GLN A 906 30.65 -38.85 80.17
CA GLN A 906 32.05 -38.93 80.65
C GLN A 906 32.24 -37.84 81.71
N ARG A 907 31.71 -36.64 81.46
CA ARG A 907 31.75 -35.53 82.45
C ARG A 907 30.32 -35.34 82.99
N GLU A 908 30.03 -35.93 84.15
CA GLU A 908 28.67 -35.91 84.76
C GLU A 908 28.20 -34.49 85.12
N HIS A 909 29.07 -33.65 85.70
CA HIS A 909 28.62 -32.29 86.09
C HIS A 909 29.59 -31.20 85.61
N GLN A 910 29.65 -30.98 84.30
CA GLN A 910 30.52 -29.92 83.72
C GLN A 910 29.71 -29.11 82.71
N PRO A 911 29.70 -27.76 82.75
CA PRO A 911 28.97 -26.96 81.76
C PRO A 911 29.80 -26.92 80.47
N PHE A 912 29.24 -27.35 79.34
CA PHE A 912 29.99 -27.37 78.06
C PHE A 912 29.51 -26.25 77.13
N SER A 913 30.43 -25.57 76.45
CA SER A 913 30.04 -24.51 75.56
C SER A 913 30.62 -24.83 74.21
N LEU A 914 29.77 -25.32 73.31
CA LEU A 914 30.19 -25.70 71.93
C LEU A 914 30.42 -24.43 71.12
N GLN A 915 31.54 -24.34 70.40
CA GLN A 915 31.82 -23.12 69.59
C GLN A 915 32.25 -23.50 68.16
N CYS A 916 31.59 -22.92 67.16
CA CYS A 916 31.91 -23.16 65.73
C CYS A 916 32.16 -21.81 65.03
N GLU A 917 33.27 -21.70 64.29
CA GLU A 917 33.63 -20.43 63.62
C GLU A 917 33.54 -20.60 62.09
N ALA A 918 33.66 -19.49 61.35
CA ALA A 918 33.53 -19.52 59.88
C ALA A 918 34.12 -18.26 59.24
N VAL A 919 35.00 -18.41 58.24
CA VAL A 919 35.53 -17.25 57.57
C VAL A 919 35.06 -17.32 56.16
N TYR A 920 34.94 -16.17 55.45
CA TYR A 920 34.58 -16.28 54.07
C TYR A 920 35.20 -15.18 53.26
N LYS A 921 35.25 -15.36 51.92
CA LYS A 921 35.81 -14.38 51.03
C LYS A 921 35.17 -14.55 49.67
N ALA A 922 35.54 -13.63 48.77
CA ALA A 922 35.06 -13.56 47.36
C ALA A 922 36.28 -13.39 46.44
N LEU A 923 36.59 -14.42 45.63
CA LEU A 923 37.80 -14.40 44.76
C LEU A 923 37.75 -13.31 43.68
N LYS A 924 36.65 -13.18 42.94
CA LYS A 924 36.57 -12.16 41.85
C LYS A 924 35.12 -11.84 41.47
N MET A 925 34.89 -10.69 40.82
CA MET A 925 33.52 -10.27 40.43
C MET A 925 33.42 -10.15 38.90
N PRO A 926 32.24 -10.43 38.29
CA PRO A 926 32.08 -10.36 36.83
C PRO A 926 31.73 -8.95 36.32
N TYR A 927 32.72 -8.05 36.29
CA TYR A 927 32.54 -6.67 35.80
C TYR A 927 33.75 -6.28 34.94
N ARG A 928 33.60 -5.32 34.03
CA ARG A 928 34.76 -4.93 33.17
C ARG A 928 35.82 -4.26 34.06
N ILE A 929 35.38 -3.40 34.99
CA ILE A 929 36.29 -2.68 35.93
C ILE A 929 35.84 -2.93 37.37
N LEU A 930 36.77 -3.31 38.24
CA LEU A 930 36.46 -3.57 39.67
C LEU A 930 37.53 -2.91 40.56
N PRO A 931 37.63 -1.55 40.58
CA PRO A 931 38.63 -0.86 41.40
C PRO A 931 38.14 -0.58 42.83
N ARG A 932 37.67 -1.62 43.53
CA ARG A 932 37.18 -1.49 44.93
C ARG A 932 37.62 -2.70 45.75
N GLN A 933 37.25 -2.74 47.03
CA GLN A 933 37.64 -3.87 47.92
C GLN A 933 36.64 -5.02 47.80
N LEU A 934 37.14 -6.25 47.65
CA LEU A 934 36.29 -7.46 47.54
C LEU A 934 35.76 -7.82 48.93
N PRO A 935 34.43 -7.99 49.11
CA PRO A 935 33.85 -8.32 50.41
C PRO A 935 34.44 -9.58 51.07
N GLN A 936 34.71 -9.47 52.38
CA GLN A 936 35.25 -10.52 53.19
C GLN A 936 34.71 -10.34 54.59
N LYS A 937 34.77 -11.40 55.44
CA LYS A 937 34.32 -11.34 56.82
C LYS A 937 34.49 -12.67 57.48
N GLU A 938 34.10 -12.75 58.78
CA GLU A 938 34.19 -13.95 59.58
C GLU A 938 33.04 -13.95 60.56
N ARG A 939 32.75 -15.12 61.19
CA ARG A 939 31.68 -15.19 62.16
C ARG A 939 31.90 -16.38 63.07
N GLN A 940 31.50 -16.25 64.34
CA GLN A 940 31.57 -17.36 65.34
C GLN A 940 30.15 -17.65 65.84
N VAL A 941 29.92 -18.84 66.43
CA VAL A 941 28.58 -19.24 66.95
C VAL A 941 28.82 -20.03 68.24
N ALA A 942 28.00 -19.79 69.28
CA ALA A 942 28.26 -20.49 70.53
C ALA A 942 27.01 -21.22 70.95
N THR A 943 27.18 -22.34 71.68
CA THR A 943 26.05 -23.08 72.18
C THR A 943 26.40 -23.59 73.54
N ALA A 944 25.68 -23.13 74.59
CA ALA A 944 25.96 -23.60 75.93
C ALA A 944 25.13 -24.80 76.23
N VAL A 945 25.62 -25.65 77.13
CA VAL A 945 24.87 -26.88 77.55
C VAL A 945 24.80 -26.84 79.08
N GLN A 946 23.60 -26.98 79.65
CA GLN A 946 23.43 -26.97 81.12
C GLN A 946 22.70 -28.24 81.57
N TRP A 947 22.73 -28.53 82.88
CA TRP A 947 22.07 -29.73 83.45
C TRP A 947 21.62 -29.43 84.89
N ASP B 3 -12.59 14.31 26.16
CA ASP B 3 -13.62 14.87 25.25
C ASP B 3 -13.07 14.90 23.83
N GLU B 4 -11.87 14.36 23.63
CA GLU B 4 -11.22 14.35 22.28
C GLU B 4 -12.06 13.50 21.30
N ASN B 5 -12.46 14.10 20.17
CA ASN B 5 -13.26 13.41 19.13
C ASN B 5 -13.09 14.17 17.81
N ARG B 6 -13.53 13.57 16.69
CA ARG B 6 -13.39 14.20 15.35
C ARG B 6 -14.20 15.50 15.30
N CYS B 7 -15.43 15.47 15.83
CA CYS B 7 -16.33 16.65 15.86
C CYS B 7 -15.61 17.83 16.52
N LEU B 8 -15.06 17.62 17.72
CA LEU B 8 -14.34 18.69 18.45
C LEU B 8 -13.12 19.12 17.62
N LYS B 9 -12.40 18.15 17.05
CA LYS B 9 -11.20 18.43 16.21
C LYS B 9 -11.63 19.23 14.98
N ALA B 10 -12.79 18.88 14.40
CA ALA B 10 -13.31 19.55 13.18
C ALA B 10 -13.66 21.02 13.45
N ASN B 11 -13.89 21.39 14.72
CA ASN B 11 -14.25 22.80 15.06
C ASN B 11 -15.43 23.23 14.20
N ALA B 12 -16.51 22.42 14.23
CA ALA B 12 -17.74 22.62 13.43
C ALA B 12 -18.31 24.04 13.52
N LYS B 13 -18.30 24.75 12.39
CA LYS B 13 -18.84 26.14 12.29
C LYS B 13 -20.35 26.17 12.52
N SER B 14 -21.09 25.20 11.97
CA SER B 14 -22.58 25.18 12.12
C SER B 14 -23.07 23.81 12.59
N CYS B 15 -24.37 23.68 12.85
CA CYS B 15 -24.95 22.39 13.33
C CYS B 15 -24.63 21.30 12.30
N GLY B 16 -24.85 21.61 11.02
CA GLY B 16 -24.62 20.65 9.92
C GLY B 16 -23.27 19.99 10.03
N GLU B 17 -22.25 20.66 10.58
CA GLU B 17 -20.90 20.03 10.64
C GLU B 17 -20.81 19.01 11.80
N CYS B 18 -21.49 19.26 12.92
CA CYS B 18 -21.51 18.30 14.05
C CYS B 18 -22.00 16.93 13.55
N ILE B 19 -23.09 16.87 12.77
CA ILE B 19 -23.64 15.59 12.22
C ILE B 19 -22.65 15.03 11.19
N GLN B 20 -22.16 15.89 10.28
CA GLN B 20 -21.22 15.43 9.23
C GLN B 20 -19.93 14.91 9.88
N ALA B 21 -19.41 15.62 10.89
CA ALA B 21 -18.17 15.20 11.59
C ALA B 21 -18.35 13.86 12.31
N GLY B 22 -19.44 13.72 13.08
CA GLY B 22 -19.74 12.49 13.84
C GLY B 22 -21.23 12.37 14.14
N PRO B 23 -21.86 11.20 13.89
CA PRO B 23 -23.30 11.03 14.14
C PRO B 23 -23.66 11.13 15.63
N ASN B 24 -22.79 10.58 16.49
CA ASN B 24 -23.02 10.59 17.97
C ASN B 24 -23.04 12.05 18.47
N CYS B 25 -22.13 12.88 17.95
CA CYS B 25 -22.05 14.31 18.37
C CYS B 25 -23.35 15.04 18.02
N GLY B 26 -23.88 15.80 18.99
CA GLY B 26 -25.13 16.57 18.81
C GLY B 26 -24.90 18.06 19.02
N TRP B 27 -25.64 18.88 18.26
CA TRP B 27 -25.46 20.36 18.32
C TRP B 27 -26.61 20.99 19.10
N CYS B 28 -26.31 21.67 20.21
CA CYS B 28 -27.38 22.32 21.01
C CYS B 28 -27.57 23.73 20.45
N THR B 29 -28.76 24.02 19.92
CA THR B 29 -29.05 25.37 19.37
C THR B 29 -28.94 26.39 20.50
N ASN B 30 -29.47 26.06 21.67
CA ASN B 30 -29.47 26.98 22.84
C ASN B 30 -28.03 27.33 23.22
N SER B 31 -27.15 26.33 23.30
CA SER B 31 -25.73 26.53 23.67
C SER B 31 -25.63 27.39 24.94
N THR B 32 -26.58 27.23 25.86
CA THR B 32 -26.59 28.00 27.14
C THR B 32 -25.34 27.64 27.95
N PHE B 33 -25.00 26.34 27.97
CA PHE B 33 -23.82 25.83 28.70
C PHE B 33 -22.55 26.42 28.07
N LEU B 34 -22.54 26.52 26.73
CA LEU B 34 -21.37 27.05 25.99
C LEU B 34 -21.10 28.50 26.40
N GLN B 35 -19.83 28.81 26.68
CA GLN B 35 -19.40 30.19 27.06
C GLN B 35 -19.39 31.07 25.81
N GLU B 36 -19.74 32.35 25.96
CA GLU B 36 -19.75 33.31 24.82
C GLU B 36 -18.40 33.25 24.10
N GLY B 37 -17.31 33.36 24.87
CA GLY B 37 -15.94 33.30 24.32
C GLY B 37 -15.70 32.01 23.54
N MET B 38 -16.15 30.88 24.08
CA MET B 38 -15.97 29.55 23.41
C MET B 38 -16.64 29.58 22.03
N PRO B 39 -16.02 28.99 20.98
CA PRO B 39 -16.58 28.99 19.62
C PRO B 39 -17.68 27.94 19.38
N THR B 40 -18.10 27.81 18.11
CA THR B 40 -19.17 26.87 17.71
C THR B 40 -18.75 25.42 17.96
N SER B 41 -17.44 25.15 17.97
CA SER B 41 -16.93 23.77 18.22
C SER B 41 -17.43 23.25 19.58
N ALA B 42 -17.40 24.09 20.61
CA ALA B 42 -17.80 23.70 21.98
C ALA B 42 -19.29 23.33 22.05
N ARG B 43 -20.09 23.77 21.07
CA ARG B 43 -21.55 23.44 21.05
C ARG B 43 -21.71 21.95 20.75
N CYS B 44 -20.98 21.47 19.74
CA CYS B 44 -21.01 20.05 19.29
C CYS B 44 -20.43 19.16 20.38
N ASP B 45 -21.18 18.11 20.78
CA ASP B 45 -20.69 17.19 21.85
C ASP B 45 -21.37 15.82 21.67
N ASP B 46 -20.70 14.75 22.11
CA ASP B 46 -21.23 13.37 21.96
C ASP B 46 -22.51 13.23 22.78
N LEU B 47 -23.48 12.46 22.29
CA LEU B 47 -24.76 12.24 23.00
C LEU B 47 -24.46 11.78 24.43
N GLU B 48 -23.58 10.80 24.59
CA GLU B 48 -23.20 10.27 25.94
C GLU B 48 -22.53 11.41 26.72
N ALA B 49 -21.65 12.16 26.03
CA ALA B 49 -20.91 13.29 26.64
C ALA B 49 -21.89 14.40 27.07
N LEU B 50 -22.91 14.68 26.26
CA LEU B 50 -23.88 15.75 26.58
C LEU B 50 -24.58 15.41 27.90
N LYS B 51 -24.91 14.13 28.09
CA LYS B 51 -25.54 13.58 29.32
C LYS B 51 -24.57 13.78 30.49
N LYS B 52 -23.26 13.74 30.20
CA LYS B 52 -22.21 13.92 31.23
C LYS B 52 -22.41 15.29 31.88
N LYS B 53 -22.81 16.28 31.07
CA LYS B 53 -23.09 17.66 31.54
C LYS B 53 -24.26 17.59 32.54
N GLY B 54 -25.22 16.71 32.27
CA GLY B 54 -26.42 16.55 33.11
C GLY B 54 -27.57 17.42 32.64
N CYS B 55 -27.35 18.16 31.55
CA CYS B 55 -28.40 19.03 30.95
C CYS B 55 -28.73 18.51 29.55
N PRO B 56 -30.01 18.23 29.23
CA PRO B 56 -30.38 17.73 27.90
C PRO B 56 -31.06 18.83 27.08
N PRO B 57 -30.61 19.12 25.84
CA PRO B 57 -31.21 20.17 25.02
C PRO B 57 -32.19 19.58 23.99
N ASP B 58 -33.48 19.97 24.09
CA ASP B 58 -34.54 19.52 23.15
C ASP B 58 -34.23 20.06 21.75
N ASP B 59 -33.74 21.30 21.68
CA ASP B 59 -33.44 21.97 20.39
C ASP B 59 -32.38 21.20 19.60
N ILE B 60 -31.33 20.71 20.27
CA ILE B 60 -30.27 19.96 19.53
C ILE B 60 -30.94 18.86 18.68
N GLU B 61 -30.48 18.70 17.44
CA GLU B 61 -31.07 17.70 16.51
C GLU B 61 -30.06 16.58 16.25
N ASN B 62 -30.51 15.33 16.40
CA ASN B 62 -29.65 14.14 16.16
C ASN B 62 -30.40 13.18 15.23
N PRO B 63 -30.51 13.50 13.92
CA PRO B 63 -31.23 12.66 12.97
C PRO B 63 -30.58 11.28 12.80
N ARG B 64 -31.40 10.22 12.68
CA ARG B 64 -30.91 8.83 12.52
C ARG B 64 -31.46 8.26 11.20
N GLY B 65 -30.60 7.66 10.38
CA GLY B 65 -31.01 7.08 9.09
C GLY B 65 -32.00 5.95 9.28
N SER B 66 -33.03 5.88 8.42
CA SER B 66 -34.07 4.82 8.51
C SER B 66 -34.30 4.19 7.13
N LYS B 67 -34.82 2.95 7.11
CA LYS B 67 -35.07 2.23 5.84
C LYS B 67 -36.58 2.02 5.66
N ASP B 68 -37.11 2.39 4.50
CA ASP B 68 -38.56 2.24 4.18
C ASP B 68 -38.70 1.45 2.87
N ILE B 69 -39.90 0.92 2.62
CA ILE B 69 -40.17 0.12 1.38
C ILE B 69 -41.39 0.71 0.67
N LYS B 70 -41.25 0.99 -0.63
CA LYS B 70 -42.37 1.55 -1.43
C LYS B 70 -43.53 0.55 -1.53
N LYS B 71 -43.22 -0.71 -1.88
CA LYS B 71 -44.28 -1.75 -2.02
C LYS B 71 -43.81 -3.08 -1.42
N ASN B 72 -44.76 -3.95 -1.04
CA ASN B 72 -44.43 -5.27 -0.45
C ASN B 72 -45.28 -6.35 -1.14
N LYS B 73 -44.98 -6.66 -2.41
CA LYS B 73 -45.72 -7.69 -3.19
C LYS B 73 -45.37 -9.09 -2.66
N ASN B 74 -46.28 -10.05 -2.82
CA ASN B 74 -46.03 -11.44 -2.33
C ASN B 74 -45.94 -12.41 -3.51
N VAL B 75 -44.84 -13.15 -3.59
CA VAL B 75 -44.60 -14.17 -4.66
C VAL B 75 -45.57 -15.34 -4.44
N THR B 76 -46.05 -15.95 -5.52
CA THR B 76 -46.99 -17.10 -5.43
C THR B 76 -46.29 -18.25 -4.69
N ASN B 77 -47.01 -18.92 -3.79
CA ASN B 77 -46.42 -20.03 -3.00
C ASN B 77 -47.11 -21.36 -3.37
N ARG B 78 -46.30 -22.35 -3.76
CA ARG B 78 -46.67 -23.77 -4.12
C ARG B 78 -47.25 -23.88 -5.54
N SER B 79 -47.36 -22.74 -6.25
CA SER B 79 -47.91 -22.72 -7.63
C SER B 79 -49.23 -23.49 -7.69
N LYS B 80 -50.16 -23.17 -6.79
CA LYS B 80 -51.49 -23.84 -6.73
C LYS B 80 -52.61 -22.86 -7.07
N GLY B 81 -53.50 -23.27 -7.98
CA GLY B 81 -54.65 -22.45 -8.42
C GLY B 81 -54.43 -21.77 -9.75
N THR B 82 -55.51 -21.42 -10.43
CA THR B 82 -55.49 -20.75 -11.77
C THR B 82 -54.86 -19.36 -11.67
N ALA B 83 -55.16 -18.62 -10.59
CA ALA B 83 -54.64 -17.24 -10.41
C ALA B 83 -53.10 -17.25 -10.34
N GLU B 84 -52.54 -18.22 -9.62
CA GLU B 84 -51.06 -18.32 -9.50
C GLU B 84 -50.45 -18.60 -10.89
N LYS B 85 -49.36 -17.91 -11.22
CA LYS B 85 -48.64 -18.03 -12.52
C LYS B 85 -49.61 -17.80 -13.69
N LEU B 86 -50.48 -16.78 -13.57
CA LEU B 86 -51.45 -16.43 -14.63
C LEU B 86 -50.71 -15.93 -15.88
N LYS B 87 -49.68 -15.10 -15.68
CA LYS B 87 -48.91 -14.51 -16.81
C LYS B 87 -47.46 -14.31 -16.37
N PRO B 88 -46.50 -14.07 -17.30
CA PRO B 88 -45.10 -13.87 -16.93
C PRO B 88 -44.94 -12.56 -16.14
N GLU B 89 -45.52 -11.48 -16.65
CA GLU B 89 -45.46 -10.13 -16.00
C GLU B 89 -46.20 -10.19 -14.65
N ASP B 90 -47.33 -10.90 -14.61
CA ASP B 90 -48.20 -10.98 -13.41
C ASP B 90 -47.44 -11.60 -12.21
N ILE B 91 -46.65 -12.65 -12.44
CA ILE B 91 -45.93 -13.32 -11.32
C ILE B 91 -44.52 -12.75 -11.16
N HIS B 92 -44.19 -12.29 -9.95
CA HIS B 92 -42.85 -11.72 -9.65
C HIS B 92 -42.16 -12.57 -8.58
N GLN B 93 -41.03 -13.21 -8.92
CA GLN B 93 -40.30 -14.06 -7.95
C GLN B 93 -39.84 -13.20 -6.77
N ILE B 94 -39.26 -12.03 -7.05
CA ILE B 94 -38.75 -11.10 -6.00
C ILE B 94 -39.94 -10.53 -5.20
N GLN B 95 -39.82 -10.51 -3.86
CA GLN B 95 -40.89 -9.98 -2.98
C GLN B 95 -40.93 -8.44 -3.07
N PRO B 96 -39.91 -7.72 -2.57
CA PRO B 96 -39.90 -6.25 -2.62
C PRO B 96 -39.43 -5.74 -4.00
N GLN B 97 -40.33 -5.13 -4.76
CA GLN B 97 -39.98 -4.58 -6.11
C GLN B 97 -38.94 -3.48 -5.95
N GLN B 98 -39.11 -2.61 -4.94
CA GLN B 98 -38.14 -1.49 -4.74
C GLN B 98 -38.13 -1.05 -3.27
N LEU B 99 -37.08 -0.34 -2.82
CA LEU B 99 -37.12 0.10 -1.41
C LEU B 99 -36.55 1.53 -1.30
N VAL B 100 -36.92 2.23 -0.22
CA VAL B 100 -36.43 3.63 0.02
C VAL B 100 -35.79 3.68 1.41
N LEU B 101 -34.57 4.22 1.50
CA LEU B 101 -33.84 4.31 2.81
C LEU B 101 -33.18 5.69 2.95
N ARG B 102 -32.84 6.06 4.19
CA ARG B 102 -32.15 7.34 4.51
C ARG B 102 -30.72 7.01 4.97
N LEU B 103 -29.73 7.67 4.39
CA LEU B 103 -28.30 7.39 4.73
C LEU B 103 -27.76 8.43 5.72
N ARG B 104 -27.25 7.93 6.87
CA ARG B 104 -26.63 8.80 7.91
C ARG B 104 -25.15 8.41 8.04
N SER B 105 -24.26 9.39 7.99
CA SER B 105 -22.79 9.11 8.09
C SER B 105 -22.46 8.38 9.39
N GLY B 106 -21.71 7.27 9.30
CA GLY B 106 -21.31 6.48 10.48
C GLY B 106 -22.36 5.46 10.88
N GLU B 107 -23.47 5.36 10.14
CA GLU B 107 -24.52 4.37 10.48
C GLU B 107 -24.75 3.42 9.31
N PRO B 108 -24.58 2.09 9.50
CA PRO B 108 -24.81 1.08 8.44
C PRO B 108 -26.30 0.87 8.22
N GLN B 109 -26.70 0.49 6.99
CA GLN B 109 -28.13 0.25 6.65
C GLN B 109 -28.27 -1.09 5.92
N THR B 110 -29.03 -2.03 6.51
CA THR B 110 -29.21 -3.38 5.92
C THR B 110 -30.71 -3.71 5.80
N PHE B 111 -31.12 -4.36 4.70
CA PHE B 111 -32.53 -4.78 4.47
C PHE B 111 -32.57 -6.29 4.21
N THR B 112 -33.77 -6.88 4.23
CA THR B 112 -33.92 -8.35 4.02
C THR B 112 -34.63 -8.60 2.68
N LEU B 113 -33.99 -9.35 1.78
CA LEU B 113 -34.58 -9.67 0.46
C LEU B 113 -34.98 -11.15 0.46
N LYS B 114 -36.25 -11.43 0.18
CA LYS B 114 -36.76 -12.83 0.16
C LYS B 114 -36.83 -13.33 -1.29
N PHE B 115 -36.06 -14.38 -1.59
CA PHE B 115 -36.03 -14.97 -2.96
C PHE B 115 -36.48 -16.43 -2.89
N LYS B 116 -37.44 -16.81 -3.74
CA LYS B 116 -37.97 -18.20 -3.79
C LYS B 116 -38.05 -18.64 -5.27
N ARG B 117 -37.48 -19.81 -5.59
CA ARG B 117 -37.48 -20.31 -6.99
C ARG B 117 -38.92 -20.62 -7.45
N ALA B 118 -39.27 -20.18 -8.67
CA ALA B 118 -40.58 -20.45 -9.27
C ALA B 118 -40.59 -21.90 -9.77
N GLU B 119 -41.60 -22.69 -9.37
CA GLU B 119 -41.68 -24.12 -9.76
C GLU B 119 -41.81 -24.26 -11.28
N ASP B 120 -42.61 -23.40 -11.91
CA ASP B 120 -42.82 -23.50 -13.39
C ASP B 120 -42.23 -22.28 -14.09
N TYR B 121 -41.43 -22.51 -15.13
CA TYR B 121 -40.78 -21.44 -15.93
C TYR B 121 -40.39 -21.98 -17.30
N PRO B 122 -40.92 -21.42 -18.42
CA PRO B 122 -40.59 -21.90 -19.77
C PRO B 122 -39.10 -21.81 -20.14
N ILE B 123 -38.63 -22.70 -21.01
CA ILE B 123 -37.21 -22.71 -21.45
C ILE B 123 -37.11 -22.57 -22.97
N ASP B 124 -36.24 -21.67 -23.45
CA ASP B 124 -35.97 -21.51 -24.90
C ASP B 124 -34.60 -22.11 -25.14
N LEU B 125 -34.43 -22.91 -26.21
CA LEU B 125 -33.11 -23.55 -26.40
C LEU B 125 -32.57 -23.25 -27.80
N TYR B 126 -31.56 -22.39 -27.90
CA TYR B 126 -30.93 -22.08 -29.21
C TYR B 126 -29.69 -22.95 -29.37
N TYR B 127 -29.71 -23.86 -30.35
CA TYR B 127 -28.57 -24.81 -30.54
C TYR B 127 -27.61 -24.31 -31.63
N LEU B 128 -26.39 -23.95 -31.22
CA LEU B 128 -25.32 -23.50 -32.14
C LEU B 128 -24.45 -24.73 -32.39
N MET B 129 -24.45 -25.26 -33.61
CA MET B 129 -23.67 -26.49 -33.92
C MET B 129 -22.58 -26.19 -34.95
N ASP B 130 -21.35 -26.65 -34.68
CA ASP B 130 -20.21 -26.46 -35.62
C ASP B 130 -20.53 -27.22 -36.90
N LEU B 131 -20.40 -26.54 -38.04
CA LEU B 131 -20.73 -27.14 -39.36
C LEU B 131 -19.45 -27.69 -40.00
N SER B 132 -18.43 -27.98 -39.19
CA SER B 132 -17.13 -28.51 -39.67
C SER B 132 -17.29 -29.95 -40.17
N TYR B 133 -16.40 -30.39 -41.06
CA TYR B 133 -16.46 -31.74 -41.70
C TYR B 133 -16.37 -32.85 -40.64
N SER B 134 -15.59 -32.63 -39.59
CA SER B 134 -15.45 -33.60 -38.46
C SER B 134 -16.79 -33.77 -37.72
N MET B 135 -17.59 -32.70 -37.65
CA MET B 135 -18.91 -32.69 -36.94
C MET B 135 -20.05 -33.18 -37.84
N LYS B 136 -19.75 -33.57 -39.09
CA LYS B 136 -20.76 -34.06 -40.07
C LYS B 136 -21.70 -35.06 -39.39
N ASP B 137 -21.15 -36.20 -38.95
CA ASP B 137 -21.84 -37.28 -38.20
C ASP B 137 -22.81 -36.65 -37.19
N ASP B 138 -22.38 -35.56 -36.54
CA ASP B 138 -23.22 -34.84 -35.54
C ASP B 138 -24.48 -34.30 -36.21
N LEU B 139 -24.36 -33.73 -37.42
CA LEU B 139 -25.56 -33.15 -38.10
C LEU B 139 -26.65 -34.21 -38.31
N GLU B 140 -26.29 -35.41 -38.76
CA GLU B 140 -27.35 -36.43 -39.01
C GLU B 140 -28.12 -36.70 -37.71
N ASN B 141 -27.40 -36.84 -36.60
CA ASN B 141 -28.04 -37.08 -35.28
C ASN B 141 -28.86 -35.86 -34.84
N VAL B 142 -28.37 -34.65 -35.13
CA VAL B 142 -29.08 -33.40 -34.71
C VAL B 142 -30.42 -33.28 -35.43
N LYS B 143 -30.60 -33.99 -36.55
CA LYS B 143 -31.89 -33.92 -37.28
C LYS B 143 -32.95 -34.69 -36.49
N SER B 144 -32.60 -35.86 -35.95
CA SER B 144 -33.56 -36.69 -35.17
C SER B 144 -33.51 -36.30 -33.69
N LEU B 145 -32.61 -35.37 -33.33
CA LEU B 145 -32.45 -34.93 -31.91
C LEU B 145 -33.63 -34.03 -31.50
N GLY B 146 -33.94 -33.00 -32.30
CA GLY B 146 -35.02 -32.05 -31.98
C GLY B 146 -36.31 -32.72 -31.53
N THR B 147 -36.75 -33.79 -32.20
CA THR B 147 -38.02 -34.45 -31.79
C THR B 147 -37.86 -35.05 -30.38
N ASP B 148 -36.71 -35.71 -30.13
CA ASP B 148 -36.43 -36.33 -28.81
C ASP B 148 -36.32 -35.24 -27.74
N LEU B 149 -35.67 -34.12 -28.08
CA LEU B 149 -35.45 -32.99 -27.12
C LEU B 149 -36.80 -32.47 -26.62
N MET B 150 -37.69 -32.10 -27.53
CA MET B 150 -39.03 -31.56 -27.19
C MET B 150 -39.71 -32.43 -26.13
N ASN B 151 -39.74 -33.75 -26.33
CA ASN B 151 -40.44 -34.68 -25.40
C ASN B 151 -39.79 -34.63 -24.02
N GLU B 152 -38.46 -34.67 -23.95
CA GLU B 152 -37.72 -34.64 -22.65
C GLU B 152 -37.95 -33.29 -21.96
N MET B 153 -37.89 -32.19 -22.72
CA MET B 153 -38.05 -30.84 -22.13
C MET B 153 -39.49 -30.57 -21.69
N ARG B 154 -40.47 -31.25 -22.30
CA ARG B 154 -41.90 -31.04 -21.89
C ARG B 154 -42.06 -31.39 -20.41
N ARG B 155 -41.43 -32.48 -19.96
CA ARG B 155 -41.51 -32.87 -18.53
C ARG B 155 -40.87 -31.77 -17.68
N ILE B 156 -39.71 -31.27 -18.13
CA ILE B 156 -38.95 -30.19 -17.42
C ILE B 156 -39.77 -28.89 -17.39
N THR B 157 -40.39 -28.54 -18.52
CA THR B 157 -41.20 -27.30 -18.59
C THR B 157 -42.33 -27.47 -19.61
N SER B 158 -43.54 -27.04 -19.24
CA SER B 158 -44.71 -27.13 -20.11
C SER B 158 -44.62 -26.23 -21.34
N ASP B 159 -43.57 -25.39 -21.43
CA ASP B 159 -43.34 -24.51 -22.62
C ASP B 159 -41.87 -24.59 -23.03
N PHE B 160 -41.56 -25.33 -24.10
CA PHE B 160 -40.17 -25.48 -24.61
C PHE B 160 -40.11 -25.09 -26.10
N ARG B 161 -39.12 -24.28 -26.46
CA ARG B 161 -38.92 -23.82 -27.87
C ARG B 161 -37.53 -24.24 -28.37
N ILE B 162 -37.46 -24.81 -29.58
CA ILE B 162 -36.16 -25.27 -30.15
C ILE B 162 -35.77 -24.40 -31.35
N GLY B 163 -34.52 -23.93 -31.37
CA GLY B 163 -33.98 -23.08 -32.45
C GLY B 163 -32.63 -23.59 -32.90
N PHE B 164 -32.36 -23.59 -34.21
CA PHE B 164 -31.06 -24.13 -34.71
C PHE B 164 -30.18 -23.00 -35.28
N GLY B 165 -28.92 -22.96 -34.82
CA GLY B 165 -27.92 -21.98 -35.28
C GLY B 165 -26.70 -22.68 -35.84
N SER B 166 -26.20 -22.20 -36.99
CA SER B 166 -25.01 -22.82 -37.65
C SER B 166 -23.89 -21.78 -37.83
N PHE B 167 -22.85 -21.87 -37.01
CA PHE B 167 -21.69 -20.94 -37.05
C PHE B 167 -20.43 -21.70 -37.46
N VAL B 168 -19.71 -21.18 -38.45
CA VAL B 168 -18.46 -21.86 -38.93
C VAL B 168 -17.25 -20.99 -38.62
N GLU B 169 -16.98 -19.99 -39.46
CA GLU B 169 -15.83 -19.06 -39.31
C GLU B 169 -15.91 -17.86 -40.24
N LYS B 170 -15.21 -16.77 -39.89
CA LYS B 170 -15.23 -15.53 -40.71
C LYS B 170 -14.47 -15.78 -42.02
N THR B 171 -15.02 -15.35 -43.15
CA THR B 171 -14.37 -15.53 -44.47
C THR B 171 -13.15 -14.60 -44.56
N VAL B 172 -11.97 -15.16 -44.83
CA VAL B 172 -10.70 -14.38 -44.94
C VAL B 172 -9.72 -15.16 -45.83
N MET B 173 -8.66 -14.51 -46.31
CA MET B 173 -7.71 -15.28 -47.16
C MET B 173 -7.03 -16.38 -46.33
N PRO B 174 -6.52 -16.09 -45.11
CA PRO B 174 -5.84 -17.09 -44.27
C PRO B 174 -6.67 -18.21 -43.63
N TYR B 175 -7.80 -17.88 -43.00
CA TYR B 175 -8.63 -18.89 -42.32
C TYR B 175 -9.13 -19.94 -43.33
N ILE B 176 -9.72 -19.49 -44.44
CA ILE B 176 -10.34 -20.39 -45.44
C ILE B 176 -9.57 -20.25 -46.77
N SER B 177 -9.34 -21.35 -47.47
CA SER B 177 -8.57 -21.36 -48.75
C SER B 177 -9.14 -20.33 -49.72
N THR B 178 -8.31 -19.35 -50.11
CA THR B 178 -8.70 -18.27 -51.06
C THR B 178 -9.02 -18.86 -52.44
N THR B 179 -8.26 -19.88 -52.86
CA THR B 179 -8.43 -20.53 -54.19
C THR B 179 -9.91 -20.77 -54.49
N PRO B 180 -10.45 -20.27 -55.62
CA PRO B 180 -11.86 -20.41 -55.97
C PRO B 180 -12.38 -21.87 -55.99
N ALA B 181 -11.55 -22.82 -56.41
CA ALA B 181 -12.00 -24.23 -56.49
C ALA B 181 -12.37 -24.73 -55.08
N LYS B 182 -11.51 -24.45 -54.09
CA LYS B 182 -11.78 -24.86 -52.69
C LYS B 182 -13.00 -24.10 -52.14
N LEU B 183 -13.11 -22.82 -52.51
CA LEU B 183 -14.24 -21.95 -52.05
C LEU B 183 -15.57 -22.69 -52.25
N ARG B 184 -15.83 -23.17 -53.47
CA ARG B 184 -17.08 -23.89 -53.78
C ARG B 184 -17.31 -25.02 -52.75
N ASN B 185 -16.27 -25.78 -52.41
CA ASN B 185 -16.39 -26.90 -51.44
C ASN B 185 -15.10 -26.98 -50.60
N PRO B 186 -15.16 -26.74 -49.28
CA PRO B 186 -13.96 -26.79 -48.42
C PRO B 186 -13.26 -28.16 -48.43
N CYS B 187 -14.04 -29.23 -48.62
CA CYS B 187 -13.48 -30.61 -48.62
C CYS B 187 -13.04 -30.99 -50.04
N THR B 188 -12.67 -32.26 -50.22
CA THR B 188 -12.19 -32.79 -51.53
C THR B 188 -13.30 -32.81 -52.59
N SER B 189 -12.90 -32.89 -53.87
CA SER B 189 -13.84 -32.87 -55.02
C SER B 189 -14.80 -34.06 -54.96
N GLU B 190 -14.31 -35.24 -54.58
CA GLU B 190 -15.17 -36.45 -54.51
C GLU B 190 -16.28 -36.22 -53.47
N GLN B 191 -15.94 -35.60 -52.34
CA GLN B 191 -16.94 -35.34 -51.26
C GLN B 191 -17.82 -34.14 -51.64
N ASN B 192 -18.95 -33.99 -50.95
CA ASN B 192 -19.88 -32.85 -51.21
C ASN B 192 -19.94 -31.96 -49.97
N CYS B 193 -19.35 -30.76 -50.04
CA CYS B 193 -19.36 -29.83 -48.88
C CYS B 193 -19.84 -28.44 -49.32
N THR B 194 -20.76 -27.85 -48.57
CA THR B 194 -21.31 -26.51 -48.89
C THR B 194 -20.27 -25.43 -48.60
N THR B 195 -20.37 -24.28 -49.26
CA THR B 195 -19.40 -23.17 -49.08
C THR B 195 -19.42 -22.73 -47.61
N PRO B 196 -18.26 -22.47 -46.96
CA PRO B 196 -18.26 -22.06 -45.55
C PRO B 196 -18.95 -20.71 -45.30
N PHE B 197 -19.71 -20.61 -44.21
CA PHE B 197 -20.40 -19.37 -43.79
C PHE B 197 -20.08 -19.13 -42.31
N SER B 198 -19.44 -18.00 -41.99
CA SER B 198 -19.05 -17.73 -40.57
C SER B 198 -20.30 -17.66 -39.68
N TYR B 199 -21.33 -16.94 -40.13
CA TYR B 199 -22.59 -16.86 -39.34
C TYR B 199 -23.79 -17.06 -40.26
N LYS B 200 -24.66 -18.02 -39.92
CA LYS B 200 -25.89 -18.29 -40.71
C LYS B 200 -26.99 -18.75 -39.75
N ASN B 201 -28.25 -18.42 -40.02
CA ASN B 201 -29.33 -18.89 -39.13
C ASN B 201 -30.16 -19.92 -39.92
N VAL B 202 -30.21 -21.16 -39.42
CA VAL B 202 -30.98 -22.24 -40.10
C VAL B 202 -32.47 -21.96 -39.85
N LEU B 203 -32.80 -21.57 -38.62
CA LEU B 203 -34.22 -21.28 -38.23
C LEU B 203 -34.26 -20.53 -36.89
N SER B 204 -35.40 -19.91 -36.58
CA SER B 204 -35.60 -19.16 -35.31
C SER B 204 -36.20 -20.10 -34.26
N LEU B 205 -36.57 -19.58 -33.08
CA LEU B 205 -37.15 -20.44 -32.02
C LEU B 205 -38.64 -20.71 -32.32
N THR B 206 -39.05 -21.98 -32.28
CA THR B 206 -40.45 -22.40 -32.58
C THR B 206 -40.95 -23.37 -31.50
N ASN B 207 -42.28 -23.45 -31.32
CA ASN B 207 -42.91 -24.32 -30.29
C ASN B 207 -42.93 -25.79 -30.73
N LYS B 208 -42.87 -26.03 -32.05
CA LYS B 208 -42.85 -27.40 -32.62
C LYS B 208 -41.43 -27.83 -33.01
N GLY B 209 -40.95 -28.91 -32.41
CA GLY B 209 -39.62 -29.49 -32.68
C GLY B 209 -39.54 -30.11 -34.07
N GLU B 210 -40.68 -30.57 -34.60
CA GLU B 210 -40.74 -31.25 -35.93
C GLU B 210 -40.25 -30.31 -37.02
N VAL B 211 -40.69 -29.05 -36.99
CA VAL B 211 -40.26 -28.04 -38.01
C VAL B 211 -38.74 -27.93 -37.99
N PHE B 212 -38.15 -27.94 -36.79
CA PHE B 212 -36.68 -27.85 -36.59
C PHE B 212 -35.98 -29.01 -37.32
N ASN B 213 -36.53 -30.22 -37.17
CA ASN B 213 -35.97 -31.45 -37.78
C ASN B 213 -35.78 -31.24 -39.28
N GLU B 214 -36.82 -30.76 -39.96
CA GLU B 214 -36.81 -30.60 -41.44
C GLU B 214 -35.69 -29.62 -41.85
N LEU B 215 -35.55 -28.51 -41.12
CA LEU B 215 -34.49 -27.51 -41.46
C LEU B 215 -33.10 -28.12 -41.29
N VAL B 216 -32.88 -28.89 -40.21
CA VAL B 216 -31.57 -29.53 -39.95
C VAL B 216 -31.15 -30.39 -41.14
N GLY B 217 -32.09 -31.15 -41.71
CA GLY B 217 -31.79 -32.05 -42.84
C GLY B 217 -31.27 -31.29 -44.04
N LYS B 218 -31.87 -30.13 -44.35
CA LYS B 218 -31.48 -29.29 -45.52
C LYS B 218 -30.03 -28.82 -45.35
N GLN B 219 -29.59 -28.60 -44.11
CA GLN B 219 -28.21 -28.11 -43.81
C GLN B 219 -27.17 -29.06 -44.43
N ARG B 220 -26.16 -28.47 -45.10
CA ARG B 220 -25.08 -29.25 -45.75
C ARG B 220 -23.78 -29.09 -44.96
N ILE B 221 -22.95 -30.15 -44.93
CA ILE B 221 -21.66 -30.16 -44.19
C ILE B 221 -20.70 -29.13 -44.81
N SER B 222 -19.93 -28.44 -43.95
CA SER B 222 -18.93 -27.43 -44.41
C SER B 222 -17.58 -27.71 -43.74
N GLY B 223 -16.55 -26.91 -44.06
CA GLY B 223 -15.22 -27.12 -43.45
C GLY B 223 -14.38 -25.85 -43.44
N ASN B 224 -13.40 -25.78 -42.53
CA ASN B 224 -12.47 -24.63 -42.46
C ASN B 224 -11.04 -25.15 -42.37
N LEU B 225 -10.07 -24.40 -42.91
CA LEU B 225 -8.65 -24.81 -42.86
C LEU B 225 -8.11 -24.78 -41.41
N ASP B 226 -8.39 -23.71 -40.67
CA ASP B 226 -7.87 -23.58 -39.28
C ASP B 226 -8.57 -24.57 -38.33
N SER B 227 -7.85 -25.02 -37.29
CA SER B 227 -8.41 -25.94 -36.27
C SER B 227 -9.45 -25.21 -35.40
N PRO B 228 -9.17 -23.99 -34.91
CA PRO B 228 -10.15 -23.22 -34.13
C PRO B 228 -11.20 -22.58 -35.04
N GLU B 229 -12.47 -22.61 -34.63
CA GLU B 229 -13.54 -22.06 -35.50
C GLU B 229 -14.01 -20.73 -34.89
N GLY B 230 -14.64 -19.88 -35.71
CA GLY B 230 -15.14 -18.59 -35.20
C GLY B 230 -16.54 -18.70 -34.61
N GLY B 231 -16.75 -19.59 -33.65
CA GLY B 231 -18.03 -19.78 -32.94
C GLY B 231 -18.33 -18.52 -32.16
N PHE B 232 -17.31 -17.94 -31.53
CA PHE B 232 -17.48 -16.70 -30.71
C PHE B 232 -18.25 -15.63 -31.50
N ASP B 233 -17.89 -15.41 -32.78
CA ASP B 233 -18.55 -14.36 -33.58
C ASP B 233 -20.04 -14.68 -33.74
N ALA B 234 -20.36 -15.95 -34.03
CA ALA B 234 -21.77 -16.37 -34.20
C ALA B 234 -22.55 -16.19 -32.89
N ILE B 235 -21.94 -16.57 -31.77
CA ILE B 235 -22.61 -16.50 -30.43
C ILE B 235 -22.95 -15.04 -30.10
N MET B 236 -22.01 -14.12 -30.35
CA MET B 236 -22.18 -12.67 -30.05
C MET B 236 -23.36 -12.10 -30.83
N GLN B 237 -23.47 -12.45 -32.12
CA GLN B 237 -24.55 -11.93 -32.99
C GLN B 237 -25.93 -12.35 -32.46
N VAL B 238 -26.05 -13.60 -32.02
CA VAL B 238 -27.34 -14.16 -31.49
C VAL B 238 -27.83 -13.30 -30.33
N ALA B 239 -26.97 -13.09 -29.32
CA ALA B 239 -27.32 -12.32 -28.11
C ALA B 239 -27.75 -10.89 -28.43
N VAL B 240 -26.93 -10.14 -29.18
CA VAL B 240 -27.23 -8.71 -29.47
C VAL B 240 -28.53 -8.55 -30.25
N CYS B 241 -28.73 -9.34 -31.31
CA CYS B 241 -29.95 -9.14 -32.14
C CYS B 241 -31.21 -9.33 -31.31
N GLY B 242 -31.28 -10.43 -30.55
CA GLY B 242 -32.42 -10.74 -29.67
C GLY B 242 -33.69 -11.08 -30.44
N SER B 243 -34.30 -10.08 -31.09
CA SER B 243 -35.55 -10.27 -31.85
C SER B 243 -35.40 -11.39 -32.89
N LEU B 244 -34.28 -11.38 -33.63
CA LEU B 244 -34.04 -12.38 -34.70
C LEU B 244 -34.17 -13.80 -34.11
N ILE B 245 -33.51 -14.03 -32.97
CA ILE B 245 -33.54 -15.37 -32.31
C ILE B 245 -34.86 -15.53 -31.54
N GLY B 246 -35.73 -14.53 -31.60
CA GLY B 246 -37.03 -14.59 -30.90
C GLY B 246 -36.87 -14.86 -29.42
N TRP B 247 -35.94 -14.16 -28.77
CA TRP B 247 -35.70 -14.36 -27.31
C TRP B 247 -36.96 -13.96 -26.53
N ARG B 248 -37.29 -14.73 -25.48
CA ARG B 248 -38.49 -14.49 -24.64
C ARG B 248 -38.08 -14.50 -23.16
N ASN B 249 -38.96 -14.05 -22.25
CA ASN B 249 -38.62 -14.01 -20.80
C ASN B 249 -38.25 -15.41 -20.31
N VAL B 250 -38.69 -16.43 -21.04
CA VAL B 250 -38.39 -17.85 -20.68
C VAL B 250 -36.87 -18.03 -20.68
N THR B 251 -36.33 -18.73 -19.68
CA THR B 251 -34.87 -18.99 -19.55
C THR B 251 -34.32 -19.50 -20.89
N ARG B 252 -33.25 -18.88 -21.40
CA ARG B 252 -32.67 -19.26 -22.71
C ARG B 252 -31.37 -20.04 -22.50
N LEU B 253 -31.31 -21.31 -22.95
CA LEU B 253 -30.07 -22.09 -22.80
C LEU B 253 -29.23 -21.82 -24.06
N LEU B 254 -28.06 -21.21 -23.88
CA LEU B 254 -27.19 -20.90 -25.04
C LEU B 254 -26.34 -22.14 -25.35
N VAL B 255 -26.97 -23.17 -25.91
CA VAL B 255 -26.22 -24.42 -26.22
C VAL B 255 -25.18 -24.06 -27.29
N PHE B 256 -23.92 -24.43 -27.04
CA PHE B 256 -22.81 -24.18 -27.99
C PHE B 256 -22.00 -25.47 -28.15
N SER B 257 -22.18 -26.13 -29.30
CA SER B 257 -21.52 -27.43 -29.58
C SER B 257 -20.47 -27.28 -30.70
N THR B 258 -19.24 -27.67 -30.40
CA THR B 258 -18.13 -27.61 -31.39
C THR B 258 -17.07 -28.65 -31.00
N ASP B 259 -16.32 -29.17 -31.98
CA ASP B 259 -15.27 -30.18 -31.70
C ASP B 259 -13.87 -29.55 -31.79
N ALA B 260 -13.80 -28.23 -32.04
CA ALA B 260 -12.48 -27.57 -32.17
C ALA B 260 -12.36 -26.38 -31.21
N GLY B 261 -11.22 -25.68 -31.28
CA GLY B 261 -10.93 -24.50 -30.45
C GLY B 261 -11.60 -23.24 -30.97
N PHE B 262 -11.55 -22.16 -30.20
CA PHE B 262 -12.20 -20.88 -30.60
C PHE B 262 -11.17 -19.75 -30.68
N HIS B 263 -11.16 -19.02 -31.80
CA HIS B 263 -10.25 -17.85 -31.94
C HIS B 263 -10.86 -16.70 -31.14
N PHE B 264 -10.05 -15.82 -30.55
CA PHE B 264 -10.63 -14.73 -29.72
C PHE B 264 -9.89 -13.39 -29.91
N ALA B 265 -10.57 -12.31 -29.50
CA ALA B 265 -10.03 -10.93 -29.54
C ALA B 265 -9.53 -10.54 -30.93
N GLY B 266 -8.36 -9.91 -31.00
CA GLY B 266 -7.79 -9.45 -32.28
C GLY B 266 -7.03 -10.54 -33.01
N ASP B 267 -7.73 -11.58 -33.47
CA ASP B 267 -7.10 -12.67 -34.25
C ASP B 267 -7.18 -12.32 -35.75
N GLY B 268 -7.86 -11.21 -36.07
CA GLY B 268 -8.04 -10.70 -37.44
C GLY B 268 -6.72 -10.30 -38.08
N LYS B 269 -5.79 -9.78 -37.25
CA LYS B 269 -4.42 -9.30 -37.61
C LYS B 269 -3.88 -10.05 -38.83
N LEU B 270 -3.78 -11.38 -38.74
CA LEU B 270 -3.32 -12.17 -39.93
C LEU B 270 -4.27 -11.87 -41.09
N GLY B 271 -5.58 -11.80 -40.78
CA GLY B 271 -6.64 -11.50 -41.76
C GLY B 271 -6.51 -10.09 -42.34
N GLY B 272 -5.98 -9.15 -41.54
CA GLY B 272 -5.82 -7.76 -41.99
C GLY B 272 -6.96 -6.87 -41.54
N ILE B 273 -7.87 -7.39 -40.71
CA ILE B 273 -9.01 -6.57 -40.19
C ILE B 273 -8.58 -6.00 -38.83
N VAL B 274 -8.52 -4.66 -38.72
CA VAL B 274 -8.11 -3.97 -37.47
C VAL B 274 -9.33 -3.41 -36.75
N LEU B 275 -10.54 -3.73 -37.22
CA LEU B 275 -11.77 -3.19 -36.58
C LEU B 275 -12.36 -4.21 -35.60
N PRO B 276 -12.51 -3.87 -34.30
CA PRO B 276 -13.08 -4.76 -33.29
C PRO B 276 -14.60 -4.92 -33.46
N ASN B 277 -15.17 -6.00 -32.93
CA ASN B 277 -16.63 -6.24 -33.04
C ASN B 277 -17.37 -5.11 -32.31
N ASP B 278 -18.46 -4.61 -32.90
CA ASP B 278 -19.25 -3.50 -32.33
C ASP B 278 -20.40 -4.05 -31.49
N GLY B 279 -20.55 -5.38 -31.46
CA GLY B 279 -21.64 -6.00 -30.69
C GLY B 279 -23.01 -5.50 -31.13
N GLN B 280 -23.23 -5.41 -32.46
CA GLN B 280 -24.52 -4.93 -33.02
C GLN B 280 -25.04 -5.94 -34.02
N CYS B 281 -26.36 -5.91 -34.29
CA CYS B 281 -27.01 -6.85 -35.24
C CYS B 281 -26.87 -6.33 -36.67
N HIS B 282 -26.31 -7.15 -37.56
CA HIS B 282 -26.14 -6.77 -38.99
C HIS B 282 -26.61 -7.94 -39.87
N LEU B 283 -27.18 -8.98 -39.25
CA LEU B 283 -27.66 -10.16 -40.00
C LEU B 283 -28.72 -9.75 -41.04
N GLU B 284 -28.65 -10.32 -42.23
CA GLU B 284 -29.62 -10.03 -43.32
C GLU B 284 -30.06 -11.38 -43.91
N ASN B 285 -31.37 -11.67 -43.88
CA ASN B 285 -31.92 -12.96 -44.38
C ASN B 285 -31.25 -14.14 -43.69
N ASN B 286 -31.09 -14.07 -42.37
CA ASN B 286 -30.45 -15.14 -41.55
C ASN B 286 -29.02 -15.36 -42.05
N MET B 287 -28.30 -14.26 -42.35
CA MET B 287 -26.90 -14.32 -42.85
C MET B 287 -26.15 -13.07 -42.37
N TYR B 288 -24.99 -13.25 -41.71
CA TYR B 288 -24.19 -12.10 -41.22
C TYR B 288 -23.01 -11.88 -42.16
N THR B 289 -23.00 -10.76 -42.89
CA THR B 289 -21.96 -10.51 -43.92
C THR B 289 -20.99 -9.39 -43.51
N MET B 290 -20.93 -9.05 -42.22
CA MET B 290 -20.00 -7.99 -41.74
C MET B 290 -18.77 -8.66 -41.12
N SER B 291 -18.61 -9.97 -41.34
CA SER B 291 -17.49 -10.75 -40.74
C SER B 291 -16.14 -10.20 -41.22
N HIS B 292 -16.01 -9.96 -42.53
CA HIS B 292 -14.75 -9.45 -43.14
C HIS B 292 -14.64 -7.94 -42.90
N TYR B 293 -15.48 -7.41 -42.02
CA TYR B 293 -15.46 -5.96 -41.68
C TYR B 293 -15.05 -5.82 -40.21
N TYR B 294 -15.63 -6.66 -39.35
CA TYR B 294 -15.34 -6.67 -37.89
C TYR B 294 -14.50 -7.88 -37.50
N ASP B 295 -13.47 -7.63 -36.68
CA ASP B 295 -12.55 -8.68 -36.16
C ASP B 295 -13.27 -9.46 -35.06
N TYR B 296 -12.82 -10.69 -34.78
CA TYR B 296 -13.49 -11.53 -33.76
C TYR B 296 -13.49 -10.81 -32.41
N PRO B 297 -14.64 -10.78 -31.70
CA PRO B 297 -14.78 -10.09 -30.41
C PRO B 297 -13.99 -10.77 -29.28
N SER B 298 -13.57 -9.98 -28.29
CA SER B 298 -12.82 -10.49 -27.11
C SER B 298 -13.75 -11.29 -26.19
N ILE B 299 -13.17 -12.19 -25.38
CA ILE B 299 -13.98 -13.03 -24.44
C ILE B 299 -14.72 -12.14 -23.46
N ALA B 300 -14.06 -11.09 -22.96
CA ALA B 300 -14.69 -10.15 -22.00
C ALA B 300 -15.88 -9.46 -22.66
N HIS B 301 -15.72 -9.05 -23.92
CA HIS B 301 -16.82 -8.37 -24.67
C HIS B 301 -18.02 -9.32 -24.81
N LEU B 302 -17.75 -10.60 -25.10
CA LEU B 302 -18.82 -11.62 -25.25
C LEU B 302 -19.59 -11.77 -23.94
N VAL B 303 -18.85 -11.76 -22.81
CA VAL B 303 -19.46 -11.93 -21.45
C VAL B 303 -20.42 -10.76 -21.18
N GLN B 304 -20.03 -9.54 -21.58
CA GLN B 304 -20.86 -8.34 -21.37
C GLN B 304 -22.21 -8.52 -22.09
N LYS B 305 -22.17 -9.02 -23.34
CA LYS B 305 -23.41 -9.20 -24.14
C LYS B 305 -24.29 -10.31 -23.53
N LEU B 306 -23.75 -11.52 -23.39
CA LEU B 306 -24.54 -12.65 -22.84
C LEU B 306 -25.12 -12.28 -21.47
N SER B 307 -24.33 -11.64 -20.60
CA SER B 307 -24.85 -11.24 -19.27
C SER B 307 -26.00 -10.23 -19.44
N GLU B 308 -25.81 -9.24 -20.33
CA GLU B 308 -26.85 -8.18 -20.54
C GLU B 308 -28.17 -8.80 -20.98
N ASN B 309 -28.13 -9.80 -21.87
CA ASN B 309 -29.40 -10.41 -22.36
C ASN B 309 -29.79 -11.62 -21.50
N ASN B 310 -29.01 -11.88 -20.44
CA ASN B 310 -29.34 -12.96 -19.46
C ASN B 310 -29.57 -14.28 -20.20
N ILE B 311 -28.71 -14.61 -21.17
CA ILE B 311 -28.85 -15.88 -21.94
C ILE B 311 -27.92 -16.92 -21.31
N GLN B 312 -28.48 -17.98 -20.74
CA GLN B 312 -27.63 -19.02 -20.10
C GLN B 312 -26.73 -19.62 -21.19
N THR B 313 -25.44 -19.79 -20.89
CA THR B 313 -24.51 -20.35 -21.90
C THR B 313 -24.10 -21.77 -21.48
N ILE B 314 -24.39 -22.75 -22.33
CA ILE B 314 -24.02 -24.18 -22.08
C ILE B 314 -23.08 -24.61 -23.18
N PHE B 315 -21.91 -25.16 -22.82
CA PHE B 315 -20.93 -25.59 -23.85
C PHE B 315 -20.96 -27.12 -23.95
N ALA B 316 -21.17 -27.64 -25.17
CA ALA B 316 -21.15 -29.10 -25.44
C ALA B 316 -19.95 -29.41 -26.33
N VAL B 317 -18.77 -29.62 -25.73
CA VAL B 317 -17.53 -29.85 -26.53
C VAL B 317 -16.93 -31.24 -26.24
N THR B 318 -16.11 -31.74 -27.16
CA THR B 318 -15.45 -33.07 -27.07
C THR B 318 -14.35 -33.07 -25.99
N GLU B 319 -14.03 -34.26 -25.47
CA GLU B 319 -13.02 -34.44 -24.38
C GLU B 319 -11.67 -33.80 -24.75
N GLU B 320 -11.31 -33.77 -26.03
CA GLU B 320 -10.00 -33.17 -26.41
C GLU B 320 -9.97 -31.67 -26.09
N PHE B 321 -11.04 -30.94 -26.41
CA PHE B 321 -11.08 -29.47 -26.15
C PHE B 321 -11.81 -29.17 -24.83
N GLN B 322 -12.26 -30.22 -24.13
CA GLN B 322 -12.97 -30.07 -22.83
C GLN B 322 -12.14 -29.20 -21.88
N PRO B 323 -10.86 -29.51 -21.63
CA PRO B 323 -10.02 -28.72 -20.71
C PRO B 323 -9.97 -27.22 -21.04
N VAL B 324 -9.77 -26.87 -22.30
CA VAL B 324 -9.69 -25.45 -22.75
C VAL B 324 -11.00 -24.74 -22.40
N TYR B 325 -12.14 -25.36 -22.72
CA TYR B 325 -13.46 -24.74 -22.46
C TYR B 325 -13.74 -24.59 -20.96
N LYS B 326 -13.19 -25.48 -20.13
CA LYS B 326 -13.36 -25.39 -18.65
C LYS B 326 -12.70 -24.09 -18.15
N GLU B 327 -11.53 -23.75 -18.68
CA GLU B 327 -10.83 -22.50 -18.25
C GLU B 327 -11.70 -21.29 -18.62
N LEU B 328 -12.29 -21.32 -19.82
CA LEU B 328 -13.15 -20.21 -20.31
C LEU B 328 -14.38 -20.04 -19.41
N LYS B 329 -14.96 -21.17 -18.98
CA LYS B 329 -16.18 -21.20 -18.11
C LYS B 329 -16.08 -20.17 -16.98
N ASN B 330 -14.97 -20.13 -16.26
CA ASN B 330 -14.82 -19.18 -15.12
C ASN B 330 -15.09 -17.75 -15.62
N LEU B 331 -14.55 -17.40 -16.79
CA LEU B 331 -14.71 -16.04 -17.36
C LEU B 331 -16.21 -15.74 -17.59
N ILE B 332 -16.86 -16.51 -18.46
CA ILE B 332 -18.30 -16.31 -18.79
C ILE B 332 -19.18 -16.94 -17.69
N PRO B 333 -20.07 -16.17 -17.03
CA PRO B 333 -20.95 -16.71 -15.99
C PRO B 333 -22.24 -17.28 -16.60
N LYS B 334 -23.09 -17.86 -15.76
CA LYS B 334 -24.39 -18.46 -16.20
C LYS B 334 -24.15 -19.35 -17.42
N SER B 335 -23.03 -20.08 -17.43
CA SER B 335 -22.68 -21.00 -18.54
C SER B 335 -22.19 -22.33 -17.96
N ALA B 336 -22.31 -23.41 -18.73
CA ALA B 336 -21.87 -24.74 -18.24
C ALA B 336 -21.09 -25.47 -19.33
N VAL B 337 -20.32 -26.49 -18.93
CA VAL B 337 -19.51 -27.31 -19.89
C VAL B 337 -19.89 -28.78 -19.69
N GLY B 338 -20.23 -29.47 -20.78
CA GLY B 338 -20.59 -30.91 -20.72
C GLY B 338 -19.81 -31.73 -21.72
N THR B 339 -19.87 -33.07 -21.60
CA THR B 339 -19.15 -33.98 -22.52
C THR B 339 -19.96 -34.16 -23.81
N LEU B 340 -19.31 -34.06 -24.97
CA LEU B 340 -20.01 -34.19 -26.29
C LEU B 340 -19.52 -35.46 -27.00
N SER B 341 -20.46 -36.28 -27.48
CA SER B 341 -20.12 -37.53 -28.22
C SER B 341 -19.60 -37.19 -29.62
N ALA B 342 -18.80 -38.08 -30.20
CA ALA B 342 -18.20 -37.89 -31.54
C ALA B 342 -19.30 -37.54 -32.56
N ASN B 343 -20.44 -38.22 -32.50
CA ASN B 343 -21.59 -38.01 -33.44
C ASN B 343 -22.78 -37.38 -32.70
N SER B 344 -22.53 -36.67 -31.60
CA SER B 344 -23.60 -36.00 -30.80
C SER B 344 -24.70 -36.99 -30.39
N SER B 345 -24.31 -38.21 -29.99
CA SER B 345 -25.31 -39.22 -29.52
C SER B 345 -25.87 -38.85 -28.13
N ASN B 346 -25.03 -38.26 -27.26
CA ASN B 346 -25.45 -37.94 -25.87
C ASN B 346 -25.74 -36.45 -25.71
N VAL B 347 -25.85 -35.71 -26.81
CA VAL B 347 -26.12 -34.24 -26.75
C VAL B 347 -27.36 -33.96 -25.88
N ILE B 348 -28.42 -34.76 -26.06
CA ILE B 348 -29.69 -34.54 -25.30
C ILE B 348 -29.44 -34.72 -23.80
N GLN B 349 -28.67 -35.75 -23.43
CA GLN B 349 -28.39 -36.04 -22.00
C GLN B 349 -27.60 -34.89 -21.36
N LEU B 350 -26.61 -34.36 -22.09
CA LEU B 350 -25.76 -33.23 -21.60
C LEU B 350 -26.63 -32.02 -21.28
N ILE B 351 -27.39 -31.53 -22.27
CA ILE B 351 -28.26 -30.33 -22.14
C ILE B 351 -29.09 -30.43 -20.85
N ILE B 352 -29.71 -31.59 -20.62
CA ILE B 352 -30.58 -31.79 -19.43
C ILE B 352 -29.76 -31.60 -18.15
N ASP B 353 -28.62 -32.29 -18.06
CA ASP B 353 -27.74 -32.23 -16.86
C ASP B 353 -27.19 -30.80 -16.68
N ALA B 354 -26.72 -30.19 -17.77
CA ALA B 354 -26.14 -28.83 -17.75
C ALA B 354 -27.17 -27.81 -17.22
N TYR B 355 -28.42 -27.93 -17.67
CA TYR B 355 -29.49 -26.98 -17.26
C TYR B 355 -29.72 -27.04 -15.75
N ASN B 356 -29.72 -28.25 -15.17
CA ASN B 356 -29.96 -28.41 -13.71
C ASN B 356 -28.88 -27.69 -12.90
N SER B 357 -27.61 -27.82 -13.32
CA SER B 357 -26.48 -27.18 -12.58
C SER B 357 -26.61 -25.65 -12.61
N LEU B 358 -26.95 -25.08 -13.77
CA LEU B 358 -27.09 -23.61 -13.93
C LEU B 358 -28.24 -23.09 -13.06
N SER B 359 -29.36 -23.82 -13.04
CA SER B 359 -30.58 -23.42 -12.28
C SER B 359 -30.30 -23.36 -10.77
N SER B 360 -29.55 -24.34 -10.25
CA SER B 360 -29.24 -24.41 -8.80
C SER B 360 -28.45 -23.18 -8.35
N GLU B 361 -27.48 -22.73 -9.16
CA GLU B 361 -26.63 -21.56 -8.80
C GLU B 361 -27.36 -20.25 -9.13
N VAL B 362 -27.59 -19.40 -8.13
CA VAL B 362 -28.25 -18.07 -8.31
C VAL B 362 -27.30 -16.99 -7.77
N ILE B 363 -27.04 -15.94 -8.55
CA ILE B 363 -26.10 -14.85 -8.14
C ILE B 363 -26.81 -13.49 -8.23
N LEU B 364 -26.48 -12.57 -7.31
CA LEU B 364 -27.08 -11.21 -7.29
C LEU B 364 -26.04 -10.18 -7.76
N GLU B 365 -26.42 -9.33 -8.73
CA GLU B 365 -25.53 -8.28 -9.29
C GLU B 365 -26.21 -6.91 -9.18
N ASN B 366 -25.49 -5.91 -8.67
CA ASN B 366 -26.03 -4.55 -8.43
C ASN B 366 -25.50 -3.61 -9.52
N GLY B 367 -26.13 -2.43 -9.65
CA GLY B 367 -25.75 -1.39 -10.63
C GLY B 367 -24.52 -0.61 -10.20
N LYS B 368 -23.90 0.13 -11.14
CA LYS B 368 -22.67 0.91 -10.84
C LYS B 368 -22.98 1.87 -9.69
N LEU B 369 -22.05 1.96 -8.72
CA LEU B 369 -22.22 2.81 -7.51
C LEU B 369 -21.17 3.94 -7.53
N SER B 370 -21.60 5.15 -7.15
CA SER B 370 -20.73 6.35 -7.10
C SER B 370 -19.75 6.27 -5.92
N GLU B 371 -18.67 7.06 -5.96
CA GLU B 371 -17.62 7.05 -4.90
C GLU B 371 -18.27 7.40 -3.55
N GLY B 372 -17.86 6.71 -2.49
CA GLY B 372 -18.40 6.93 -1.14
C GLY B 372 -19.58 6.02 -0.87
N VAL B 373 -19.90 5.15 -1.83
CA VAL B 373 -21.04 4.19 -1.69
C VAL B 373 -20.48 2.76 -1.76
N THR B 374 -20.84 1.92 -0.78
CA THR B 374 -20.39 0.51 -0.75
C THR B 374 -21.59 -0.40 -0.51
N ILE B 375 -21.41 -1.71 -0.74
CA ILE B 375 -22.49 -2.73 -0.56
C ILE B 375 -21.91 -4.00 0.08
N SER B 376 -22.61 -4.53 1.09
CA SER B 376 -22.21 -5.77 1.82
C SER B 376 -23.30 -6.83 1.68
N TYR B 377 -22.93 -8.08 1.39
CA TYR B 377 -23.92 -9.17 1.18
C TYR B 377 -23.84 -10.23 2.28
N LYS B 378 -25.00 -10.56 2.86
CA LYS B 378 -25.16 -11.61 3.90
C LYS B 378 -26.28 -12.55 3.45
N SER B 379 -26.00 -13.83 3.25
CA SER B 379 -26.99 -14.80 2.69
C SER B 379 -27.34 -15.92 3.66
N TYR B 380 -28.48 -16.58 3.41
CA TYR B 380 -29.01 -17.72 4.20
C TYR B 380 -29.16 -18.93 3.27
N CYS B 381 -28.66 -20.10 3.68
CA CYS B 381 -28.77 -21.30 2.81
C CYS B 381 -29.30 -22.50 3.61
N LYS B 382 -29.80 -23.53 2.92
CA LYS B 382 -30.31 -24.75 3.58
C LYS B 382 -29.16 -25.68 4.05
N ASN B 383 -29.47 -26.55 5.01
CA ASN B 383 -28.51 -27.53 5.60
C ASN B 383 -27.42 -26.81 6.40
N GLY B 384 -27.72 -25.61 6.92
CA GLY B 384 -26.76 -24.88 7.77
C GLY B 384 -25.50 -24.43 7.05
N VAL B 385 -25.62 -23.90 5.83
CA VAL B 385 -24.40 -23.41 5.13
C VAL B 385 -24.53 -21.88 4.97
N ASN B 386 -23.51 -21.15 5.46
CA ASN B 386 -23.51 -19.67 5.43
C ASN B 386 -22.37 -19.18 4.51
N GLY B 387 -22.69 -18.23 3.62
CA GLY B 387 -21.70 -17.67 2.67
C GLY B 387 -21.38 -16.22 3.00
N THR B 388 -20.11 -15.84 2.85
CA THR B 388 -19.67 -14.44 3.13
C THR B 388 -18.84 -13.95 1.93
N GLY B 389 -18.76 -12.63 1.73
CA GLY B 389 -18.00 -12.08 0.59
C GLY B 389 -18.55 -12.59 -0.72
N GLU B 390 -17.70 -13.19 -1.56
CA GLU B 390 -18.12 -13.74 -2.88
C GLU B 390 -19.16 -14.85 -2.64
N ASN B 391 -18.91 -15.71 -1.66
CA ASN B 391 -19.83 -16.84 -1.34
C ASN B 391 -21.14 -16.29 -0.77
N GLY B 392 -21.08 -15.13 -0.10
CA GLY B 392 -22.28 -14.50 0.46
C GLY B 392 -23.25 -14.05 -0.63
N ARG B 393 -22.71 -13.50 -1.72
CA ARG B 393 -23.51 -12.95 -2.85
C ARG B 393 -24.33 -14.04 -3.54
N LYS B 394 -23.77 -15.23 -3.78
CA LYS B 394 -24.53 -16.28 -4.52
C LYS B 394 -24.69 -17.56 -3.69
N CYS B 395 -25.94 -18.02 -3.53
CA CYS B 395 -26.24 -19.28 -2.79
C CYS B 395 -26.25 -20.44 -3.80
N SER B 396 -26.30 -21.70 -3.33
CA SER B 396 -26.26 -22.83 -4.29
C SER B 396 -27.20 -23.95 -3.85
N ASN B 397 -27.30 -25.01 -4.66
CA ASN B 397 -28.16 -26.18 -4.36
C ASN B 397 -29.58 -25.71 -4.06
N ILE B 398 -30.14 -24.85 -4.91
CA ILE B 398 -31.53 -24.35 -4.73
C ILE B 398 -32.51 -25.20 -5.55
N SER B 399 -33.48 -25.83 -4.88
CA SER B 399 -34.49 -26.67 -5.57
C SER B 399 -35.73 -25.82 -5.90
N ILE B 400 -36.66 -26.36 -6.68
CA ILE B 400 -37.90 -25.60 -7.03
C ILE B 400 -38.70 -25.37 -5.74
N GLY B 401 -39.20 -24.15 -5.53
CA GLY B 401 -40.00 -23.82 -4.34
C GLY B 401 -39.16 -23.57 -3.10
N ASP B 402 -37.83 -23.48 -3.25
CA ASP B 402 -36.92 -23.26 -2.10
C ASP B 402 -36.67 -21.76 -1.92
N GLU B 403 -36.93 -21.25 -0.71
CA GLU B 403 -36.73 -19.81 -0.38
C GLU B 403 -35.33 -19.58 0.19
N VAL B 404 -34.62 -18.56 -0.32
CA VAL B 404 -33.25 -18.20 0.14
C VAL B 404 -33.21 -16.68 0.33
N GLN B 405 -32.77 -16.20 1.50
CA GLN B 405 -32.75 -14.73 1.76
C GLN B 405 -31.32 -14.19 1.73
N PHE B 406 -31.19 -12.91 1.36
CA PHE B 406 -29.87 -12.24 1.22
C PHE B 406 -29.94 -10.82 1.79
N GLU B 407 -29.50 -10.65 3.04
CA GLU B 407 -29.45 -9.31 3.66
C GLU B 407 -28.37 -8.50 2.92
N ILE B 408 -28.68 -7.26 2.55
CA ILE B 408 -27.71 -6.40 1.83
C ILE B 408 -27.46 -5.13 2.65
N SER B 409 -26.18 -4.81 2.92
CA SER B 409 -25.84 -3.60 3.72
C SER B 409 -25.22 -2.54 2.79
N ILE B 410 -25.81 -1.33 2.77
CA ILE B 410 -25.29 -0.23 1.91
C ILE B 410 -24.88 0.94 2.80
N THR B 411 -23.63 1.41 2.67
CA THR B 411 -23.14 2.54 3.49
C THR B 411 -22.88 3.76 2.60
N SER B 412 -23.47 4.91 2.94
CA SER B 412 -23.29 6.17 2.18
C SER B 412 -22.67 7.23 3.10
N ASN B 413 -21.59 7.87 2.66
CA ASN B 413 -20.90 8.90 3.48
C ASN B 413 -20.41 10.04 2.60
N LYS B 414 -20.17 11.21 3.22
CA LYS B 414 -19.62 12.49 2.67
C LYS B 414 -20.70 13.33 1.97
N CYS B 415 -21.93 12.83 1.90
CA CYS B 415 -23.06 13.59 1.28
C CYS B 415 -22.66 14.11 -0.10
N PRO B 416 -22.11 13.28 -1.01
CA PRO B 416 -21.65 13.75 -2.32
C PRO B 416 -22.74 14.35 -3.22
N LYS B 417 -23.94 13.74 -3.26
CA LYS B 417 -25.04 14.26 -4.11
C LYS B 417 -26.26 14.60 -3.25
N LYS B 418 -26.83 15.80 -3.42
CA LYS B 418 -28.04 16.20 -2.66
C LYS B 418 -29.26 15.48 -3.21
N ASP B 419 -29.35 15.37 -4.55
CA ASP B 419 -30.50 14.70 -5.23
C ASP B 419 -30.48 13.19 -4.95
N SER B 420 -31.66 12.57 -4.98
CA SER B 420 -31.83 11.11 -4.74
C SER B 420 -31.15 10.31 -5.84
N ASP B 421 -30.51 9.18 -5.48
CA ASP B 421 -29.83 8.31 -6.48
C ASP B 421 -30.70 7.05 -6.66
N SER B 422 -31.09 6.77 -7.91
CA SER B 422 -31.94 5.58 -8.20
C SER B 422 -31.13 4.54 -8.99
N PHE B 423 -30.98 3.32 -8.47
CA PHE B 423 -30.22 2.24 -9.18
C PHE B 423 -31.00 0.92 -9.14
N LYS B 424 -30.76 0.03 -10.11
CA LYS B 424 -31.49 -1.27 -10.29
C LYS B 424 -30.51 -2.44 -10.16
N ILE B 425 -30.88 -3.44 -9.36
CA ILE B 425 -30.07 -4.66 -9.11
C ILE B 425 -30.90 -5.89 -9.52
N ARG B 426 -30.31 -6.79 -10.31
CA ARG B 426 -31.01 -8.00 -10.80
C ARG B 426 -30.02 -9.14 -11.01
N PRO B 427 -30.44 -10.42 -10.78
CA PRO B 427 -29.59 -11.59 -11.01
C PRO B 427 -29.68 -11.99 -12.48
N LEU B 428 -28.64 -12.66 -13.00
CA LEU B 428 -28.63 -13.11 -14.42
C LEU B 428 -29.71 -14.18 -14.62
N GLY B 429 -30.41 -14.13 -15.76
CA GLY B 429 -31.46 -15.12 -16.09
C GLY B 429 -32.80 -14.78 -15.46
N PHE B 430 -32.90 -13.62 -14.80
CA PHE B 430 -34.16 -13.20 -14.14
C PHE B 430 -34.58 -11.81 -14.65
N THR B 431 -35.71 -11.74 -15.35
CA THR B 431 -36.22 -10.45 -15.87
C THR B 431 -36.55 -9.54 -14.69
N GLU B 432 -37.15 -10.10 -13.64
CA GLU B 432 -37.52 -9.34 -12.41
C GLU B 432 -36.25 -8.77 -11.76
N GLU B 433 -36.29 -7.51 -11.33
CA GLU B 433 -35.11 -6.87 -10.70
C GLU B 433 -35.53 -6.13 -9.43
N VAL B 434 -34.55 -5.61 -8.67
CA VAL B 434 -34.81 -4.87 -7.40
C VAL B 434 -34.09 -3.51 -7.50
N GLU B 435 -34.83 -2.41 -7.34
CA GLU B 435 -34.20 -1.07 -7.44
C GLU B 435 -34.18 -0.45 -6.04
N VAL B 436 -32.99 -0.09 -5.54
CA VAL B 436 -32.87 0.54 -4.20
C VAL B 436 -32.70 2.05 -4.45
N ILE B 437 -33.65 2.85 -3.95
CA ILE B 437 -33.57 4.33 -4.18
C ILE B 437 -33.17 4.99 -2.85
N LEU B 438 -32.25 5.96 -2.89
CA LEU B 438 -31.77 6.61 -1.63
C LEU B 438 -31.89 8.13 -1.75
N GLN B 439 -32.56 8.75 -0.77
CA GLN B 439 -32.71 10.23 -0.72
C GLN B 439 -31.81 10.77 0.40
N TYR B 440 -30.60 11.21 0.05
CA TYR B 440 -29.64 11.72 1.07
C TYR B 440 -30.20 12.99 1.72
N ILE B 441 -30.11 13.06 3.05
CA ILE B 441 -30.56 14.29 3.79
C ILE B 441 -29.32 14.89 4.45
N CYS B 442 -28.92 16.09 4.02
CA CYS B 442 -27.72 16.77 4.57
C CYS B 442 -28.12 18.12 5.17
N GLU B 443 -29.43 18.36 5.29
CA GLU B 443 -29.95 19.65 5.84
C GLU B 443 -29.98 19.60 7.37
N CYS B 444 -30.30 20.76 7.99
CA CYS B 444 -30.38 20.91 9.46
C CYS B 444 -31.77 21.48 9.79
N GLU B 445 -32.51 20.82 10.69
CA GLU B 445 -33.88 21.27 11.05
C GLU B 445 -33.80 22.69 11.64
N CYS B 446 -32.83 22.93 12.51
CA CYS B 446 -32.65 24.27 13.14
C CYS B 446 -32.33 25.30 12.05
N GLN B 447 -31.50 24.94 11.08
CA GLN B 447 -31.10 25.89 10.00
C GLN B 447 -32.35 26.36 9.26
N SER B 448 -33.27 25.44 8.97
CA SER B 448 -34.54 25.81 8.29
C SER B 448 -35.29 26.83 9.13
N GLU B 449 -35.39 26.57 10.44
CA GLU B 449 -36.08 27.46 11.40
C GLU B 449 -35.34 28.81 11.45
N GLY B 450 -34.01 28.76 11.46
CA GLY B 450 -33.17 29.97 11.52
C GLY B 450 -33.45 30.94 10.39
N ILE B 451 -33.68 32.21 10.72
CA ILE B 451 -33.97 33.26 9.69
C ILE B 451 -32.69 34.06 9.42
N PRO B 452 -32.30 34.27 8.15
CA PRO B 452 -31.08 35.02 7.81
C PRO B 452 -31.20 36.51 8.14
N GLU B 453 -30.07 37.17 8.35
CA GLU B 453 -30.01 38.63 8.68
C GLU B 453 -30.85 38.91 9.94
N SER B 454 -30.69 38.08 10.97
CA SER B 454 -31.42 38.27 12.25
C SER B 454 -30.87 39.52 12.95
N PRO B 455 -31.73 40.49 13.36
CA PRO B 455 -31.27 41.72 14.00
C PRO B 455 -30.66 41.53 15.41
N LYS B 456 -30.96 40.40 16.05
CA LYS B 456 -30.44 40.09 17.40
C LYS B 456 -28.90 40.09 17.38
N CYS B 457 -28.30 39.34 16.45
CA CYS B 457 -26.82 39.27 16.35
C CYS B 457 -26.29 40.43 15.51
N HIS B 458 -26.37 41.66 16.06
CA HIS B 458 -25.88 42.89 15.38
C HIS B 458 -26.45 43.02 13.96
N GLU B 459 -27.78 42.92 13.84
CA GLU B 459 -28.51 43.07 12.54
C GLU B 459 -28.09 42.02 11.51
N GLY B 460 -27.86 40.77 11.94
CA GLY B 460 -27.53 39.67 11.02
C GLY B 460 -26.06 39.51 10.66
N ASN B 461 -25.15 40.24 11.32
CA ASN B 461 -23.70 40.10 11.03
C ASN B 461 -23.28 38.64 11.25
N GLY B 462 -23.98 37.94 12.14
CA GLY B 462 -23.70 36.52 12.44
C GLY B 462 -24.96 35.68 12.32
N THR B 463 -24.87 34.55 11.62
CA THR B 463 -26.03 33.62 11.44
C THR B 463 -26.67 33.35 12.81
N PHE B 464 -27.94 33.73 12.97
CA PHE B 464 -28.63 33.54 14.28
C PHE B 464 -29.73 32.48 14.16
N GLU B 465 -29.41 31.33 13.56
CA GLU B 465 -30.42 30.24 13.44
C GLU B 465 -30.74 29.78 14.87
N CYS B 466 -32.03 29.63 15.19
CA CYS B 466 -32.48 29.20 16.55
C CYS B 466 -31.85 30.15 17.58
N GLY B 467 -31.25 29.61 18.64
CA GLY B 467 -30.61 30.43 19.68
C GLY B 467 -29.10 30.47 19.53
N ALA B 468 -28.57 29.82 18.48
CA ALA B 468 -27.10 29.75 18.25
C ALA B 468 -26.64 30.90 17.35
N CYS B 469 -25.64 31.65 17.79
CA CYS B 469 -25.09 32.76 16.97
C CYS B 469 -23.67 32.44 16.53
N ARG B 470 -23.46 32.29 15.21
CA ARG B 470 -22.11 32.00 14.66
C ARG B 470 -21.62 33.25 13.92
N CYS B 471 -20.55 33.88 14.41
CA CYS B 471 -20.02 35.12 13.78
C CYS B 471 -19.57 34.81 12.36
N ASN B 472 -19.78 35.75 11.43
CA ASN B 472 -19.33 35.59 10.01
C ASN B 472 -17.89 36.07 9.90
N GLU B 473 -17.28 35.95 8.71
CA GLU B 473 -15.86 36.36 8.60
C GLU B 473 -15.72 37.84 8.93
N GLY B 474 -14.76 38.18 9.80
CA GLY B 474 -14.57 39.59 10.22
C GLY B 474 -15.42 39.91 11.44
N ARG B 475 -15.97 38.87 12.08
CA ARG B 475 -16.81 39.03 13.30
C ARG B 475 -16.50 37.90 14.29
N VAL B 476 -16.03 38.26 15.49
CA VAL B 476 -15.70 37.25 16.55
C VAL B 476 -16.53 37.54 17.82
N GLY B 477 -17.25 36.54 18.35
CA GLY B 477 -18.06 36.70 19.58
C GLY B 477 -19.50 36.23 19.42
N ARG B 478 -20.31 36.36 20.49
CA ARG B 478 -21.75 35.99 20.48
C ARG B 478 -22.55 37.05 19.71
N HIS B 479 -22.23 38.33 19.90
CA HIS B 479 -22.97 39.44 19.24
C HIS B 479 -22.30 39.81 17.91
N CYS B 480 -20.99 39.56 17.77
CA CYS B 480 -20.24 39.89 16.54
C CYS B 480 -20.49 41.36 16.14
N GLU B 481 -20.41 42.29 17.10
CA GLU B 481 -20.61 43.74 16.84
C GLU B 481 -19.23 44.41 16.78
N CYS B 482 -18.21 43.69 16.32
CA CYS B 482 -16.82 44.21 16.29
C CYS B 482 -16.44 44.81 14.94
N SER B 483 -16.60 44.03 13.86
CA SER B 483 -16.24 44.38 12.45
C SER B 483 -14.72 44.52 12.29
N THR B 484 -13.94 43.81 13.12
CA THR B 484 -12.45 43.76 13.11
C THR B 484 -11.83 45.17 13.19
N ASP B 485 -10.83 45.41 12.33
CA ASP B 485 -10.10 46.70 12.25
C ASP B 485 -10.99 47.78 11.65
N GLU B 486 -10.88 49.01 12.17
CA GLU B 486 -11.69 50.16 11.66
C GLU B 486 -10.74 51.29 11.25
N VAL B 487 -11.27 52.26 10.49
CA VAL B 487 -10.48 53.44 10.03
C VAL B 487 -10.00 54.22 11.26
N ASN B 488 -10.88 54.41 12.25
CA ASN B 488 -10.52 55.12 13.50
C ASN B 488 -10.01 54.06 14.49
N SER B 489 -8.70 54.08 14.79
CA SER B 489 -8.07 53.09 15.70
C SER B 489 -8.70 53.16 17.10
N GLU B 490 -9.13 52.01 17.62
CA GLU B 490 -9.74 51.92 18.98
C GLU B 490 -8.62 51.67 20.01
N ASP B 491 -8.99 51.55 21.29
CA ASP B 491 -7.99 51.32 22.36
C ASP B 491 -7.77 49.81 22.52
N MET B 492 -7.13 49.18 21.53
CA MET B 492 -6.82 47.72 21.52
C MET B 492 -8.11 46.91 21.76
N ASP B 493 -8.04 45.85 22.58
CA ASP B 493 -9.25 45.06 22.88
C ASP B 493 -9.25 44.68 24.36
N ALA B 494 -10.19 45.23 25.13
CA ALA B 494 -10.31 44.98 26.58
C ALA B 494 -10.73 43.53 26.83
N TYR B 495 -11.60 42.98 25.98
CA TYR B 495 -12.12 41.60 26.12
C TYR B 495 -10.98 40.57 25.94
N CYS B 496 -10.00 40.89 25.10
CA CYS B 496 -8.89 39.95 24.78
C CYS B 496 -8.05 39.59 26.01
N ARG B 497 -7.73 40.56 26.87
CA ARG B 497 -6.86 40.26 28.03
C ARG B 497 -7.63 40.44 29.35
N LYS B 498 -7.58 39.42 30.21
CA LYS B 498 -8.22 39.48 31.56
C LYS B 498 -7.50 40.58 32.36
N GLU B 499 -6.18 40.62 32.25
CA GLU B 499 -5.34 41.65 32.92
C GLU B 499 -4.64 42.46 31.82
N ASN B 500 -4.78 43.79 31.86
CA ASN B 500 -4.18 44.68 30.83
C ASN B 500 -2.66 44.53 30.85
N SER B 501 -2.05 44.57 32.04
CA SER B 501 -0.57 44.48 32.19
C SER B 501 -0.04 43.26 31.45
N SER B 502 -0.76 42.13 31.53
CA SER B 502 -0.32 40.88 30.84
C SER B 502 -0.44 41.02 29.32
N GLU B 503 0.37 40.26 28.57
CA GLU B 503 0.36 40.30 27.08
C GLU B 503 -1.04 39.97 26.56
N ILE B 504 -1.47 40.65 25.49
CA ILE B 504 -2.84 40.41 24.94
C ILE B 504 -2.94 38.93 24.57
N CYS B 505 -4.01 38.28 25.04
CA CYS B 505 -4.30 36.82 24.84
C CYS B 505 -3.15 35.95 25.40
N SER B 506 -2.55 36.38 26.51
CA SER B 506 -1.43 35.67 27.21
C SER B 506 -0.22 35.43 26.28
N ASN B 507 0.05 36.35 25.35
CA ASN B 507 1.18 36.24 24.39
C ASN B 507 1.12 34.91 23.64
N ASN B 508 -0.07 34.47 23.20
CA ASN B 508 -0.20 33.16 22.51
C ASN B 508 -0.83 33.30 21.12
N GLY B 509 -1.23 34.52 20.72
CA GLY B 509 -1.86 34.67 19.40
C GLY B 509 -2.28 36.09 19.07
N GLU B 510 -3.00 36.26 17.96
CA GLU B 510 -3.48 37.55 17.45
C GLU B 510 -4.80 37.86 18.15
N CYS B 511 -4.98 39.10 18.61
CA CYS B 511 -6.21 39.49 19.35
C CYS B 511 -7.05 40.45 18.50
N VAL B 512 -8.34 40.12 18.32
CA VAL B 512 -9.26 40.98 17.51
C VAL B 512 -10.71 40.75 17.97
N CYS B 513 -11.60 41.65 17.56
CA CYS B 513 -13.06 41.58 17.83
C CYS B 513 -13.36 41.19 19.29
N GLY B 514 -12.60 41.72 20.26
CA GLY B 514 -12.88 41.41 21.68
C GLY B 514 -12.96 39.91 21.96
N GLN B 515 -11.98 39.16 21.49
CA GLN B 515 -11.89 37.70 21.74
C GLN B 515 -10.46 37.24 21.42
N CYS B 516 -10.13 35.95 21.58
CA CYS B 516 -8.72 35.60 21.29
C CYS B 516 -8.60 34.35 20.40
N VAL B 517 -8.00 34.52 19.22
CA VAL B 517 -7.72 33.39 18.29
C VAL B 517 -6.26 33.03 18.50
N CYS B 518 -6.00 31.86 19.10
CA CYS B 518 -4.62 31.43 19.44
C CYS B 518 -3.74 31.28 18.19
N ARG B 519 -2.45 31.58 18.34
CA ARG B 519 -1.46 31.49 17.23
C ARG B 519 -1.24 30.03 16.86
N LYS B 520 -1.02 29.75 15.56
CA LYS B 520 -0.81 28.37 15.06
C LYS B 520 0.54 27.80 15.49
N ARG B 521 0.56 26.50 15.81
CA ARG B 521 1.79 25.75 16.16
C ARG B 521 1.89 24.51 15.26
N ASP B 522 3.01 24.35 14.54
CA ASP B 522 3.20 23.19 13.62
C ASP B 522 3.28 21.86 14.39
N ASN B 523 4.08 21.81 15.47
CA ASN B 523 4.27 20.55 16.25
C ASN B 523 2.97 20.11 16.94
N THR B 524 2.19 21.03 17.51
CA THR B 524 0.92 20.62 18.16
C THR B 524 -0.27 21.19 17.37
N ASN B 525 -1.51 20.96 17.85
CA ASN B 525 -2.73 21.51 17.21
C ASN B 525 -2.50 23.02 17.07
N GLU B 526 -2.68 23.58 15.87
CA GLU B 526 -2.30 24.99 15.57
C GLU B 526 -2.90 25.94 16.62
N ILE B 527 -4.24 26.01 16.65
CA ILE B 527 -4.98 26.90 17.61
C ILE B 527 -5.23 26.17 18.94
N TYR B 528 -4.78 26.77 20.04
CA TYR B 528 -4.94 26.20 21.40
C TYR B 528 -6.37 26.44 21.93
N SER B 529 -6.75 25.69 22.96
CA SER B 529 -8.08 25.83 23.62
C SER B 529 -8.07 26.99 24.63
N GLY B 530 -9.25 27.41 25.10
CA GLY B 530 -9.36 28.49 26.10
C GLY B 530 -9.81 29.82 25.52
N LYS B 531 -10.28 30.72 26.38
CA LYS B 531 -10.78 32.07 25.99
C LYS B 531 -9.58 33.01 25.77
N PHE B 532 -8.64 33.01 26.72
CA PHE B 532 -7.42 33.86 26.69
C PHE B 532 -6.25 33.06 26.08
N CYS B 533 -6.56 31.91 25.49
CA CYS B 533 -5.58 31.01 24.79
C CYS B 533 -4.40 30.69 25.72
N GLU B 534 -4.58 30.71 27.05
CA GLU B 534 -3.47 30.50 28.02
C GLU B 534 -3.11 29.02 28.06
N CYS B 535 -4.09 28.16 27.76
CA CYS B 535 -3.82 26.70 27.71
C CYS B 535 -2.99 26.32 26.48
N ASP B 536 -2.28 25.19 26.55
CA ASP B 536 -1.42 24.73 25.42
C ASP B 536 -1.56 23.21 25.26
N ASN B 537 -1.33 22.69 24.05
CA ASN B 537 -1.50 21.23 23.77
C ASN B 537 -0.15 20.49 23.77
N PHE B 538 0.97 21.19 23.94
CA PHE B 538 2.29 20.49 23.92
C PHE B 538 3.14 20.85 25.15
N ASN B 539 2.56 21.44 26.19
CA ASN B 539 3.35 21.88 27.38
C ASN B 539 3.23 20.91 28.57
N CYS B 540 2.67 19.71 28.35
CA CYS B 540 2.47 18.74 29.47
C CYS B 540 3.77 17.97 29.80
N ASP B 541 3.74 17.19 30.88
CA ASP B 541 4.91 16.37 31.32
C ASP B 541 4.98 15.06 30.52
N ARG B 542 6.17 14.45 30.45
CA ARG B 542 6.39 13.17 29.73
C ARG B 542 6.72 12.07 30.74
N SER B 543 5.97 10.97 30.72
CA SER B 543 6.22 9.85 31.68
C SER B 543 7.59 9.20 31.44
N ASN B 544 7.93 8.89 30.19
CA ASN B 544 9.24 8.24 29.90
C ASN B 544 9.65 8.48 28.44
N GLY B 545 9.97 9.73 28.07
CA GLY B 545 10.41 10.03 26.69
C GLY B 545 9.24 10.11 25.73
N LEU B 546 8.02 9.96 26.26
CA LEU B 546 6.75 10.03 25.47
C LEU B 546 5.80 11.00 26.17
N ILE B 547 5.19 11.90 25.41
CA ILE B 547 4.24 12.92 25.96
C ILE B 547 3.01 12.20 26.55
N CYS B 548 2.72 12.47 27.83
CA CYS B 548 1.56 11.87 28.53
C CYS B 548 1.56 10.34 28.41
N GLY B 549 2.66 9.69 28.79
CA GLY B 549 2.72 8.21 28.74
C GLY B 549 2.72 7.64 27.34
N GLY B 550 2.66 8.50 26.32
CA GLY B 550 2.65 8.06 24.90
C GLY B 550 1.27 7.65 24.42
N ASN B 551 0.29 7.53 25.32
CA ASN B 551 -1.10 7.16 24.96
C ASN B 551 -2.08 8.20 25.50
N GLY B 552 -1.62 9.08 26.40
CA GLY B 552 -2.51 10.10 26.97
C GLY B 552 -2.75 11.24 26.00
N VAL B 553 -3.84 12.00 26.21
CA VAL B 553 -4.18 13.15 25.33
C VAL B 553 -3.92 14.42 26.14
N CYS B 554 -3.10 15.34 25.59
CA CYS B 554 -2.78 16.59 26.32
C CYS B 554 -3.96 17.56 26.24
N LYS B 555 -4.46 17.99 27.39
CA LYS B 555 -5.58 18.97 27.44
C LYS B 555 -5.15 20.14 28.32
N CYS B 556 -5.16 21.37 27.77
CA CYS B 556 -4.79 22.61 28.49
C CYS B 556 -3.52 22.40 29.30
N ARG B 557 -2.48 21.86 28.66
CA ARG B 557 -1.16 21.56 29.29
C ARG B 557 -1.36 20.64 30.51
N VAL B 558 -2.27 19.66 30.41
CA VAL B 558 -2.52 18.70 31.54
C VAL B 558 -2.71 17.30 30.94
N CYS B 559 -1.86 16.35 31.36
CA CYS B 559 -1.92 14.95 30.85
C CYS B 559 -3.12 14.20 31.41
N GLU B 560 -4.08 13.84 30.54
CA GLU B 560 -5.24 13.03 30.98
C GLU B 560 -4.97 11.58 30.59
N CYS B 561 -4.96 10.66 31.56
CA CYS B 561 -4.66 9.24 31.30
C CYS B 561 -5.89 8.52 30.72
N ASN B 562 -5.68 7.32 30.16
CA ASN B 562 -6.78 6.50 29.56
C ASN B 562 -7.42 5.61 30.62
N PRO B 563 -8.58 4.96 30.32
CA PRO B 563 -9.28 4.11 31.28
C PRO B 563 -8.36 3.07 31.94
N ASN B 564 -7.19 2.80 31.33
CA ASN B 564 -6.22 1.83 31.88
C ASN B 564 -5.04 2.55 32.53
N TYR B 565 -5.11 3.87 32.75
CA TYR B 565 -3.94 4.57 33.33
C TYR B 565 -4.34 5.59 34.41
N THR B 566 -3.42 5.86 35.34
CA THR B 566 -3.63 6.83 36.47
C THR B 566 -2.29 7.43 36.88
N GLY B 567 -2.24 8.75 37.09
CA GLY B 567 -0.97 9.43 37.48
C GLY B 567 -0.64 10.59 36.56
N SER B 568 0.27 11.47 37.01
CA SER B 568 0.69 12.66 36.22
C SER B 568 1.39 12.21 34.93
N ALA B 569 2.26 11.18 35.04
CA ALA B 569 3.01 10.67 33.88
C ALA B 569 2.05 10.12 32.82
N CYS B 570 1.02 9.39 33.28
CA CYS B 570 -0.09 8.76 32.50
C CYS B 570 0.33 7.47 31.80
N ASP B 571 1.57 7.02 31.98
CA ASP B 571 2.03 5.73 31.40
C ASP B 571 1.82 4.62 32.44
N CYS B 572 1.56 5.04 33.69
CA CYS B 572 1.32 4.11 34.82
C CYS B 572 0.02 3.37 34.54
N SER B 573 0.12 2.10 34.14
CA SER B 573 -1.08 1.30 33.79
C SER B 573 -1.89 0.91 35.04
N LEU B 574 -3.16 0.55 34.82
CA LEU B 574 -4.02 0.07 35.92
C LEU B 574 -3.86 -1.45 36.03
N ASP B 575 -3.11 -2.06 35.11
CA ASP B 575 -2.87 -3.54 35.10
C ASP B 575 -2.09 -3.94 36.35
N THR B 576 -2.66 -4.86 37.14
CA THR B 576 -2.05 -5.40 38.39
C THR B 576 -1.51 -6.81 38.14
N SER B 577 -1.45 -7.25 36.87
CA SER B 577 -0.98 -8.60 36.50
C SER B 577 0.47 -8.80 36.94
N THR B 578 1.33 -7.80 36.74
CA THR B 578 2.76 -7.88 37.13
C THR B 578 2.91 -8.07 38.64
N CYS B 579 2.01 -7.45 39.40
CA CYS B 579 2.03 -7.46 40.88
C CYS B 579 1.79 -8.88 41.42
N GLU B 580 0.98 -9.66 40.70
CA GLU B 580 0.61 -11.06 41.11
C GLU B 580 1.82 -11.99 41.20
N ALA B 581 1.70 -13.02 42.05
CA ALA B 581 2.78 -14.02 42.25
C ALA B 581 2.21 -15.43 42.01
N SER B 582 3.05 -16.45 42.18
CA SER B 582 2.64 -17.87 42.00
C SER B 582 1.60 -18.29 43.04
N ASN B 583 1.73 -17.74 44.26
CA ASN B 583 0.79 -18.05 45.37
C ASN B 583 -0.64 -17.72 44.91
N GLY B 584 -0.83 -16.54 44.32
CA GLY B 584 -2.17 -16.13 43.86
C GLY B 584 -2.71 -14.96 44.64
N GLN B 585 -1.89 -14.40 45.54
CA GLN B 585 -2.29 -13.20 46.33
C GLN B 585 -1.53 -12.01 45.75
N ILE B 586 -2.21 -10.89 45.51
CA ILE B 586 -1.53 -9.70 44.89
C ILE B 586 -0.39 -9.25 45.81
N CYS B 587 0.79 -9.05 45.24
CA CYS B 587 2.00 -8.61 45.98
C CYS B 587 2.28 -9.53 47.17
N ASN B 588 2.18 -10.85 46.95
CA ASN B 588 2.41 -11.89 48.01
C ASN B 588 1.48 -11.66 49.20
N GLY B 589 2.04 -11.71 50.41
CA GLY B 589 1.26 -11.56 51.66
C GLY B 589 0.75 -10.15 51.88
N ARG B 590 1.65 -9.15 51.83
CA ARG B 590 1.23 -7.75 52.10
C ARG B 590 1.93 -6.78 51.13
N GLY B 591 1.31 -5.61 50.92
CA GLY B 591 1.85 -4.58 50.00
C GLY B 591 0.74 -3.96 49.16
N ILE B 592 1.04 -2.86 48.46
CA ILE B 592 0.02 -2.18 47.60
C ILE B 592 0.55 -2.15 46.17
N CYS B 593 -0.26 -2.60 45.20
CA CYS B 593 0.16 -2.61 43.78
C CYS B 593 -0.07 -1.23 43.15
N GLU B 594 1.00 -0.44 42.97
CA GLU B 594 0.89 0.91 42.35
C GLU B 594 1.83 0.99 41.15
N CYS B 595 1.29 1.34 39.98
CA CYS B 595 2.01 1.53 38.68
C CYS B 595 2.66 0.23 38.18
N GLY B 596 2.15 -0.94 38.58
CA GLY B 596 2.70 -2.24 38.15
C GLY B 596 3.92 -2.66 38.95
N VAL B 597 4.28 -1.91 40.01
CA VAL B 597 5.45 -2.24 40.86
C VAL B 597 4.99 -2.25 42.32
N CYS B 598 4.79 -3.45 42.89
CA CYS B 598 4.32 -3.59 44.29
C CYS B 598 5.11 -2.72 45.27
N LYS B 599 4.39 -1.99 46.14
CA LYS B 599 5.04 -1.20 47.22
C LYS B 599 4.81 -2.01 48.50
N CYS B 600 5.81 -2.80 48.91
CA CYS B 600 5.72 -3.67 50.11
C CYS B 600 5.39 -2.83 51.35
N THR B 601 4.36 -3.23 52.10
CA THR B 601 3.92 -2.50 53.31
C THR B 601 4.40 -3.23 54.57
N ASP B 602 4.09 -4.53 54.66
CA ASP B 602 4.50 -5.37 55.83
C ASP B 602 6.00 -5.18 56.09
N PRO B 603 6.42 -4.93 57.35
CA PRO B 603 7.83 -4.72 57.67
C PRO B 603 8.80 -5.79 57.13
N LYS B 604 9.94 -5.31 56.61
CA LYS B 604 11.05 -6.11 56.04
C LYS B 604 10.53 -7.01 54.90
N PHE B 605 9.79 -6.41 53.96
CA PHE B 605 9.25 -7.11 52.76
C PHE B 605 9.98 -6.55 51.53
N GLN B 606 10.78 -7.39 50.86
CA GLN B 606 11.55 -6.91 49.67
C GLN B 606 11.27 -7.81 48.47
N GLY B 607 11.51 -7.27 47.27
CA GLY B 607 11.31 -7.99 45.99
C GLY B 607 10.24 -7.32 45.15
N GLN B 608 10.11 -7.73 43.87
CA GLN B 608 9.10 -7.12 42.96
C GLN B 608 7.70 -7.39 43.51
N THR B 609 7.46 -8.63 43.94
CA THR B 609 6.15 -9.03 44.52
C THR B 609 6.35 -9.23 46.03
N CYS B 610 7.49 -8.76 46.56
CA CYS B 610 7.84 -8.87 48.01
C CYS B 610 7.78 -10.35 48.44
N GLU B 611 8.33 -11.25 47.62
CA GLU B 611 8.31 -12.71 47.91
C GLU B 611 9.39 -13.08 48.93
N MET B 612 10.37 -12.19 49.12
CA MET B 612 11.46 -12.46 50.10
C MET B 612 11.25 -11.71 51.43
N CYS B 613 10.82 -12.44 52.47
CA CYS B 613 10.66 -11.89 53.84
C CYS B 613 11.29 -12.86 54.84
N GLN B 614 12.62 -12.92 54.88
CA GLN B 614 13.33 -13.85 55.81
C GLN B 614 13.01 -13.48 57.27
N THR B 615 13.00 -12.18 57.57
CA THR B 615 12.72 -11.69 58.95
C THR B 615 11.31 -12.07 59.38
N CYS B 616 10.33 -11.96 58.46
CA CYS B 616 8.89 -12.28 58.72
C CYS B 616 8.76 -13.58 59.52
N LEU B 617 7.92 -13.57 60.57
CA LEU B 617 7.75 -14.79 61.42
C LEU B 617 7.26 -15.97 60.58
N GLY B 618 7.68 -17.17 60.97
CA GLY B 618 7.32 -18.46 60.32
C GLY B 618 5.84 -18.62 60.09
N VAL B 619 5.49 -19.27 58.97
CA VAL B 619 4.07 -19.54 58.59
C VAL B 619 3.33 -20.23 59.74
N CYS B 620 3.91 -21.29 60.32
CA CYS B 620 3.17 -22.06 61.35
C CYS B 620 2.79 -21.13 62.51
N ALA B 621 3.74 -20.30 62.98
CA ALA B 621 3.48 -19.37 64.09
C ALA B 621 2.50 -18.27 63.66
N GLU B 622 2.83 -17.52 62.61
CA GLU B 622 1.98 -16.39 62.14
C GLU B 622 0.60 -16.89 61.66
N HIS B 623 0.55 -17.96 60.87
CA HIS B 623 -0.77 -18.45 60.37
C HIS B 623 -1.38 -19.45 61.36
N LYS B 624 -1.75 -18.97 62.55
CA LYS B 624 -2.40 -19.81 63.58
C LYS B 624 -3.92 -19.58 63.54
N GLU B 625 -4.38 -18.76 62.60
CA GLU B 625 -5.82 -18.40 62.47
C GLU B 625 -6.58 -19.49 61.69
N CYS B 626 -5.88 -20.39 61.00
CA CYS B 626 -6.61 -21.44 60.23
C CYS B 626 -7.48 -22.34 61.12
N VAL B 627 -7.12 -22.53 62.40
CA VAL B 627 -7.92 -23.34 63.37
C VAL B 627 -8.83 -22.41 64.19
N GLN B 628 -8.57 -21.10 64.15
CA GLN B 628 -9.30 -20.11 65.00
C GLN B 628 -10.18 -19.16 64.17
N CYS B 629 -10.09 -19.19 62.84
CA CYS B 629 -10.97 -18.30 62.03
C CYS B 629 -12.02 -19.12 61.27
N ARG B 630 -11.60 -20.14 60.52
CA ARG B 630 -12.57 -21.01 59.79
C ARG B 630 -13.49 -21.67 60.81
N ALA B 631 -12.90 -22.28 61.84
CA ALA B 631 -13.63 -22.98 62.92
C ALA B 631 -13.26 -22.35 64.28
N PHE B 632 -14.03 -22.61 65.33
CA PHE B 632 -13.71 -22.02 66.65
C PHE B 632 -13.45 -20.53 66.42
N ASN B 633 -14.38 -19.86 65.73
CA ASN B 633 -14.15 -18.44 65.37
C ASN B 633 -13.90 -17.62 66.65
N LYS B 634 -12.76 -16.93 66.66
CA LYS B 634 -12.29 -16.07 67.76
C LYS B 634 -11.17 -15.16 67.23
N GLY B 635 -10.83 -14.10 67.96
CA GLY B 635 -9.72 -13.22 67.51
C GLY B 635 -10.13 -12.10 66.58
N GLU B 636 -9.23 -11.75 65.66
CA GLU B 636 -9.42 -10.67 64.65
C GLU B 636 -10.18 -11.20 63.42
N LYS B 637 -10.69 -10.27 62.60
CA LYS B 637 -11.42 -10.49 61.31
C LYS B 637 -12.87 -10.94 61.54
N CYS B 641 -11.36 -12.65 56.42
CA CYS B 641 -10.70 -13.62 57.34
C CYS B 641 -10.19 -14.81 56.52
N THR B 642 -11.06 -15.39 55.67
CA THR B 642 -10.68 -16.55 54.84
C THR B 642 -9.95 -16.07 53.57
N GLN B 643 -9.77 -14.76 53.44
CA GLN B 643 -9.04 -14.15 52.29
C GLN B 643 -7.59 -14.63 52.28
N GLU B 644 -6.94 -14.66 53.46
CA GLU B 644 -5.52 -15.06 53.58
C GLU B 644 -5.43 -16.59 53.74
N CYS B 645 -6.12 -17.16 54.73
CA CYS B 645 -6.04 -18.62 55.01
C CYS B 645 -7.00 -19.40 54.10
N SER B 646 -6.69 -19.46 52.80
CA SER B 646 -7.53 -20.19 51.81
C SER B 646 -7.04 -21.63 51.65
N TYR B 647 -5.96 -21.99 52.35
CA TYR B 647 -5.37 -23.36 52.23
C TYR B 647 -6.38 -24.41 52.73
N PHE B 648 -6.49 -25.52 51.99
CA PHE B 648 -7.40 -26.63 52.34
C PHE B 648 -6.87 -27.38 53.57
N ASN B 649 -7.76 -27.74 54.50
CA ASN B 649 -7.36 -28.47 55.73
C ASN B 649 -7.46 -29.98 55.48
N ILE B 650 -6.44 -30.75 55.84
CA ILE B 650 -6.47 -32.23 55.61
C ILE B 650 -6.68 -32.94 56.95
N THR B 651 -7.64 -33.87 57.00
CA THR B 651 -7.98 -34.64 58.23
C THR B 651 -7.04 -35.84 58.36
N LYS B 652 -5.78 -35.59 58.73
CA LYS B 652 -4.77 -36.67 58.91
C LYS B 652 -4.44 -36.82 60.40
N VAL B 653 -4.52 -38.05 60.92
CA VAL B 653 -4.24 -38.30 62.37
C VAL B 653 -2.96 -39.13 62.49
N GLU B 654 -2.02 -38.67 63.32
CA GLU B 654 -0.73 -39.37 63.56
C GLU B 654 0.02 -39.56 62.24
N SER B 655 0.02 -38.53 61.38
CA SER B 655 0.72 -38.60 60.07
C SER B 655 2.24 -38.64 60.31
N ARG B 656 2.94 -39.56 59.63
CA ARG B 656 4.41 -39.69 59.79
C ARG B 656 5.12 -38.69 58.86
N ASP B 657 5.00 -37.40 59.17
CA ASP B 657 5.65 -36.32 58.37
C ASP B 657 6.59 -35.51 59.27
N LYS B 658 7.17 -36.16 60.28
CA LYS B 658 8.09 -35.48 61.24
C LYS B 658 9.30 -34.91 60.47
N LEU B 659 9.71 -33.69 60.81
CA LEU B 659 10.86 -33.01 60.16
C LEU B 659 12.16 -33.69 60.61
N VAL B 668 8.63 -31.29 55.00
CA VAL B 668 8.41 -29.92 55.57
C VAL B 668 8.51 -30.00 57.09
N SER B 669 8.60 -28.84 57.77
CA SER B 669 8.72 -28.79 59.25
C SER B 669 7.38 -28.51 59.93
N HIS B 670 6.97 -29.41 60.84
CA HIS B 670 5.69 -29.26 61.59
C HIS B 670 5.90 -28.27 62.75
N CYS B 671 4.79 -27.78 63.33
CA CYS B 671 4.83 -26.78 64.42
C CYS B 671 3.94 -27.24 65.59
N LYS B 672 4.20 -26.74 66.80
CA LYS B 672 3.40 -27.07 68.00
C LYS B 672 3.03 -25.79 68.76
N GLU B 673 1.78 -25.66 69.21
CA GLU B 673 1.33 -24.44 69.96
C GLU B 673 0.42 -24.85 71.13
N LYS B 674 -0.05 -23.88 71.91
CA LYS B 674 -0.93 -24.16 73.08
C LYS B 674 -2.33 -23.64 72.76
N ASP B 675 -3.36 -24.48 72.96
CA ASP B 675 -4.77 -24.10 72.67
C ASP B 675 -5.43 -23.46 73.90
N VAL B 676 -6.74 -23.22 73.83
CA VAL B 676 -7.55 -22.59 74.91
C VAL B 676 -7.47 -23.47 76.16
N ASP B 677 -7.55 -24.80 75.97
CA ASP B 677 -7.47 -25.77 77.10
C ASP B 677 -6.02 -26.18 77.30
N ASP B 678 -5.08 -25.38 76.76
CA ASP B 678 -3.63 -25.66 76.88
C ASP B 678 -3.31 -27.06 76.35
N CYS B 679 -3.88 -27.41 75.19
CA CYS B 679 -3.66 -28.75 74.57
C CYS B 679 -2.79 -28.61 73.32
N TRP B 680 -1.73 -29.42 73.24
CA TRP B 680 -0.77 -29.40 72.09
C TRP B 680 -1.53 -29.65 70.77
N PHE B 681 -1.22 -28.85 69.74
CA PHE B 681 -1.86 -28.99 68.41
C PHE B 681 -0.75 -29.21 67.37
N TYR B 682 -0.85 -30.30 66.60
CA TYR B 682 0.17 -30.63 65.56
C TYR B 682 -0.38 -30.29 64.18
N PHE B 683 0.35 -29.46 63.42
CA PHE B 683 -0.11 -29.04 62.07
C PHE B 683 1.09 -28.58 61.23
N THR B 684 0.87 -28.44 59.92
CA THR B 684 1.96 -27.99 59.00
C THR B 684 1.36 -27.56 57.65
N TYR B 685 2.19 -26.90 56.83
CA TYR B 685 1.85 -26.41 55.47
C TYR B 685 2.76 -27.17 54.50
N SER B 686 2.19 -28.00 53.64
CA SER B 686 3.00 -28.85 52.72
C SER B 686 3.41 -28.12 51.44
N VAL B 687 4.72 -27.99 51.22
CA VAL B 687 5.29 -27.39 49.97
C VAL B 687 6.36 -28.36 49.46
N ASN B 688 6.23 -28.85 48.22
CA ASN B 688 7.23 -29.80 47.67
C ASN B 688 8.08 -29.11 46.60
N GLY B 689 7.43 -28.49 45.60
CA GLY B 689 8.13 -27.80 44.51
C GLY B 689 7.61 -26.38 44.33
N ASN B 690 8.51 -25.40 44.20
CA ASN B 690 8.06 -23.99 44.01
C ASN B 690 7.13 -23.62 45.17
N ASN B 691 5.94 -23.11 44.85
CA ASN B 691 4.95 -22.73 45.90
C ASN B 691 3.84 -23.79 45.94
N GLU B 692 3.61 -24.38 47.12
CA GLU B 692 2.56 -25.42 47.31
C GLU B 692 1.77 -25.10 48.58
N VAL B 693 0.53 -25.61 48.66
CA VAL B 693 -0.35 -25.30 49.82
C VAL B 693 -1.18 -26.53 50.24
N MET B 694 -0.80 -27.16 51.36
CA MET B 694 -1.52 -28.33 51.92
C MET B 694 -1.43 -28.26 53.46
N VAL B 695 -2.57 -28.05 54.12
CA VAL B 695 -2.61 -27.94 55.62
C VAL B 695 -2.91 -29.32 56.21
N HIS B 696 -2.15 -29.73 57.23
CA HIS B 696 -2.34 -31.05 57.88
C HIS B 696 -2.49 -30.87 59.39
N VAL B 697 -3.66 -30.40 59.84
CA VAL B 697 -3.94 -30.17 61.29
C VAL B 697 -4.45 -31.49 61.89
N VAL B 698 -3.78 -31.97 62.94
CA VAL B 698 -4.19 -33.24 63.62
C VAL B 698 -5.52 -33.02 64.33
N GLU B 699 -6.55 -33.80 63.97
CA GLU B 699 -7.89 -33.68 64.60
C GLU B 699 -7.78 -34.09 66.08
N ASN B 700 -7.24 -35.29 66.34
CA ASN B 700 -7.08 -35.81 67.72
C ASN B 700 -6.38 -34.76 68.58
N PRO B 701 -7.04 -34.23 69.64
CA PRO B 701 -6.42 -33.23 70.52
C PRO B 701 -5.65 -33.90 71.67
N GLU B 702 -4.59 -33.23 72.15
CA GLU B 702 -3.76 -33.77 73.27
C GLU B 702 -3.62 -32.69 74.34
N CYS B 703 -4.00 -33.02 75.59
CA CYS B 703 -3.91 -32.06 76.71
C CYS B 703 -3.04 -32.64 77.84
C1 NAG C . -7.23 3.31 -54.67
C2 NAG C . -8.24 4.36 -54.20
C3 NAG C . -9.59 3.72 -53.92
C4 NAG C . -10.04 2.79 -55.06
C5 NAG C . -8.91 1.86 -55.49
C6 NAG C . -9.29 1.05 -56.72
C7 NAG C . -7.28 4.31 -51.98
C8 NAG C . -6.00 4.82 -51.38
N2 NAG C . -7.76 5.01 -53.01
O3 NAG C . -10.57 4.74 -53.74
O4 NAG C . -11.14 2.03 -54.56
O5 NAG C . -7.73 2.60 -55.79
O6 NAG C . -9.40 1.93 -57.85
O7 NAG C . -7.85 3.31 -51.56
C1 NAG C . -12.27 2.09 -55.47
C2 NAG C . -13.58 1.92 -54.71
C3 NAG C . -14.74 1.81 -55.69
C4 NAG C . -14.70 2.95 -56.70
C5 NAG C . -13.31 3.12 -57.32
C6 NAG C . -13.26 4.36 -58.21
C7 NAG C . -14.61 0.19 -53.35
C8 NAG C . -15.02 -1.11 -53.97
N2 NAG C . -13.52 0.75 -53.86
O3 NAG C . -15.98 1.86 -54.98
O4 NAG C . -15.62 2.66 -57.75
O5 NAG C . -12.32 3.25 -56.29
O6 NAG C . -11.99 4.42 -58.86
O7 NAG C . -15.24 0.70 -52.44
C1 BMA C . -16.59 3.72 -57.83
C2 BMA C . -16.51 4.35 -59.23
C3 BMA C . -17.57 5.42 -59.42
C4 BMA C . -18.93 4.87 -59.05
C5 BMA C . -18.90 4.29 -57.65
C6 BMA C . -20.26 3.72 -57.27
O2 BMA C . -16.69 3.33 -60.21
O3 BMA C . -17.57 5.86 -60.78
O4 BMA C . -19.91 5.91 -59.12
O5 BMA C . -17.91 3.27 -57.55
O6 BMA C . -21.25 4.75 -57.33
C1 NAG D . 19.41 9.61 -50.64
C2 NAG D . 20.14 10.95 -50.52
C3 NAG D . 19.62 12.08 -51.41
C4 NAG D . 19.24 11.50 -52.75
C5 NAG D . 18.12 10.48 -52.52
C6 NAG D . 17.48 10.05 -53.83
C7 NAG D . 21.05 10.99 -48.26
C8 NAG D . 20.73 11.23 -46.82
N2 NAG D . 20.13 11.40 -49.14
O3 NAG D . 20.66 13.05 -51.57
O4 NAG D . 18.84 12.51 -53.70
O5 NAG D . 18.69 9.36 -51.86
O6 NAG D . 16.37 9.20 -53.55
O7 NAG D . 22.09 10.46 -48.62
C1 NAG D . 17.91 13.46 -53.17
C2 NAG D . 18.46 14.85 -53.50
C3 NAG D . 17.44 15.98 -53.39
C4 NAG D . 16.17 15.60 -54.14
C5 NAG D . 15.66 14.29 -53.54
C6 NAG D . 14.32 13.89 -54.19
C7 NAG D . 20.11 16.35 -52.52
C8 NAG D . 20.92 16.85 -53.68
N2 NAG D . 19.61 15.13 -52.66
O3 NAG D . 17.97 17.18 -53.95
O4 NAG D . 15.19 16.63 -54.00
O5 NAG D . 16.61 13.25 -53.76
O6 NAG D . 13.80 12.75 -53.52
O7 NAG D . 19.92 17.03 -51.52
C1 BMA D . 14.99 17.26 -55.29
C2 BMA D . 13.95 18.37 -55.20
C3 BMA D . 13.75 19.08 -56.53
C4 BMA D . 15.10 19.51 -57.08
C5 BMA D . 16.05 18.34 -57.14
C6 BMA D . 17.41 18.77 -57.67
O2 BMA D . 14.37 19.33 -54.22
O3 BMA D . 12.91 20.22 -56.38
O4 BMA D . 14.92 20.05 -58.40
O5 BMA D . 16.22 17.75 -55.84
O6 BMA D . 17.97 19.75 -56.80
C1 MAN D . 11.61 19.96 -56.99
C2 MAN D . 10.57 21.06 -56.85
C3 MAN D . 9.77 20.89 -55.56
C4 MAN D . 9.23 19.46 -55.48
C5 MAN D . 10.34 18.45 -55.69
C6 MAN D . 9.79 17.03 -55.66
O2 MAN D . 9.68 21.02 -57.97
O3 MAN D . 8.70 21.82 -55.52
O4 MAN D . 8.62 19.26 -54.19
O5 MAN D . 10.98 18.69 -56.94
O6 MAN D . 10.85 16.11 -55.90
C1 NAG E . 1.92 -22.23 -19.19
C2 NAG E . 3.13 -23.02 -18.70
C3 NAG E . 2.74 -23.88 -17.51
C4 NAG E . 2.00 -23.06 -16.46
C5 NAG E . 0.90 -22.20 -17.07
C6 NAG E . 0.29 -21.25 -16.05
C7 NAG E . 4.41 -24.91 -19.54
C8 NAG E . 3.69 -26.22 -19.41
N2 NAG E . 3.65 -23.85 -19.78
O3 NAG E . 3.92 -24.45 -16.93
O4 NAG E . 1.41 -23.96 -15.50
O5 NAG E . 1.40 -21.42 -18.15
O6 NAG E . -0.84 -20.58 -16.63
O7 NAG E . 5.63 -24.82 -19.44
C1 NAG E . 2.16 -23.89 -14.29
C2 NAG E . 1.24 -23.88 -13.08
C3 NAG E . 2.06 -23.54 -11.85
C4 NAG E . 3.25 -24.50 -11.71
C5 NAG E . 3.98 -24.80 -13.01
C6 NAG E . 4.77 -26.11 -12.90
C7 NAG E . -0.43 -22.29 -12.28
C8 NAG E . -1.79 -22.79 -11.91
N2 NAG E . 0.16 -22.93 -13.28
O3 NAG E . 1.26 -23.66 -10.68
O4 NAG E . 4.13 -23.93 -10.73
O5 NAG E . 3.12 -24.95 -14.14
O6 NAG E . 5.63 -26.25 -14.04
O7 NAG E . 0.09 -21.36 -11.70
C1 BMA E . 5.17 -23.12 -11.33
C2 BMA E . 5.13 -21.76 -10.64
C3 BMA E . 6.43 -20.99 -10.75
C4 BMA E . 7.60 -21.89 -10.40
C5 BMA E . 7.56 -23.05 -11.37
C6 BMA E . 8.81 -23.92 -11.24
O2 BMA E . 4.83 -21.94 -9.26
O3 BMA E . 6.41 -19.90 -9.83
O4 BMA E . 8.82 -21.17 -10.55
O5 BMA E . 6.39 -23.83 -11.11
O6 BMA E . 8.75 -24.99 -12.19
C1 NAG F . 24.71 -18.04 -28.58
C2 NAG F . 25.04 -18.84 -27.31
C3 NAG F . 26.09 -19.94 -27.41
C4 NAG F . 26.00 -20.62 -28.76
C5 NAG F . 26.13 -19.54 -29.82
C6 NAG F . 26.36 -20.17 -31.19
C7 NAG F . 25.86 -18.38 -25.07
C8 NAG F . 27.32 -18.73 -25.02
N2 NAG F . 25.40 -17.93 -26.24
O3 NAG F . 25.84 -20.88 -26.36
O4 NAG F . 27.01 -21.63 -28.94
O5 NAG F . 24.95 -18.73 -29.81
O6 NAG F . 27.41 -19.46 -31.86
O7 NAG F . 25.13 -18.51 -24.10
C1 NAG F . 28.29 -21.20 -28.42
C2 NAG F . 28.81 -22.29 -27.48
C3 NAG F . 30.22 -22.00 -27.00
C4 NAG F . 31.12 -21.70 -28.18
C5 NAG F . 30.52 -20.56 -29.00
C6 NAG F . 31.41 -20.22 -30.19
C7 NAG F . 28.24 -23.10 -25.26
C8 NAG F . 28.24 -22.31 -23.99
N2 NAG F . 27.90 -22.42 -26.35
O3 NAG F . 30.73 -23.15 -26.30
O4 NAG F . 32.41 -21.31 -27.71
O5 NAG F . 29.22 -20.93 -29.48
O6 NAG F . 30.93 -19.04 -30.83
O7 NAG F . 28.51 -24.29 -25.29
C1 NAG G . 11.22 -21.71 -24.10
C2 NAG G . 11.88 -23.05 -23.80
C3 NAG G . 12.30 -23.73 -25.09
C4 NAG G . 11.08 -23.81 -25.99
C5 NAG G . 10.57 -22.41 -26.28
C6 NAG G . 9.39 -22.45 -27.24
C7 NAG G . 13.83 -23.87 -22.61
C8 NAG G . 13.40 -24.71 -21.45
N2 NAG G . 13.02 -22.86 -22.92
O3 NAG G . 12.79 -25.04 -24.81
O4 NAG G . 11.36 -24.51 -27.21
O5 NAG G . 10.18 -21.80 -25.06
O6 NAG G . 8.28 -23.12 -26.61
O7 NAG G . 14.86 -24.09 -23.23
C1 NAG G . 10.71 -25.79 -27.14
C2 NAG G . 10.71 -26.46 -28.51
C3 NAG G . 10.17 -27.88 -28.44
C4 NAG G . 10.90 -28.66 -27.36
C5 NAG G . 10.74 -27.93 -26.03
C6 NAG G . 11.43 -28.69 -24.90
C7 NAG G . 10.46 -24.81 -30.28
C8 NAG G . 11.93 -24.96 -30.52
N2 NAG G . 9.92 -25.69 -29.45
O3 NAG G . 10.36 -28.53 -29.71
O4 NAG G . 10.38 -29.98 -27.25
O5 NAG G . 11.30 -26.62 -26.14
O6 NAG G . 12.84 -28.70 -25.13
O7 NAG G . 9.81 -23.92 -30.81
C1 BMA G . 11.34 -30.92 -27.77
C2 BMA G . 10.87 -32.34 -27.50
C3 BMA G . 11.81 -33.37 -28.13
C4 BMA G . 12.02 -33.04 -29.60
C5 BMA G . 12.49 -31.61 -29.77
C6 BMA G . 12.63 -31.23 -31.23
O2 BMA G . 9.56 -32.51 -28.05
O3 BMA G . 11.23 -34.67 -28.02
O4 BMA G . 13.01 -33.93 -30.15
O5 BMA G . 11.56 -30.69 -29.16
O6 BMA G . 13.16 -32.33 -31.99
C1 MAN G . 12.43 -32.41 -33.23
C2 MAN G . 12.96 -33.56 -34.08
C3 MAN G . 14.38 -33.24 -34.50
C4 MAN G . 14.41 -31.92 -35.25
C5 MAN G . 13.79 -30.83 -34.40
C6 MAN G . 13.72 -29.51 -35.17
O2 MAN G . 12.11 -33.66 -35.24
O3 MAN G . 14.96 -34.28 -35.31
O4 MAN G . 15.76 -31.58 -35.57
O5 MAN G . 12.47 -31.20 -33.99
O6 MAN G . 12.88 -29.69 -36.33
C1 NAG G . 11.83 -35.04 -35.57
C2 NAG G . 10.40 -35.40 -35.17
C3 NAG G . 9.98 -36.76 -35.70
C4 NAG G . 10.31 -36.88 -37.17
C5 NAG G . 11.78 -36.58 -37.40
C6 NAG G . 12.14 -36.69 -38.89
C7 NAG G . 9.43 -36.17 -33.08
C8 NAG G . 10.06 -37.14 -32.12
N2 NAG G . 10.28 -35.37 -33.73
O3 NAG G . 8.57 -36.93 -35.52
O4 NAG G . 10.02 -38.20 -37.64
O5 NAG G . 12.07 -35.25 -36.95
O6 NAG G . 11.68 -37.95 -39.39
O7 NAG G . 8.23 -36.12 -33.25
C1 MAN G . 11.76 -35.32 -26.84
C2 MAN G . 13.23 -35.63 -27.03
C3 MAN G . 13.43 -36.67 -28.12
C4 MAN G . 12.55 -37.88 -27.87
C5 MAN G . 11.11 -37.44 -27.64
C6 MAN G . 10.21 -38.64 -27.35
O2 MAN G . 13.77 -36.11 -25.80
O3 MAN G . 14.80 -37.09 -28.14
O4 MAN G . 12.61 -38.77 -28.98
O5 MAN G . 11.05 -36.53 -26.55
O6 MAN G . 10.68 -39.31 -26.17
C1 NAG H . 4.86 34.63 -6.90
C2 NAG H . 3.71 33.68 -6.59
C3 NAG H . 3.03 33.24 -7.87
C4 NAG H . 2.65 34.44 -8.72
C5 NAG H . 3.84 35.38 -8.90
C6 NAG H . 3.43 36.64 -9.67
C7 NAG H . 3.53 31.40 -5.75
C8 NAG H . 3.03 31.08 -4.37
N2 NAG H . 4.22 32.53 -5.86
O3 NAG H . 1.84 32.49 -7.55
O4 NAG H . 2.23 33.98 -10.01
O5 NAG H . 4.39 35.76 -7.64
O6 NAG H . 3.03 36.27 -11.00
O7 NAG H . 3.33 30.67 -6.71
C1 NAG H . 0.80 34.13 -10.12
C2 NAG H . 0.39 33.89 -11.57
C3 NAG H . -1.12 33.93 -11.75
C4 NAG H . -1.79 33.00 -10.74
C5 NAG H . -1.32 33.36 -9.33
C6 NAG H . -1.97 32.44 -8.30
C7 NAG H . 0.65 35.06 -13.69
C8 NAG H . -0.44 36.07 -13.90
N2 NAG H . 1.03 34.88 -12.43
O3 NAG H . -1.47 33.51 -13.07
O4 NAG H . -3.21 33.15 -10.82
O5 NAG H . 0.10 33.24 -9.24
O6 NAG H . -1.42 31.13 -8.42
O7 NAG H . 1.17 34.46 -14.61
C1 NAG I . 24.54 28.27 -7.44
C2 NAG I . 25.58 29.05 -6.62
C3 NAG I . 26.79 28.24 -6.17
C4 NAG I . 26.34 26.91 -5.62
C5 NAG I . 25.69 26.15 -6.77
C6 NAG I . 25.24 24.75 -6.35
C7 NAG I . 27.22 30.74 -7.20
C8 NAG I . 27.35 31.63 -6.01
N2 NAG I . 26.02 30.19 -7.39
O3 NAG I . 27.48 28.98 -5.15
O4 NAG I . 27.44 26.17 -5.06
O5 NAG I . 24.54 26.84 -7.26
O6 NAG I . 25.93 24.34 -5.16
O7 NAG I . 28.15 30.52 -7.96
C1 NAG I . 28.52 26.05 -6.00
C2 NAG I . 29.85 26.42 -5.36
C3 NAG I . 31.01 26.27 -6.34
C4 NAG I . 30.97 24.90 -6.98
C5 NAG I . 29.60 24.65 -7.61
C6 NAG I . 29.53 23.26 -8.25
C7 NAG I . 30.88 28.47 -4.52
C8 NAG I . 30.98 28.86 -3.08
N2 NAG I . 29.78 27.78 -4.85
O3 NAG I . 32.26 26.43 -5.64
O4 NAG I . 31.98 24.82 -7.99
O5 NAG I . 28.59 24.76 -6.61
O6 NAG I . 30.62 23.12 -9.17
O7 NAG I . 31.74 28.74 -5.33
C1 NAG J . -22.99 -33.91 -54.93
C2 NAG J . -23.34 -35.35 -55.28
C3 NAG J . -24.03 -35.50 -56.63
C4 NAG J . -25.17 -34.49 -56.73
C5 NAG J . -24.59 -33.09 -56.56
C6 NAG J . -25.66 -32.03 -56.73
C7 NAG J . -21.74 -36.82 -54.18
C8 NAG J . -22.83 -37.27 -53.24
N2 NAG J . -22.15 -36.18 -55.28
O3 NAG J . -24.55 -36.82 -56.78
O4 NAG J . -25.83 -34.60 -57.99
O5 NAG J . -24.04 -32.98 -55.25
O6 NAG J . -25.06 -30.73 -56.66
O7 NAG J . -20.56 -37.02 -53.95
C1 NAG J . -27.15 -35.14 -57.76
C2 NAG J . -28.13 -34.59 -58.79
C3 NAG J . -29.52 -35.18 -58.58
C4 NAG J . -29.44 -36.70 -58.53
C5 NAG J . -28.42 -37.13 -57.47
C6 NAG J . -28.31 -38.66 -57.43
C7 NAG J . -27.54 -32.37 -59.55
C8 NAG J . -27.62 -30.89 -59.27
N2 NAG J . -28.20 -33.15 -58.71
O3 NAG J . -30.38 -34.78 -59.64
O4 NAG J . -30.73 -37.24 -58.22
O5 NAG J . -27.15 -36.58 -57.75
O6 NAG J . -27.48 -39.04 -56.33
O7 NAG J . -26.91 -32.82 -60.50
C1 NAG K . -39.28 -9.83 -21.14
C2 NAG K . -40.04 -9.56 -22.43
C3 NAG K . -40.07 -8.08 -22.78
C4 NAG K . -40.54 -7.28 -21.58
C5 NAG K . -39.69 -7.59 -20.36
C6 NAG K . -40.18 -6.82 -19.14
C7 NAG K . -39.76 -10.11 -24.79
C8 NAG K . -41.18 -10.43 -25.16
N2 NAG K . -39.42 -10.32 -23.52
O3 NAG K . -40.96 -7.86 -23.88
O4 NAG K . -40.49 -5.87 -21.86
O5 NAG K . -39.74 -8.99 -20.07
O6 NAG K . -40.26 -5.43 -19.44
O7 NAG K . -38.96 -9.68 -25.61
C1 NAG K . -39.25 -5.52 -22.49
C2 NAG K . -39.51 -4.55 -23.64
C3 NAG K . -38.20 -4.15 -24.31
C4 NAG K . -37.25 -3.59 -23.27
C5 NAG K . -37.06 -4.60 -22.15
C6 NAG K . -36.14 -4.05 -21.06
C7 NAG K . -41.70 -4.82 -24.67
C8 NAG K . -42.25 -4.55 -26.03
N2 NAG K . -40.40 -5.15 -24.62
O3 NAG K . -38.47 -3.14 -25.30
O4 NAG K . -35.99 -3.30 -23.88
O5 NAG K . -38.33 -4.94 -21.56
O6 NAG K . -34.95 -3.54 -21.66
O7 NAG K . -42.38 -4.75 -23.66
C1 NAG L . -22.83 -42.82 -33.30
C2 NAG L . -23.50 -43.84 -34.21
C3 NAG L . -23.79 -45.10 -33.41
C4 NAG L . -22.49 -45.63 -32.83
C5 NAG L . -21.85 -44.55 -31.97
C6 NAG L . -20.52 -45.02 -31.39
C7 NAG L . -24.82 -42.80 -35.97
C8 NAG L . -25.67 -43.56 -36.94
N2 NAG L . -24.74 -43.31 -34.74
O3 NAG L . -24.37 -46.10 -34.28
O4 NAG L . -22.76 -46.79 -32.02
O5 NAG L . -21.63 -43.38 -32.75
O6 NAG L . -20.75 -46.14 -30.52
O7 NAG L . -24.23 -41.78 -36.29
C1 NAG L . -22.27 -47.96 -32.70
C2 NAG L . -22.28 -49.13 -31.74
C3 NAG L . -21.72 -50.37 -32.44
C4 NAG L . -22.55 -50.63 -33.69
C5 NAG L . -22.52 -49.40 -34.59
C6 NAG L . -23.37 -49.62 -35.83
C7 NAG L . -21.04 -49.72 -29.72
C8 NAG L . -19.85 -49.30 -28.89
N2 NAG L . -21.50 -48.80 -30.56
O3 NAG L . -21.82 -51.51 -31.58
O4 NAG L . -22.01 -51.75 -34.39
O5 NAG L . -23.03 -48.26 -33.87
O6 NAG L . -23.19 -48.52 -36.73
O7 NAG L . -21.52 -50.83 -29.62
C1 NAG M . -25.08 -19.33 10.17
C2 NAG M . -26.35 -18.50 10.13
C3 NAG M . -27.07 -18.59 11.47
C4 NAG M . -27.27 -20.06 11.84
C5 NAG M . -25.97 -20.84 11.74
C6 NAG M . -26.20 -22.33 12.01
C7 NAG M . -27.04 -16.22 9.69
C8 NAG M . -27.97 -16.38 8.54
N2 NAG M . -26.07 -17.12 9.79
O3 NAG M . -28.32 -17.92 11.36
O4 NAG M . -27.77 -20.14 13.19
O5 NAG M . -25.36 -20.70 10.45
O6 NAG M . -24.94 -22.99 12.12
O7 NAG M . -27.17 -15.33 10.51
C1 NAG M . -29.16 -20.48 13.12
C2 NAG M . -29.56 -21.54 14.14
C3 NAG M . -30.98 -22.01 13.82
C4 NAG M . -31.95 -20.84 13.67
C5 NAG M . -31.37 -19.65 12.90
C6 NAG M . -32.22 -18.41 13.11
C7 NAG M . -27.68 -22.78 15.03
C8 NAG M . -27.77 -24.00 15.90
N2 NAG M . -28.64 -22.65 14.12
O3 NAG M . -31.41 -22.88 14.87
O4 NAG M . -33.09 -21.30 12.92
O5 NAG M . -30.02 -19.35 13.28
O6 NAG M . -31.68 -17.33 12.35
O7 NAG M . -26.79 -21.96 15.15
C1 BMA M . -34.17 -21.61 13.80
C2 BMA M . -35.43 -20.95 13.26
C3 BMA M . -36.67 -21.36 14.05
C4 BMA M . -36.74 -22.88 14.15
C5 BMA M . -35.44 -23.42 14.74
C6 BMA M . -35.48 -24.94 14.82
O2 BMA M . -35.62 -21.34 11.88
O3 BMA M . -37.85 -20.87 13.41
O4 BMA M . -37.84 -23.26 14.99
O5 BMA M . -34.33 -23.03 13.93
O6 BMA M . -34.21 -25.42 15.27
C1 NAG N . -27.90 -30.66 -2.32
C2 NAG N . -26.89 -31.53 -1.55
C3 NAG N . -27.31 -32.98 -1.64
C4 NAG N . -28.73 -33.12 -1.10
C5 NAG N . -29.67 -32.20 -1.87
C6 NAG N . -31.09 -32.26 -1.33
C7 NAG N . -24.56 -32.16 -1.89
C8 NAG N . -24.52 -33.40 -2.73
N2 NAG N . -25.57 -31.33 -2.13
O3 NAG N . -26.44 -33.80 -0.85
O4 NAG N . -29.16 -34.48 -1.23
O5 NAG N . -29.20 -30.85 -1.79
O6 NAG N . -31.93 -31.38 -2.10
O7 NAG N . -23.72 -31.92 -1.03
C1 NAG N . -29.66 -35.04 0.01
C2 NAG N . -28.94 -36.34 0.31
C3 NAG N . -29.58 -37.00 1.53
C4 NAG N . -29.53 -36.03 2.70
C5 NAG N . -30.23 -34.73 2.31
C6 NAG N . -30.17 -33.72 3.45
C7 NAG N . -30.15 -37.53 -1.43
C8 NAG N . -30.60 -38.96 -1.33
N2 NAG N . -29.00 -37.24 -0.82
O3 NAG N . -28.86 -38.19 1.86
O4 NAG N . -30.18 -36.61 3.83
O5 NAG N . -29.61 -34.17 1.15
O6 NAG N . -28.81 -33.33 3.65
O7 NAG N . -30.79 -36.69 -2.03
C1 NAG O . -23.27 43.77 9.10
C2 NAG O . -24.41 44.71 9.52
C3 NAG O . -24.42 46.02 8.74
C4 NAG O . -23.02 46.62 8.68
C5 NAG O . -22.07 45.59 8.10
C6 NAG O . -20.66 46.16 7.94
C7 NAG O . -26.05 43.66 8.09
C8 NAG O . -25.68 42.25 7.72
N2 NAG O . -25.68 44.05 9.30
O3 NAG O . -25.31 46.93 9.39
O4 NAG O . -23.04 47.78 7.83
O5 NAG O . -22.02 44.45 8.94
O6 NAG O . -19.82 45.19 7.31
O7 NAG O . -26.65 44.39 7.32
C1 NAG O . -22.61 48.96 8.54
C2 NAG O . -23.82 49.77 9.02
C3 NAG O . -23.40 51.02 9.76
C4 NAG O . -22.38 50.68 10.84
C5 NAG O . -21.22 49.89 10.24
C6 NAG O . -20.20 49.53 11.32
C7 NAG O . -24.18 50.63 6.79
C8 NAG O . -24.55 52.06 6.52
N2 NAG O . -24.68 50.10 7.90
O3 NAG O . -24.54 51.65 10.34
O4 NAG O . -21.89 51.89 11.42
O5 NAG O . -21.69 48.71 9.61
O6 NAG O . -20.79 48.60 12.23
O7 NAG O . -23.48 49.98 6.02
C1 BMA O . -22.18 51.88 12.84
C2 BMA O . -20.87 51.96 13.61
C3 BMA O . -21.12 52.03 15.11
C4 BMA O . -22.09 53.15 15.41
C5 BMA O . -23.36 52.96 14.61
C6 BMA O . -24.36 54.08 14.88
O2 BMA O . -20.14 53.12 13.19
O3 BMA O . -19.87 52.28 15.79
O4 BMA O . -22.40 53.16 16.81
O5 BMA O . -23.07 52.93 13.21
O6 BMA O . -25.57 53.84 14.14
C1 NAG P . -32.10 27.57 26.95
C2 NAG P . -33.58 27.26 27.12
C3 NAG P . -34.19 28.06 28.27
C4 NAG P . -33.37 27.88 29.54
C5 NAG P . -31.91 28.21 29.25
C6 NAG P . -31.03 27.99 30.47
C7 NAG P . -34.05 28.69 25.21
C8 NAG P . -34.39 28.65 23.75
N2 NAG P . -34.29 27.56 25.89
O3 NAG P . -35.53 27.62 28.49
O4 NAG P . -33.90 28.75 30.54
O5 NAG P . -31.40 27.39 28.19
O6 NAG P . -30.98 26.60 30.79
O7 NAG P . -33.60 29.68 25.75
C1 NAG P . -34.29 28.05 31.74
C2 NAG P . -34.78 26.63 31.45
C3 NAG P . -34.89 25.75 32.70
C4 NAG P . -33.72 25.96 33.65
C5 NAG P . -33.61 27.45 33.95
C6 NAG P . -32.54 27.73 35.00
C7 NAG P . -36.80 25.55 30.62
C8 NAG P . -38.18 25.76 30.07
N2 NAG P . -36.09 26.65 30.81
O3 NAG P . -34.92 24.37 32.31
O4 NAG P . -33.93 25.24 34.86
O5 NAG P . -33.30 28.15 32.75
O6 NAG P . -31.26 27.38 34.46
O7 NAG P . -36.36 24.44 30.85
C1 BMA P . -32.98 24.17 34.95
C2 BMA P . -31.90 24.53 35.96
C3 BMA P . -30.88 23.40 36.12
C4 BMA P . -31.61 22.11 36.43
C5 BMA P . -32.66 21.84 35.35
C6 BMA P . -33.41 20.55 35.66
O2 BMA P . -32.51 24.80 37.22
O3 BMA P . -29.98 23.72 37.19
O4 BMA P . -30.68 21.03 36.48
O5 BMA P . -33.59 22.92 35.28
O6 BMA P . -32.48 19.47 35.78
CA CA Q . 23.99 -12.24 -26.54
CA CA R . 18.51 -2.67 -16.74
CA CA S . 14.69 9.62 -17.87
CA CA T . 15.10 16.67 -30.28
CA CA U . 22.40 47.13 23.62
C1 NAG V . 22.83 49.00 4.96
C2 NAG V . 24.23 49.36 4.47
C3 NAG V . 24.78 50.56 5.23
C4 NAG V . 23.78 51.71 5.19
C5 NAG V . 22.42 51.24 5.68
C6 NAG V . 21.39 52.36 5.60
C7 NAG V . 25.43 47.44 3.61
C8 NAG V . 24.83 47.82 2.28
N2 NAG V . 25.13 48.24 4.63
O3 NAG V . 26.01 50.98 4.65
O4 NAG V . 24.24 52.78 6.00
O5 NAG V . 21.96 50.14 4.89
O6 NAG V . 20.16 51.93 6.22
O7 NAG V . 26.13 46.45 3.73
MG MG W . -13.39 -28.10 -37.65
CA CA X . -17.51 -35.50 -35.53
CA CA Y . -11.23 -22.30 -38.22
#